data_3D89
# 
_entry.id   3D89 
# 
_audit_conform.dict_name       mmcif_pdbx.dic 
_audit_conform.dict_version    5.387 
_audit_conform.dict_location   http://mmcif.pdb.org/dictionaries/ascii/mmcif_pdbx.dic 
# 
loop_
_database_2.database_id 
_database_2.database_code 
_database_2.pdbx_database_accession 
_database_2.pdbx_DOI 
PDB   3D89         pdb_00003d89 10.2210/pdb3d89/pdb 
RCSB  RCSB047716   ?            ?                   
WWPDB D_1000047716 ?            ?                   
# 
loop_
_pdbx_audit_revision_history.ordinal 
_pdbx_audit_revision_history.data_content_type 
_pdbx_audit_revision_history.major_revision 
_pdbx_audit_revision_history.minor_revision 
_pdbx_audit_revision_history.revision_date 
1 'Structure model' 1 0 2008-07-15 
2 'Structure model' 1 1 2011-07-13 
3 'Structure model' 1 2 2017-10-25 
4 'Structure model' 1 3 2024-02-21 
# 
_pdbx_audit_revision_details.ordinal             1 
_pdbx_audit_revision_details.revision_ordinal    1 
_pdbx_audit_revision_details.data_content_type   'Structure model' 
_pdbx_audit_revision_details.provider            repository 
_pdbx_audit_revision_details.type                'Initial release' 
_pdbx_audit_revision_details.description         ? 
_pdbx_audit_revision_details.details             ? 
# 
loop_
_pdbx_audit_revision_group.ordinal 
_pdbx_audit_revision_group.revision_ordinal 
_pdbx_audit_revision_group.data_content_type 
_pdbx_audit_revision_group.group 
1 2 'Structure model' Advisory                     
2 2 'Structure model' 'Version format compliance'  
3 3 'Structure model' 'Author supporting evidence' 
4 3 'Structure model' 'Refinement description'     
5 4 'Structure model' 'Data collection'            
6 4 'Structure model' 'Database references'        
7 4 'Structure model' 'Derived calculations'       
# 
loop_
_pdbx_audit_revision_category.ordinal 
_pdbx_audit_revision_category.revision_ordinal 
_pdbx_audit_revision_category.data_content_type 
_pdbx_audit_revision_category.category 
1 3 'Structure model' pdbx_struct_assembly_auth_evidence 
2 3 'Structure model' software                           
3 4 'Structure model' chem_comp_atom                     
4 4 'Structure model' chem_comp_bond                     
5 4 'Structure model' database_2                         
6 4 'Structure model' struct_site                        
# 
loop_
_pdbx_audit_revision_item.ordinal 
_pdbx_audit_revision_item.revision_ordinal 
_pdbx_audit_revision_item.data_content_type 
_pdbx_audit_revision_item.item 
1  3 'Structure model' '_software.classification'            
2  3 'Structure model' '_software.contact_author'            
3  3 'Structure model' '_software.contact_author_email'      
4  3 'Structure model' '_software.date'                      
5  3 'Structure model' '_software.language'                  
6  3 'Structure model' '_software.location'                  
7  3 'Structure model' '_software.name'                      
8  3 'Structure model' '_software.type'                      
9  3 'Structure model' '_software.version'                   
10 4 'Structure model' '_database_2.pdbx_DOI'                
11 4 'Structure model' '_database_2.pdbx_database_accession' 
12 4 'Structure model' '_struct_site.pdbx_auth_asym_id'      
13 4 'Structure model' '_struct_site.pdbx_auth_comp_id'      
14 4 'Structure model' '_struct_site.pdbx_auth_seq_id'       
# 
_pdbx_database_status.entry_id                        3D89 
_pdbx_database_status.deposit_site                    RCSB 
_pdbx_database_status.process_site                    RCSB 
_pdbx_database_status.recvd_initial_deposition_date   2008-05-22 
_pdbx_database_status.status_code                     REL 
_pdbx_database_status.status_code_sf                  REL 
_pdbx_database_status.status_code_mr                  ? 
_pdbx_database_status.SG_entry                        Y 
_pdbx_database_status.pdb_format_compatible           Y 
_pdbx_database_status.status_code_cs                  ? 
_pdbx_database_status.methods_development_category    ? 
_pdbx_database_status.status_code_nmr_data            ? 
# 
_pdbx_database_related.db_name        TargetDB 
_pdbx_database_related.db_id          GO.35879 
_pdbx_database_related.details        . 
_pdbx_database_related.content_type   unspecified 
# 
loop_
_audit_author.name 
_audit_author.pdbx_ordinal 
'Levin, E.J.'                                      1 
'McCoy, J.G.'                                      2 
'Elsen, N.L.'                                      3 
'Seder, K.D.'                                      4 
'Bingman, C.A.'                                    5 
'Wesenberg, G.E.'                                  6 
'Fox, B.G.'                                        7 
'Phillips Jr., G.N.'                               8 
'Center for Eukaryotic Structural Genomics (CESG)' 9 
# 
_citation.id                        primary 
_citation.title                     'X-ray structure of a soluble Rieske-type ferredoxin from Mus musculus.' 
_citation.journal_abbrev            'Acta Crystallogr.,Sect.D' 
_citation.journal_volume            64 
_citation.page_first                933 
_citation.page_last                 940 
_citation.year                      2008 
_citation.journal_id_ASTM           ABCRE6 
_citation.country                   DK 
_citation.journal_id_ISSN           0907-4449 
_citation.journal_id_CSD            0766 
_citation.book_publisher            ? 
_citation.pdbx_database_id_PubMed   18703841 
_citation.pdbx_database_id_DOI      10.1107/S0907444908021653 
# 
loop_
_citation_author.citation_id 
_citation_author.name 
_citation_author.ordinal 
_citation_author.identifier_ORCID 
primary 'Levin, E.J.'    1 ? 
primary 'Elsen, N.L.'    2 ? 
primary 'Seder, K.D.'    3 ? 
primary 'McCoy, J.G.'    4 ? 
primary 'Fox, B.G.'      5 ? 
primary 'Phillips, G.N.' 6 ? 
# 
loop_
_entity.id 
_entity.type 
_entity.src_method 
_entity.pdbx_description 
_entity.formula_weight 
_entity.pdbx_number_of_molecules 
_entity.pdbx_ec 
_entity.pdbx_mutation 
_entity.pdbx_fragment 
_entity.details 
1 polymer     man 'Rieske domain-containing protein' 17951.223 1  ? ? ? ? 
2 non-polymer syn 'FE2/S2 (INORGANIC) CLUSTER'       175.820   1  ? ? ? ? 
3 non-polymer syn 1,2-ETHANEDIOL                     62.068    1  ? ? ? ? 
4 water       nat water                              18.015    48 ? ? ? ? 
# 
_entity_poly.entity_id                      1 
_entity_poly.type                           'polypeptide(L)' 
_entity_poly.nstd_linkage                   no 
_entity_poly.nstd_monomer                   no 
_entity_poly.pdbx_seq_one_letter_code       
;SDPEISEQDEEKKKYTSVCVGREEDIRKSERMTAVVHDREVVIFYHKGEYHAMDIRCYHSGGPLHLGEIEDFNGQSCIVC
PWHKYKITLATGEGLYQSINPKDPSAKPKWCSKGVKQRIHTVKVDNGNIYVTLSKEPFKCDSDYYATGEFKVIQSSS
;
_entity_poly.pdbx_seq_one_letter_code_can   
;SDPEISEQDEEKKKYTSVCVGREEDIRKSERMTAVVHDREVVIFYHKGEYHAMDIRCYHSGGPLHLGEIEDFNGQSCIVC
PWHKYKITLATGEGLYQSINPKDPSAKPKWCSKGVKQRIHTVKVDNGNIYVTLSKEPFKCDSDYYATGEFKVIQSSS
;
_entity_poly.pdbx_strand_id                 A 
_entity_poly.pdbx_target_identifier         GO.35879 
# 
loop_
_pdbx_entity_nonpoly.entity_id 
_pdbx_entity_nonpoly.name 
_pdbx_entity_nonpoly.comp_id 
2 'FE2/S2 (INORGANIC) CLUSTER' FES 
3 1,2-ETHANEDIOL               EDO 
4 water                        HOH 
# 
loop_
_entity_poly_seq.entity_id 
_entity_poly_seq.num 
_entity_poly_seq.mon_id 
_entity_poly_seq.hetero 
1 1   SER n 
1 2   ASP n 
1 3   PRO n 
1 4   GLU n 
1 5   ILE n 
1 6   SER n 
1 7   GLU n 
1 8   GLN n 
1 9   ASP n 
1 10  GLU n 
1 11  GLU n 
1 12  LYS n 
1 13  LYS n 
1 14  LYS n 
1 15  TYR n 
1 16  THR n 
1 17  SER n 
1 18  VAL n 
1 19  CYS n 
1 20  VAL n 
1 21  GLY n 
1 22  ARG n 
1 23  GLU n 
1 24  GLU n 
1 25  ASP n 
1 26  ILE n 
1 27  ARG n 
1 28  LYS n 
1 29  SER n 
1 30  GLU n 
1 31  ARG n 
1 32  MET n 
1 33  THR n 
1 34  ALA n 
1 35  VAL n 
1 36  VAL n 
1 37  HIS n 
1 38  ASP n 
1 39  ARG n 
1 40  GLU n 
1 41  VAL n 
1 42  VAL n 
1 43  ILE n 
1 44  PHE n 
1 45  TYR n 
1 46  HIS n 
1 47  LYS n 
1 48  GLY n 
1 49  GLU n 
1 50  TYR n 
1 51  HIS n 
1 52  ALA n 
1 53  MET n 
1 54  ASP n 
1 55  ILE n 
1 56  ARG n 
1 57  CYS n 
1 58  TYR n 
1 59  HIS n 
1 60  SER n 
1 61  GLY n 
1 62  GLY n 
1 63  PRO n 
1 64  LEU n 
1 65  HIS n 
1 66  LEU n 
1 67  GLY n 
1 68  GLU n 
1 69  ILE n 
1 70  GLU n 
1 71  ASP n 
1 72  PHE n 
1 73  ASN n 
1 74  GLY n 
1 75  GLN n 
1 76  SER n 
1 77  CYS n 
1 78  ILE n 
1 79  VAL n 
1 80  CYS n 
1 81  PRO n 
1 82  TRP n 
1 83  HIS n 
1 84  LYS n 
1 85  TYR n 
1 86  LYS n 
1 87  ILE n 
1 88  THR n 
1 89  LEU n 
1 90  ALA n 
1 91  THR n 
1 92  GLY n 
1 93  GLU n 
1 94  GLY n 
1 95  LEU n 
1 96  TYR n 
1 97  GLN n 
1 98  SER n 
1 99  ILE n 
1 100 ASN n 
1 101 PRO n 
1 102 LYS n 
1 103 ASP n 
1 104 PRO n 
1 105 SER n 
1 106 ALA n 
1 107 LYS n 
1 108 PRO n 
1 109 LYS n 
1 110 TRP n 
1 111 CYS n 
1 112 SER n 
1 113 LYS n 
1 114 GLY n 
1 115 VAL n 
1 116 LYS n 
1 117 GLN n 
1 118 ARG n 
1 119 ILE n 
1 120 HIS n 
1 121 THR n 
1 122 VAL n 
1 123 LYS n 
1 124 VAL n 
1 125 ASP n 
1 126 ASN n 
1 127 GLY n 
1 128 ASN n 
1 129 ILE n 
1 130 TYR n 
1 131 VAL n 
1 132 THR n 
1 133 LEU n 
1 134 SER n 
1 135 LYS n 
1 136 GLU n 
1 137 PRO n 
1 138 PHE n 
1 139 LYS n 
1 140 CYS n 
1 141 ASP n 
1 142 SER n 
1 143 ASP n 
1 144 TYR n 
1 145 TYR n 
1 146 ALA n 
1 147 THR n 
1 148 GLY n 
1 149 GLU n 
1 150 PHE n 
1 151 LYS n 
1 152 VAL n 
1 153 ILE n 
1 154 GLN n 
1 155 SER n 
1 156 SER n 
1 157 SER n 
# 
_entity_src_gen.entity_id                          1 
_entity_src_gen.pdbx_src_id                        1 
_entity_src_gen.pdbx_alt_source_flag               sample 
_entity_src_gen.pdbx_seq_type                      ? 
_entity_src_gen.pdbx_beg_seq_num                   ? 
_entity_src_gen.pdbx_end_seq_num                   ? 
_entity_src_gen.gene_src_common_name               mouse 
_entity_src_gen.gene_src_genus                     ? 
_entity_src_gen.pdbx_gene_src_gene                 Rfesd 
_entity_src_gen.gene_src_species                   ? 
_entity_src_gen.gene_src_strain                    ? 
_entity_src_gen.gene_src_tissue                    ? 
_entity_src_gen.gene_src_tissue_fraction           ? 
_entity_src_gen.gene_src_details                   ? 
_entity_src_gen.pdbx_gene_src_fragment             ? 
_entity_src_gen.pdbx_gene_src_scientific_name      'Mus musculus' 
_entity_src_gen.pdbx_gene_src_ncbi_taxonomy_id     10090 
_entity_src_gen.pdbx_gene_src_variant              ? 
_entity_src_gen.pdbx_gene_src_cell_line            ? 
_entity_src_gen.pdbx_gene_src_atcc                 ? 
_entity_src_gen.pdbx_gene_src_organ                ? 
_entity_src_gen.pdbx_gene_src_organelle            ? 
_entity_src_gen.pdbx_gene_src_cell                 ? 
_entity_src_gen.pdbx_gene_src_cellular_location    ? 
_entity_src_gen.host_org_common_name               ? 
_entity_src_gen.pdbx_host_org_scientific_name      'Escherichia coli' 
_entity_src_gen.pdbx_host_org_ncbi_taxonomy_id     ? 
_entity_src_gen.host_org_genus                     ? 
_entity_src_gen.pdbx_host_org_gene                 ? 
_entity_src_gen.pdbx_host_org_organ                ? 
_entity_src_gen.host_org_species                   ? 
_entity_src_gen.pdbx_host_org_tissue               ? 
_entity_src_gen.pdbx_host_org_tissue_fraction      ? 
_entity_src_gen.pdbx_host_org_strain               BL21 
_entity_src_gen.pdbx_host_org_variant              ? 
_entity_src_gen.pdbx_host_org_cell_line            ? 
_entity_src_gen.pdbx_host_org_atcc                 ? 
_entity_src_gen.pdbx_host_org_culture_collection   ? 
_entity_src_gen.pdbx_host_org_cell                 ? 
_entity_src_gen.pdbx_host_org_organelle            ? 
_entity_src_gen.pdbx_host_org_cellular_location    ? 
_entity_src_gen.pdbx_host_org_vector_type          plasmid 
_entity_src_gen.pdbx_host_org_vector               ? 
_entity_src_gen.host_org_details                   ? 
_entity_src_gen.expression_system_id               ? 
_entity_src_gen.plasmid_name                       'PVP 16' 
_entity_src_gen.plasmid_details                    ? 
_entity_src_gen.pdbx_description                   ? 
# 
loop_
_chem_comp.id 
_chem_comp.type 
_chem_comp.mon_nstd_flag 
_chem_comp.name 
_chem_comp.pdbx_synonyms 
_chem_comp.formula 
_chem_comp.formula_weight 
ALA 'L-peptide linking' y ALANINE                      ?                 'C3 H7 N O2'     89.093  
ARG 'L-peptide linking' y ARGININE                     ?                 'C6 H15 N4 O2 1' 175.209 
ASN 'L-peptide linking' y ASPARAGINE                   ?                 'C4 H8 N2 O3'    132.118 
ASP 'L-peptide linking' y 'ASPARTIC ACID'              ?                 'C4 H7 N O4'     133.103 
CYS 'L-peptide linking' y CYSTEINE                     ?                 'C3 H7 N O2 S'   121.158 
EDO non-polymer         . 1,2-ETHANEDIOL               'ETHYLENE GLYCOL' 'C2 H6 O2'       62.068  
FES non-polymer         . 'FE2/S2 (INORGANIC) CLUSTER' ?                 'Fe2 S2'         175.820 
GLN 'L-peptide linking' y GLUTAMINE                    ?                 'C5 H10 N2 O3'   146.144 
GLU 'L-peptide linking' y 'GLUTAMIC ACID'              ?                 'C5 H9 N O4'     147.129 
GLY 'peptide linking'   y GLYCINE                      ?                 'C2 H5 N O2'     75.067  
HIS 'L-peptide linking' y HISTIDINE                    ?                 'C6 H10 N3 O2 1' 156.162 
HOH non-polymer         . WATER                        ?                 'H2 O'           18.015  
ILE 'L-peptide linking' y ISOLEUCINE                   ?                 'C6 H13 N O2'    131.173 
LEU 'L-peptide linking' y LEUCINE                      ?                 'C6 H13 N O2'    131.173 
LYS 'L-peptide linking' y LYSINE                       ?                 'C6 H15 N2 O2 1' 147.195 
MET 'L-peptide linking' y METHIONINE                   ?                 'C5 H11 N O2 S'  149.211 
PHE 'L-peptide linking' y PHENYLALANINE                ?                 'C9 H11 N O2'    165.189 
PRO 'L-peptide linking' y PROLINE                      ?                 'C5 H9 N O2'     115.130 
SER 'L-peptide linking' y SERINE                       ?                 'C3 H7 N O3'     105.093 
THR 'L-peptide linking' y THREONINE                    ?                 'C4 H9 N O3'     119.119 
TRP 'L-peptide linking' y TRYPTOPHAN                   ?                 'C11 H12 N2 O2'  204.225 
TYR 'L-peptide linking' y TYROSINE                     ?                 'C9 H11 N O3'    181.189 
VAL 'L-peptide linking' y VALINE                       ?                 'C5 H11 N O2'    117.146 
# 
loop_
_pdbx_poly_seq_scheme.asym_id 
_pdbx_poly_seq_scheme.entity_id 
_pdbx_poly_seq_scheme.seq_id 
_pdbx_poly_seq_scheme.mon_id 
_pdbx_poly_seq_scheme.ndb_seq_num 
_pdbx_poly_seq_scheme.pdb_seq_num 
_pdbx_poly_seq_scheme.auth_seq_num 
_pdbx_poly_seq_scheme.pdb_mon_id 
_pdbx_poly_seq_scheme.auth_mon_id 
_pdbx_poly_seq_scheme.pdb_strand_id 
_pdbx_poly_seq_scheme.pdb_ins_code 
_pdbx_poly_seq_scheme.hetero 
A 1 1   SER 1   1   ?   ?   ?   A . n 
A 1 2   ASP 2   2   ?   ?   ?   A . n 
A 1 3   PRO 3   3   ?   ?   ?   A . n 
A 1 4   GLU 4   4   ?   ?   ?   A . n 
A 1 5   ILE 5   5   ?   ?   ?   A . n 
A 1 6   SER 6   6   ?   ?   ?   A . n 
A 1 7   GLU 7   7   ?   ?   ?   A . n 
A 1 8   GLN 8   8   ?   ?   ?   A . n 
A 1 9   ASP 9   9   ?   ?   ?   A . n 
A 1 10  GLU 10  10  ?   ?   ?   A . n 
A 1 11  GLU 11  11  ?   ?   ?   A . n 
A 1 12  LYS 12  12  ?   ?   ?   A . n 
A 1 13  LYS 13  13  ?   ?   ?   A . n 
A 1 14  LYS 14  14  14  LYS LYS A . n 
A 1 15  TYR 15  15  15  TYR TYR A . n 
A 1 16  THR 16  16  16  THR THR A . n 
A 1 17  SER 17  17  17  SER SER A . n 
A 1 18  VAL 18  18  18  VAL VAL A . n 
A 1 19  CYS 19  19  19  CYS CYS A . n 
A 1 20  VAL 20  20  20  VAL VAL A . n 
A 1 21  GLY 21  21  21  GLY GLY A . n 
A 1 22  ARG 22  22  22  ARG ARG A . n 
A 1 23  GLU 23  23  23  GLU GLU A . n 
A 1 24  GLU 24  24  24  GLU GLU A . n 
A 1 25  ASP 25  25  25  ASP ASP A . n 
A 1 26  ILE 26  26  26  ILE ILE A . n 
A 1 27  ARG 27  27  27  ARG ARG A . n 
A 1 28  LYS 28  28  28  LYS LYS A . n 
A 1 29  SER 29  29  29  SER SER A . n 
A 1 30  GLU 30  30  30  GLU GLU A . n 
A 1 31  ARG 31  31  31  ARG ARG A . n 
A 1 32  MET 32  32  32  MET MET A . n 
A 1 33  THR 33  33  33  THR THR A . n 
A 1 34  ALA 34  34  34  ALA ALA A . n 
A 1 35  VAL 35  35  35  VAL VAL A . n 
A 1 36  VAL 36  36  36  VAL VAL A . n 
A 1 37  HIS 37  37  37  HIS HIS A . n 
A 1 38  ASP 38  38  38  ASP ASP A . n 
A 1 39  ARG 39  39  39  ARG ARG A . n 
A 1 40  GLU 40  40  40  GLU GLU A . n 
A 1 41  VAL 41  41  41  VAL VAL A . n 
A 1 42  VAL 42  42  42  VAL VAL A . n 
A 1 43  ILE 43  43  43  ILE ILE A . n 
A 1 44  PHE 44  44  44  PHE PHE A . n 
A 1 45  TYR 45  45  45  TYR TYR A . n 
A 1 46  HIS 46  46  46  HIS HIS A . n 
A 1 47  LYS 47  47  47  LYS LYS A . n 
A 1 48  GLY 48  48  48  GLY GLY A . n 
A 1 49  GLU 49  49  49  GLU GLU A . n 
A 1 50  TYR 50  50  50  TYR TYR A . n 
A 1 51  HIS 51  51  51  HIS HIS A . n 
A 1 52  ALA 52  52  52  ALA ALA A . n 
A 1 53  MET 53  53  53  MET MET A . n 
A 1 54  ASP 54  54  54  ASP ASP A . n 
A 1 55  ILE 55  55  55  ILE ILE A . n 
A 1 56  ARG 56  56  56  ARG ARG A . n 
A 1 57  CYS 57  57  57  CYS CYS A . n 
A 1 58  TYR 58  58  58  TYR TYR A . n 
A 1 59  HIS 59  59  59  HIS HIS A . n 
A 1 60  SER 60  60  60  SER SER A . n 
A 1 61  GLY 61  61  61  GLY GLY A . n 
A 1 62  GLY 62  62  62  GLY GLY A . n 
A 1 63  PRO 63  63  63  PRO PRO A . n 
A 1 64  LEU 64  64  64  LEU LEU A . n 
A 1 65  HIS 65  65  65  HIS HIS A . n 
A 1 66  LEU 66  66  66  LEU LEU A . n 
A 1 67  GLY 67  67  67  GLY GLY A . n 
A 1 68  GLU 68  68  68  GLU GLU A . n 
A 1 69  ILE 69  69  69  ILE ILE A . n 
A 1 70  GLU 70  70  70  GLU GLU A . n 
A 1 71  ASP 71  71  71  ASP ASP A . n 
A 1 72  PHE 72  72  72  PHE PHE A . n 
A 1 73  ASN 73  73  73  ASN ASN A . n 
A 1 74  GLY 74  74  74  GLY GLY A . n 
A 1 75  GLN 75  75  75  GLN GLN A . n 
A 1 76  SER 76  76  76  SER SER A . n 
A 1 77  CYS 77  77  77  CYS CYS A . n 
A 1 78  ILE 78  78  78  ILE ILE A . n 
A 1 79  VAL 79  79  79  VAL VAL A . n 
A 1 80  CYS 80  80  80  CYS CYS A . n 
A 1 81  PRO 81  81  81  PRO PRO A . n 
A 1 82  TRP 82  82  82  TRP TRP A . n 
A 1 83  HIS 83  83  83  HIS HIS A . n 
A 1 84  LYS 84  84  84  LYS LYS A . n 
A 1 85  TYR 85  85  85  TYR TYR A . n 
A 1 86  LYS 86  86  86  LYS LYS A . n 
A 1 87  ILE 87  87  87  ILE ILE A . n 
A 1 88  THR 88  88  88  THR THR A . n 
A 1 89  LEU 89  89  89  LEU LEU A . n 
A 1 90  ALA 90  90  90  ALA ALA A . n 
A 1 91  THR 91  91  91  THR THR A . n 
A 1 92  GLY 92  92  92  GLY GLY A . n 
A 1 93  GLU 93  93  93  GLU GLU A . n 
A 1 94  GLY 94  94  94  GLY GLY A . n 
A 1 95  LEU 95  95  95  LEU LEU A . n 
A 1 96  TYR 96  96  96  TYR TYR A . n 
A 1 97  GLN 97  97  97  GLN GLN A . n 
A 1 98  SER 98  98  98  SER SER A . n 
A 1 99  ILE 99  99  99  ILE ILE A . n 
A 1 100 ASN 100 100 100 ASN ASN A . n 
A 1 101 PRO 101 101 101 PRO PRO A . n 
A 1 102 LYS 102 102 ?   ?   ?   A . n 
A 1 103 ASP 103 103 ?   ?   ?   A . n 
A 1 104 PRO 104 104 ?   ?   ?   A . n 
A 1 105 SER 105 105 ?   ?   ?   A . n 
A 1 106 ALA 106 106 ?   ?   ?   A . n 
A 1 107 LYS 107 107 107 LYS LYS A . n 
A 1 108 PRO 108 108 108 PRO PRO A . n 
A 1 109 LYS 109 109 109 LYS LYS A . n 
A 1 110 TRP 110 110 110 TRP TRP A . n 
A 1 111 CYS 111 111 111 CYS CYS A . n 
A 1 112 SER 112 112 112 SER SER A . n 
A 1 113 LYS 113 113 113 LYS LYS A . n 
A 1 114 GLY 114 114 114 GLY GLY A . n 
A 1 115 VAL 115 115 115 VAL VAL A . n 
A 1 116 LYS 116 116 116 LYS LYS A . n 
A 1 117 GLN 117 117 117 GLN GLN A . n 
A 1 118 ARG 118 118 118 ARG ARG A . n 
A 1 119 ILE 119 119 119 ILE ILE A . n 
A 1 120 HIS 120 120 120 HIS HIS A . n 
A 1 121 THR 121 121 121 THR THR A . n 
A 1 122 VAL 122 122 122 VAL VAL A . n 
A 1 123 LYS 123 123 123 LYS LYS A . n 
A 1 124 VAL 124 124 124 VAL VAL A . n 
A 1 125 ASP 125 125 125 ASP ASP A . n 
A 1 126 ASN 126 126 126 ASN ASN A . n 
A 1 127 GLY 127 127 127 GLY GLY A . n 
A 1 128 ASN 128 128 128 ASN ASN A . n 
A 1 129 ILE 129 129 129 ILE ILE A . n 
A 1 130 TYR 130 130 130 TYR TYR A . n 
A 1 131 VAL 131 131 131 VAL VAL A . n 
A 1 132 THR 132 132 132 THR THR A . n 
A 1 133 LEU 133 133 133 LEU LEU A . n 
A 1 134 SER 134 134 134 SER SER A . n 
A 1 135 LYS 135 135 135 LYS LYS A . n 
A 1 136 GLU 136 136 136 GLU GLU A . n 
A 1 137 PRO 137 137 137 PRO PRO A . n 
A 1 138 PHE 138 138 138 PHE PHE A . n 
A 1 139 LYS 139 139 139 LYS LYS A . n 
A 1 140 CYS 140 140 140 CYS CYS A . n 
A 1 141 ASP 141 141 141 ASP ASP A . n 
A 1 142 SER 142 142 142 SER SER A . n 
A 1 143 ASP 143 143 143 ASP ASP A . n 
A 1 144 TYR 144 144 144 TYR TYR A . n 
A 1 145 TYR 145 145 145 TYR TYR A . n 
A 1 146 ALA 146 146 146 ALA ALA A . n 
A 1 147 THR 147 147 147 THR THR A . n 
A 1 148 GLY 148 148 148 GLY GLY A . n 
A 1 149 GLU 149 149 149 GLU GLU A . n 
A 1 150 PHE 150 150 150 PHE PHE A . n 
A 1 151 LYS 151 151 151 LYS LYS A . n 
A 1 152 VAL 152 152 152 VAL VAL A . n 
A 1 153 ILE 153 153 153 ILE ILE A . n 
A 1 154 GLN 154 154 154 GLN GLN A . n 
A 1 155 SER 155 155 ?   ?   ?   A . n 
A 1 156 SER 156 156 ?   ?   ?   A . n 
A 1 157 SER 157 157 ?   ?   ?   A . n 
# 
loop_
_pdbx_nonpoly_scheme.asym_id 
_pdbx_nonpoly_scheme.entity_id 
_pdbx_nonpoly_scheme.mon_id 
_pdbx_nonpoly_scheme.ndb_seq_num 
_pdbx_nonpoly_scheme.pdb_seq_num 
_pdbx_nonpoly_scheme.auth_seq_num 
_pdbx_nonpoly_scheme.pdb_mon_id 
_pdbx_nonpoly_scheme.auth_mon_id 
_pdbx_nonpoly_scheme.pdb_strand_id 
_pdbx_nonpoly_scheme.pdb_ins_code 
B 2 FES 1  201 201 FES FES A . 
C 3 EDO 1  202 2   EDO EDO A . 
D 4 HOH 1  203 3   HOH HOH A . 
D 4 HOH 2  204 4   HOH HOH A . 
D 4 HOH 3  205 5   HOH HOH A . 
D 4 HOH 4  206 6   HOH HOH A . 
D 4 HOH 5  207 7   HOH HOH A . 
D 4 HOH 6  208 8   HOH HOH A . 
D 4 HOH 7  209 10  HOH HOH A . 
D 4 HOH 8  210 11  HOH HOH A . 
D 4 HOH 9  211 12  HOH HOH A . 
D 4 HOH 10 212 13  HOH HOH A . 
D 4 HOH 11 213 14  HOH HOH A . 
D 4 HOH 12 214 15  HOH HOH A . 
D 4 HOH 13 215 16  HOH HOH A . 
D 4 HOH 14 216 17  HOH HOH A . 
D 4 HOH 15 217 18  HOH HOH A . 
D 4 HOH 16 218 20  HOH HOH A . 
D 4 HOH 17 219 21  HOH HOH A . 
D 4 HOH 18 220 22  HOH HOH A . 
D 4 HOH 19 221 23  HOH HOH A . 
D 4 HOH 20 222 25  HOH HOH A . 
D 4 HOH 21 223 26  HOH HOH A . 
D 4 HOH 22 224 27  HOH HOH A . 
D 4 HOH 23 225 30  HOH HOH A . 
D 4 HOH 24 226 31  HOH HOH A . 
D 4 HOH 25 227 32  HOH HOH A . 
D 4 HOH 26 228 36  HOH HOH A . 
D 4 HOH 27 229 37  HOH HOH A . 
D 4 HOH 28 230 38  HOH HOH A . 
D 4 HOH 29 231 39  HOH HOH A . 
D 4 HOH 30 232 40  HOH HOH A . 
D 4 HOH 31 233 42  HOH HOH A . 
D 4 HOH 32 234 43  HOH HOH A . 
D 4 HOH 33 235 44  HOH HOH A . 
D 4 HOH 34 236 45  HOH HOH A . 
D 4 HOH 35 237 47  HOH HOH A . 
D 4 HOH 36 238 48  HOH HOH A . 
D 4 HOH 37 239 49  HOH HOH A . 
D 4 HOH 38 240 50  HOH HOH A . 
D 4 HOH 39 241 51  HOH HOH A . 
D 4 HOH 40 242 52  HOH HOH A . 
D 4 HOH 41 243 53  HOH HOH A . 
D 4 HOH 42 244 54  HOH HOH A . 
D 4 HOH 43 245 55  HOH HOH A . 
D 4 HOH 44 246 56  HOH HOH A . 
D 4 HOH 45 247 57  HOH HOH A . 
D 4 HOH 46 248 58  HOH HOH A . 
D 4 HOH 47 249 59  HOH HOH A . 
D 4 HOH 48 250 60  HOH HOH A . 
# 
loop_
_software.name 
_software.version 
_software.date 
_software.type 
_software.contact_author 
_software.contact_author_email 
_software.classification 
_software.location 
_software.language 
_software.citation_id 
_software.pdbx_ordinal 
DENZO       .        ?              package 'Zbyszek Otwinowski' zbyszek@mix.swmed.edu           'data reduction'  
http://www.lnls.br/infra/linhasluz/denzo-hkl.htm ?          ? 1 
SCALEPACK   .        ?              package 'Zbyszek Otwinowski' zbyszek@mix.swmed.edu           'data scaling'    
http://www.lnls.br/infra/linhasluz/denzo-hkl.htm ?          ? 2 
SHARP       .        ?              package 'de La Fortelle'     sharp-develop@globalphasing.com phasing           
http://babinet.globalphasing.com/sharp/          ?          ? 3 
DM          5.0      ?              program 'K. Cowtan'          ccp4@dl.ac.uk                   phasing           
http://www.ccp4.ac.uk/main.html                  Fortran_77 ? 4 
REFMAC      5.2.0005 ?              program 'Murshudov, G.N.'    ccp4@dl.ac.uk                   refinement        
http://www.ccp4.ac.uk/main.html                  Fortran_77 ? 5 
PDB_EXTRACT 3.000    'July 2, 2007' package PDB                  sw-help@rcsb.rutgers.edu        'data extraction' 
http://pdb.rutgers.edu/software/                 C++        ? 6 
# 
_cell.entry_id           3D89 
_cell.length_a           52.413 
_cell.length_b           52.413 
_cell.length_c           108.808 
_cell.angle_alpha        90.000 
_cell.angle_beta         90.000 
_cell.angle_gamma        90.000 
_cell.pdbx_unique_axis   ? 
_cell.Z_PDB              8 
_cell.length_a_esd       ? 
_cell.length_b_esd       ? 
_cell.length_c_esd       ? 
_cell.angle_alpha_esd    ? 
_cell.angle_beta_esd     ? 
_cell.angle_gamma_esd    ? 
# 
_symmetry.entry_id                         3D89 
_symmetry.space_group_name_H-M             'P 43 21 2' 
_symmetry.Int_Tables_number                96 
_symmetry.pdbx_full_space_group_name_H-M   ? 
_symmetry.cell_setting                     ? 
_symmetry.space_group_name_Hall            ? 
# 
_exptl.crystals_number   2 
_exptl.entry_id          3D89 
_exptl.method            'X-RAY DIFFRACTION' 
# 
_exptl_crystal.id                    1 
_exptl_crystal.density_percent_sol   40.5 
_exptl_crystal.density_Matthews      2.1 
_exptl_crystal.density_meas          ? 
_exptl_crystal.description           ? 
_exptl_crystal.F_000                 ? 
_exptl_crystal.preparation           ? 
# 
_exptl_crystal_grow.crystal_id      1 
_exptl_crystal_grow.method          'VAPOR DIFFUSION, HANGING DROP' 
_exptl_crystal_grow.pH              6.0 
_exptl_crystal_grow.temp            293 
_exptl_crystal_grow.pdbx_details    
;Protein Solution (~15 mg/ml native protein, 
 0.025 M NaCl, 0.005 M MOPS pH 7.0) mixed in a 1:1 ratio with Well Solution 
( 25% MEPEG 5K, 0.12 M Trisodium citrate, 0.10 M MES ph 6.0) 
Cryoprotected with 15% ethylene glycol; 
Mercury derivative crystal soaked overnight in 
in mother liquor containing 0.002 M thimersol, vapor diffusion, hanging drop, temperature 293K, VAPOR DIFFUSION, HANGING DROP
;
_exptl_crystal_grow.temp_details    ? 
_exptl_crystal_grow.pdbx_pH_range   . 
# 
loop_
_diffrn.id 
_diffrn.ambient_temp 
_diffrn.ambient_temp_details 
_diffrn.crystal_id 
1 100 ? 1 
2 100 ? 1 
# 
loop_
_diffrn_detector.diffrn_id 
_diffrn_detector.detector 
_diffrn_detector.type 
_diffrn_detector.pdbx_collection_date 
_diffrn_detector.details 
1 CCD 'MARMOSAIC 300 mm CCD' 2007-07-06 'Adjustable focus K-B pair Si plus Pt, Rh coatings' 
2 CCD 'MARMOSAIC 225 mm CCD' 2007-06-11 'Rosenbaum-Rock vertical focusing mirror'           
# 
loop_
_diffrn_radiation.diffrn_id 
_diffrn_radiation.pdbx_diffrn_protocol 
_diffrn_radiation.monochromator 
_diffrn_radiation.wavelength_id 
_diffrn_radiation.pdbx_monochromatic_or_laue_m_l 
_diffrn_radiation.pdbx_scattering_type 
1 'SINGLE WAVELENGTH' 'Double crystal cryo-cooled Si(111)'                                                                   1 M 
x-ray 
2 'SINGLE WAVELENGTH' 'Rosenbaum-Rock monochromator high-resolution double-crystal Si (111) sagittal focusing, water cooled' 1 M 
x-ray 
# 
loop_
_diffrn_radiation_wavelength.id 
_diffrn_radiation_wavelength.wavelength 
_diffrn_radiation_wavelength.wt 
1 0.96419 1.0 
2 1.000   1.0 
# 
loop_
_diffrn_source.diffrn_id 
_diffrn_source.source 
_diffrn_source.type 
_diffrn_source.pdbx_wavelength_list 
_diffrn_source.pdbx_wavelength 
_diffrn_source.pdbx_synchrotron_site 
_diffrn_source.pdbx_synchrotron_beamline 
1 SYNCHROTRON 'APS BEAMLINE 23-ID-B' 0.96419 ? APS 23-ID-B 
2 SYNCHROTRON 'APS BEAMLINE 22-BM'   1.000   ? APS 22-BM   
# 
_reflns.entry_id                     3D89 
_reflns.d_resolution_high            2.070 
_reflns.d_resolution_low             50.000 
_reflns.number_obs                   9806 
_reflns.pdbx_Rmerge_I_obs            0.057 
_reflns.pdbx_netI_over_sigmaI        18.354 
_reflns.pdbx_chi_squared             0.907 
_reflns.pdbx_redundancy              12.700 
_reflns.percent_possible_obs         99.400 
_reflns.observed_criterion_sigma_F   ? 
_reflns.observed_criterion_sigma_I   ? 
_reflns.number_all                   ? 
_reflns.pdbx_Rsym_value              ? 
_reflns.B_iso_Wilson_estimate        ? 
_reflns.R_free_details               ? 
_reflns.limit_h_max                  ? 
_reflns.limit_h_min                  ? 
_reflns.limit_k_max                  ? 
_reflns.limit_k_min                  ? 
_reflns.limit_l_max                  ? 
_reflns.limit_l_min                  ? 
_reflns.observed_criterion_F_max     ? 
_reflns.observed_criterion_F_min     ? 
_reflns.pdbx_scaling_rejects         ? 
_reflns.pdbx_ordinal                 1 
_reflns.pdbx_diffrn_id               1,2 
# 
loop_
_reflns_shell.d_res_high 
_reflns_shell.d_res_low 
_reflns_shell.number_measured_obs 
_reflns_shell.number_measured_all 
_reflns_shell.number_unique_obs 
_reflns_shell.Rmerge_I_obs 
_reflns_shell.meanI_over_sigI_obs 
_reflns_shell.pdbx_Rsym_value 
_reflns_shell.pdbx_chi_squared 
_reflns_shell.pdbx_redundancy 
_reflns_shell.percent_possible_obs 
_reflns_shell.number_unique_all 
_reflns_shell.percent_possible_all 
_reflns_shell.pdbx_ordinal 
_reflns_shell.pdbx_diffrn_id 
2.07 2.14  ? ? ? 0.621 1.845 ? 0.766 7.10  ? 900  95.50  1  1,2 
2.14 2.23  ? ? ? 0.528 ?     ? 0.870 10.20 ? 962  99.90  2  1,2 
2.23 2.33  ? ? ? 0.430 ?     ? 0.694 12.90 ? 959  100.00 3  1,2 
2.33 2.45  ? ? ? 0.293 ?     ? 0.960 14.00 ? 960  100.00 4  1,2 
2.45 2.61  ? ? ? 0.223 ?     ? 0.944 14.20 ? 969  100.00 5  1,2 
2.61 2.81  ? ? ? 0.142 ?     ? 0.873 14.20 ? 978  100.00 6  1,2 
2.81 3.09  ? ? ? 0.093 ?     ? 0.974 14.10 ? 984  100.00 7  1,2 
3.09 3.54  ? ? ? 0.062 ?     ? 1.018 14.00 ? 988  100.00 8  1,2 
3.54 4.46  ? ? ? 0.053 ?     ? 0.990 13.60 ? 1007 100.00 9  1,2 
4.46 50.00 ? ? ? 0.038 ?     ? 0.869 12.30 ? 1099 98.70  10 1,2 
# 
_refine.entry_id                                 3D89 
_refine.ls_d_res_high                            2.071 
_refine.ls_d_res_low                             37.75 
_refine.pdbx_ls_sigma_F                          0.00 
_refine.ls_percent_reflns_obs                    99.399 
_refine.ls_number_reflns_obs                     9754 
_refine.pdbx_ls_cross_valid_method               THROUGHOUT 
_refine.pdbx_R_Free_selection_details            RANDOM 
_refine.details                                  'HYDROGENS HAVE BEEN ADDED IN THE RIDING POSITIONS' 
_refine.ls_R_factor_obs                          0.200 
_refine.ls_R_factor_R_work                       0.199 
_refine.ls_wR_factor_R_work                      0.218 
_refine.ls_R_factor_R_free                       0.228 
_refine.ls_wR_factor_R_free                      0.245 
_refine.ls_percent_reflns_R_free                 4.839 
_refine.ls_number_reflns_R_free                  472 
_refine.B_iso_mean                               46.027 
_refine.aniso_B[1][1]                            0.148 
_refine.aniso_B[2][2]                            0.148 
_refine.aniso_B[3][3]                            -0.295 
_refine.aniso_B[1][2]                            0.000 
_refine.aniso_B[1][3]                            0.000 
_refine.aniso_B[2][3]                            0.000 
_refine.correlation_coeff_Fo_to_Fc               0.959 
_refine.correlation_coeff_Fo_to_Fc_free          0.945 
_refine.pdbx_overall_ESU_R                       0.213 
_refine.pdbx_overall_ESU_R_Free                  0.171 
_refine.overall_SU_ML                            0.124 
_refine.overall_SU_B                             7.655 
_refine.solvent_model_details                    'MASK BULK SOLVENT' 
_refine.pdbx_solvent_vdw_probe_radii             1.200 
_refine.pdbx_solvent_ion_probe_radii             0.800 
_refine.pdbx_solvent_shrinkage_radii             0.800 
_refine.pdbx_method_to_determine_struct          SAD 
_refine.pdbx_stereochemistry_target_values       'MAXIMUM LIKELIHOOD' 
_refine.pdbx_ls_sigma_I                          ? 
_refine.ls_number_reflns_all                     ? 
_refine.ls_R_factor_all                          ? 
_refine.ls_redundancy_reflns_obs                 ? 
_refine.pdbx_data_cutoff_high_absF               ? 
_refine.pdbx_data_cutoff_low_absF                ? 
_refine.ls_number_parameters                     ? 
_refine.ls_number_restraints                     ? 
_refine.ls_R_factor_R_free_error                 ? 
_refine.ls_R_factor_R_free_error_details         ? 
_refine.pdbx_starting_model                      ? 
_refine.pdbx_stereochem_target_val_spec_case     ? 
_refine.solvent_model_param_bsol                 ? 
_refine.solvent_model_param_ksol                 ? 
_refine.occupancy_max                            ? 
_refine.occupancy_min                            ? 
_refine.pdbx_isotropic_thermal_model             ? 
_refine.B_iso_min                                ? 
_refine.B_iso_max                                ? 
_refine.overall_SU_R_Cruickshank_DPI             ? 
_refine.overall_SU_R_free                        ? 
_refine.pdbx_data_cutoff_high_rms_absF           ? 
_refine.overall_FOM_free_R_set                   ? 
_refine.overall_FOM_work_R_set                   ? 
_refine.pdbx_overall_phase_error                 ? 
_refine.pdbx_refine_id                           'X-RAY DIFFRACTION' 
_refine.pdbx_TLS_residual_ADP_flag               'LIKELY RESIDUAL' 
_refine.pdbx_diffrn_id                           1 
_refine.pdbx_overall_SU_R_free_Cruickshank_DPI   ? 
_refine.pdbx_overall_SU_R_Blow_DPI               ? 
_refine.pdbx_overall_SU_R_free_Blow_DPI          ? 
# 
_refine_hist.pdbx_refine_id                   'X-RAY DIFFRACTION' 
_refine_hist.cycle_id                         LAST 
_refine_hist.pdbx_number_atoms_protein        1099 
_refine_hist.pdbx_number_atoms_nucleic_acid   0 
_refine_hist.pdbx_number_atoms_ligand         8 
_refine_hist.number_atoms_solvent             48 
_refine_hist.number_atoms_total               1155 
_refine_hist.d_res_high                       2.071 
_refine_hist.d_res_low                        37.75 
# 
loop_
_refine_ls_restr.type 
_refine_ls_restr.number 
_refine_ls_restr.dev_ideal 
_refine_ls_restr.dev_ideal_target 
_refine_ls_restr.weight 
_refine_ls_restr.pdbx_refine_id 
_refine_ls_restr.pdbx_restraint_function 
r_bond_refined_d         1159 0.019  0.022  ? 'X-RAY DIFFRACTION' ? 
r_angle_refined_deg      1563 1.848  1.944  ? 'X-RAY DIFFRACTION' ? 
r_dihedral_angle_1_deg   140  6.528  5.000  ? 'X-RAY DIFFRACTION' ? 
r_dihedral_angle_2_deg   56   35.566 23.571 ? 'X-RAY DIFFRACTION' ? 
r_dihedral_angle_3_deg   206  15.863 15.000 ? 'X-RAY DIFFRACTION' ? 
r_dihedral_angle_4_deg   7    14.000 15.000 ? 'X-RAY DIFFRACTION' ? 
r_chiral_restr           162  0.109  0.200  ? 'X-RAY DIFFRACTION' ? 
r_gen_planes_refined     881  0.008  0.020  ? 'X-RAY DIFFRACTION' ? 
r_nbd_refined            453  0.215  0.200  ? 'X-RAY DIFFRACTION' ? 
r_nbtor_refined          757  0.306  0.200  ? 'X-RAY DIFFRACTION' ? 
r_xyhbond_nbd_refined    60   0.128  0.200  ? 'X-RAY DIFFRACTION' ? 
r_symmetry_vdw_refined   36   0.235  0.200  ? 'X-RAY DIFFRACTION' ? 
r_symmetry_hbond_refined 6    0.168  0.200  ? 'X-RAY DIFFRACTION' ? 
r_mcbond_it              706  1.018  1.500  ? 'X-RAY DIFFRACTION' ? 
r_mcangle_it             1114 1.486  2.000  ? 'X-RAY DIFFRACTION' ? 
r_scbond_it              523  2.169  3.000  ? 'X-RAY DIFFRACTION' ? 
r_scangle_it             445  3.120  4.500  ? 'X-RAY DIFFRACTION' ? 
# 
_refine_ls_shell.pdbx_total_number_of_bins_used   20 
_refine_ls_shell.d_res_low                        2.125 
_refine_ls_shell.d_res_high                       2.071 
_refine_ls_shell.number_reflns_all                707 
_refine_ls_shell.percent_reflns_obs               94.342 
_refine_ls_shell.number_reflns_R_work             643 
_refine_ls_shell.R_factor_R_work                  0.295 
_refine_ls_shell.number_reflns_R_free             24 
_refine_ls_shell.R_factor_R_free                  0.378 
_refine_ls_shell.number_reflns_obs                ? 
_refine_ls_shell.R_factor_R_free_error            ? 
_refine_ls_shell.percent_reflns_R_free            ? 
_refine_ls_shell.redundancy_reflns_obs            ? 
_refine_ls_shell.R_factor_all                     ? 
_refine_ls_shell.pdbx_refine_id                   'X-RAY DIFFRACTION' 
# 
_struct.entry_id                  3D89 
_struct.title                     'Crystal Structure of a Soluble Rieske Ferredoxin from Mus musculus' 
_struct.pdbx_model_details        ? 
_struct.pdbx_CASP_flag            Y 
_struct.pdbx_model_type_details   ? 
# 
_struct_keywords.entry_id        3D89 
_struct_keywords.text            
;CASP Target, Rieske ferredoxin, [2Fe-2S] cluster, Protein Structure Initiative, PSI, Center for Eukaryotic Structural Genomics, CESG, Iron, Iron-sulfur, Metal-binding, ELECTRON TRANSPORT
;
_struct_keywords.pdbx_keywords   'ELECTRON TRANSPORT' 
# 
loop_
_struct_asym.id 
_struct_asym.pdbx_blank_PDB_chainid_flag 
_struct_asym.pdbx_modified 
_struct_asym.entity_id 
_struct_asym.details 
A N N 1 ? 
B N N 2 ? 
C N N 3 ? 
D N N 4 ? 
# 
_struct_ref.id                         1 
_struct_ref.db_name                    UNP 
_struct_ref.db_code                    RFESD_MOUSE 
_struct_ref.pdbx_db_accession          Q8K2P6 
_struct_ref.entity_id                  1 
_struct_ref.pdbx_seq_one_letter_code   
;DPEISEQDEEKKKYTSVCVGREEDIRKSERMTAVVHDREVVIFYHKGEYHAMDIRCYHSGGPLHLGEIEDFNGQSCIVCP
WHKYKITLATGEGLYQSINPKDPSAKPKWCSKGVKQRIHTVKVDNGNIYVTLSKEPFKCDSDYYATGEFKVIQSSS
;
_struct_ref.pdbx_align_begin           2 
_struct_ref.pdbx_db_isoform            ? 
# 
_struct_ref_seq.align_id                      1 
_struct_ref_seq.ref_id                        1 
_struct_ref_seq.pdbx_PDB_id_code              3D89 
_struct_ref_seq.pdbx_strand_id                A 
_struct_ref_seq.seq_align_beg                 2 
_struct_ref_seq.pdbx_seq_align_beg_ins_code   ? 
_struct_ref_seq.seq_align_end                 157 
_struct_ref_seq.pdbx_seq_align_end_ins_code   ? 
_struct_ref_seq.pdbx_db_accession             Q8K2P6 
_struct_ref_seq.db_align_beg                  2 
_struct_ref_seq.pdbx_db_align_beg_ins_code    ? 
_struct_ref_seq.db_align_end                  157 
_struct_ref_seq.pdbx_db_align_end_ins_code    ? 
_struct_ref_seq.pdbx_auth_seq_align_beg       2 
_struct_ref_seq.pdbx_auth_seq_align_end       157 
# 
_struct_ref_seq_dif.align_id                     1 
_struct_ref_seq_dif.pdbx_pdb_id_code             3D89 
_struct_ref_seq_dif.mon_id                       SER 
_struct_ref_seq_dif.pdbx_pdb_strand_id           A 
_struct_ref_seq_dif.seq_num                      1 
_struct_ref_seq_dif.pdbx_pdb_ins_code            ? 
_struct_ref_seq_dif.pdbx_seq_db_name             UNP 
_struct_ref_seq_dif.pdbx_seq_db_accession_code   Q8K2P6 
_struct_ref_seq_dif.db_mon_id                    ? 
_struct_ref_seq_dif.pdbx_seq_db_seq_num          ? 
_struct_ref_seq_dif.details                      'expression tag' 
_struct_ref_seq_dif.pdbx_auth_seq_num            1 
_struct_ref_seq_dif.pdbx_ordinal                 1 
# 
_pdbx_struct_assembly.id                   1 
_pdbx_struct_assembly.details              author_defined_assembly 
_pdbx_struct_assembly.method_details       ? 
_pdbx_struct_assembly.oligomeric_details   monomeric 
_pdbx_struct_assembly.oligomeric_count     1 
# 
_pdbx_struct_assembly_gen.assembly_id       1 
_pdbx_struct_assembly_gen.oper_expression   1 
_pdbx_struct_assembly_gen.asym_id_list      A,B,C,D 
# 
_pdbx_struct_assembly_auth_evidence.id                     1 
_pdbx_struct_assembly_auth_evidence.assembly_id            1 
_pdbx_struct_assembly_auth_evidence.experimental_support   'gel filtration' 
_pdbx_struct_assembly_auth_evidence.details                ? 
# 
_pdbx_struct_oper_list.id                   1 
_pdbx_struct_oper_list.type                 'identity operation' 
_pdbx_struct_oper_list.name                 1_555 
_pdbx_struct_oper_list.symmetry_operation   x,y,z 
_pdbx_struct_oper_list.matrix[1][1]         1.0000000000 
_pdbx_struct_oper_list.matrix[1][2]         0.0000000000 
_pdbx_struct_oper_list.matrix[1][3]         0.0000000000 
_pdbx_struct_oper_list.vector[1]            0.0000000000 
_pdbx_struct_oper_list.matrix[2][1]         0.0000000000 
_pdbx_struct_oper_list.matrix[2][2]         1.0000000000 
_pdbx_struct_oper_list.matrix[2][3]         0.0000000000 
_pdbx_struct_oper_list.vector[2]            0.0000000000 
_pdbx_struct_oper_list.matrix[3][1]         0.0000000000 
_pdbx_struct_oper_list.matrix[3][2]         0.0000000000 
_pdbx_struct_oper_list.matrix[3][3]         1.0000000000 
_pdbx_struct_oper_list.vector[3]            0.0000000000 
# 
_struct_biol.id        1 
_struct_biol.details   
;authors state that Gel-filtration data has shown that in solution the protein is a monomer and the PISA calculated asymmetric dimer is elieved to be an artifact of the lattice packing.
;
# 
loop_
_struct_conf.conf_type_id 
_struct_conf.id 
_struct_conf.pdbx_PDB_helix_id 
_struct_conf.beg_label_comp_id 
_struct_conf.beg_label_asym_id 
_struct_conf.beg_label_seq_id 
_struct_conf.pdbx_beg_PDB_ins_code 
_struct_conf.end_label_comp_id 
_struct_conf.end_label_asym_id 
_struct_conf.end_label_seq_id 
_struct_conf.pdbx_end_PDB_ins_code 
_struct_conf.beg_auth_comp_id 
_struct_conf.beg_auth_asym_id 
_struct_conf.beg_auth_seq_id 
_struct_conf.end_auth_comp_id 
_struct_conf.end_auth_asym_id 
_struct_conf.end_auth_seq_id 
_struct_conf.pdbx_PDB_helix_class 
_struct_conf.details 
_struct_conf.pdbx_PDB_helix_length 
HELX_P HELX_P1 1 GLU A 23  ? GLU A 30  ? GLU A 23  GLU A 30  1 ? 8 
HELX_P HELX_P2 2 PRO A 63  ? GLY A 67  ? PRO A 63  GLY A 67  5 ? 5 
HELX_P HELX_P3 3 CYS A 140 ? ALA A 146 ? CYS A 140 ALA A 146 5 ? 7 
# 
_struct_conf_type.id          HELX_P 
_struct_conf_type.criteria    ? 
_struct_conf_type.reference   ? 
# 
loop_
_struct_conn.id 
_struct_conn.conn_type_id 
_struct_conn.pdbx_leaving_atom_flag 
_struct_conn.pdbx_PDB_id 
_struct_conn.ptnr1_label_asym_id 
_struct_conn.ptnr1_label_comp_id 
_struct_conn.ptnr1_label_seq_id 
_struct_conn.ptnr1_label_atom_id 
_struct_conn.pdbx_ptnr1_label_alt_id 
_struct_conn.pdbx_ptnr1_PDB_ins_code 
_struct_conn.pdbx_ptnr1_standard_comp_id 
_struct_conn.ptnr1_symmetry 
_struct_conn.ptnr2_label_asym_id 
_struct_conn.ptnr2_label_comp_id 
_struct_conn.ptnr2_label_seq_id 
_struct_conn.ptnr2_label_atom_id 
_struct_conn.pdbx_ptnr2_label_alt_id 
_struct_conn.pdbx_ptnr2_PDB_ins_code 
_struct_conn.ptnr1_auth_asym_id 
_struct_conn.ptnr1_auth_comp_id 
_struct_conn.ptnr1_auth_seq_id 
_struct_conn.ptnr2_auth_asym_id 
_struct_conn.ptnr2_auth_comp_id 
_struct_conn.ptnr2_auth_seq_id 
_struct_conn.ptnr2_symmetry 
_struct_conn.pdbx_ptnr3_label_atom_id 
_struct_conn.pdbx_ptnr3_label_seq_id 
_struct_conn.pdbx_ptnr3_label_comp_id 
_struct_conn.pdbx_ptnr3_label_asym_id 
_struct_conn.pdbx_ptnr3_label_alt_id 
_struct_conn.pdbx_ptnr3_PDB_ins_code 
_struct_conn.details 
_struct_conn.pdbx_dist_value 
_struct_conn.pdbx_value_order 
_struct_conn.pdbx_role 
metalc1 metalc ? ? A CYS 57 SG  ? ? ? 1_555 B FES . FE2 ? ? A CYS 57 A FES 201 1_555 ? ? ? ? ? ? ? 2.371 ? ? 
metalc2 metalc ? ? A HIS 59 ND1 ? ? ? 1_555 B FES . FE1 ? ? A HIS 59 A FES 201 1_555 ? ? ? ? ? ? ? 2.099 ? ? 
metalc3 metalc ? ? A CYS 80 SG  ? ? ? 1_555 B FES . FE2 ? ? A CYS 80 A FES 201 1_555 ? ? ? ? ? ? ? 2.318 ? ? 
metalc4 metalc ? ? A HIS 83 ND1 ? ? ? 1_555 B FES . FE1 ? ? A HIS 83 A FES 201 1_555 ? ? ? ? ? ? ? 2.199 ? ? 
# 
_struct_conn_type.id          metalc 
_struct_conn_type.criteria    ? 
_struct_conn_type.reference   ? 
# 
loop_
_pdbx_struct_conn_angle.id 
_pdbx_struct_conn_angle.ptnr1_label_atom_id 
_pdbx_struct_conn_angle.ptnr1_label_alt_id 
_pdbx_struct_conn_angle.ptnr1_label_asym_id 
_pdbx_struct_conn_angle.ptnr1_label_comp_id 
_pdbx_struct_conn_angle.ptnr1_label_seq_id 
_pdbx_struct_conn_angle.ptnr1_auth_atom_id 
_pdbx_struct_conn_angle.ptnr1_auth_asym_id 
_pdbx_struct_conn_angle.ptnr1_auth_comp_id 
_pdbx_struct_conn_angle.ptnr1_auth_seq_id 
_pdbx_struct_conn_angle.ptnr1_PDB_ins_code 
_pdbx_struct_conn_angle.ptnr1_symmetry 
_pdbx_struct_conn_angle.ptnr2_label_atom_id 
_pdbx_struct_conn_angle.ptnr2_label_alt_id 
_pdbx_struct_conn_angle.ptnr2_label_asym_id 
_pdbx_struct_conn_angle.ptnr2_label_comp_id 
_pdbx_struct_conn_angle.ptnr2_label_seq_id 
_pdbx_struct_conn_angle.ptnr2_auth_atom_id 
_pdbx_struct_conn_angle.ptnr2_auth_asym_id 
_pdbx_struct_conn_angle.ptnr2_auth_comp_id 
_pdbx_struct_conn_angle.ptnr2_auth_seq_id 
_pdbx_struct_conn_angle.ptnr2_PDB_ins_code 
_pdbx_struct_conn_angle.ptnr2_symmetry 
_pdbx_struct_conn_angle.ptnr3_label_atom_id 
_pdbx_struct_conn_angle.ptnr3_label_alt_id 
_pdbx_struct_conn_angle.ptnr3_label_asym_id 
_pdbx_struct_conn_angle.ptnr3_label_comp_id 
_pdbx_struct_conn_angle.ptnr3_label_seq_id 
_pdbx_struct_conn_angle.ptnr3_auth_atom_id 
_pdbx_struct_conn_angle.ptnr3_auth_asym_id 
_pdbx_struct_conn_angle.ptnr3_auth_comp_id 
_pdbx_struct_conn_angle.ptnr3_auth_seq_id 
_pdbx_struct_conn_angle.ptnr3_PDB_ins_code 
_pdbx_struct_conn_angle.ptnr3_symmetry 
_pdbx_struct_conn_angle.value 
_pdbx_struct_conn_angle.value_esd 
1  SG  ? A CYS 57 ? A CYS 57  ? 1_555 FE2 ? B FES . ? A FES 201 ? 1_555 S1  ? B FES .  ? A FES 201 ? 1_555 107.7 ? 
2  SG  ? A CYS 57 ? A CYS 57  ? 1_555 FE2 ? B FES . ? A FES 201 ? 1_555 S2  ? B FES .  ? A FES 201 ? 1_555 113.5 ? 
3  S1  ? B FES .  ? A FES 201 ? 1_555 FE2 ? B FES . ? A FES 201 ? 1_555 S2  ? B FES .  ? A FES 201 ? 1_555 102.8 ? 
4  SG  ? A CYS 57 ? A CYS 57  ? 1_555 FE2 ? B FES . ? A FES 201 ? 1_555 SG  ? A CYS 80 ? A CYS 80  ? 1_555 108.0 ? 
5  S1  ? B FES .  ? A FES 201 ? 1_555 FE2 ? B FES . ? A FES 201 ? 1_555 SG  ? A CYS 80 ? A CYS 80  ? 1_555 113.9 ? 
6  S2  ? B FES .  ? A FES 201 ? 1_555 FE2 ? B FES . ? A FES 201 ? 1_555 SG  ? A CYS 80 ? A CYS 80  ? 1_555 110.9 ? 
7  ND1 ? A HIS 59 ? A HIS 59  ? 1_555 FE1 ? B FES . ? A FES 201 ? 1_555 S1  ? B FES .  ? A FES 201 ? 1_555 120.1 ? 
8  ND1 ? A HIS 59 ? A HIS 59  ? 1_555 FE1 ? B FES . ? A FES 201 ? 1_555 S2  ? B FES .  ? A FES 201 ? 1_555 108.5 ? 
9  S1  ? B FES .  ? A FES 201 ? 1_555 FE1 ? B FES . ? A FES 201 ? 1_555 S2  ? B FES .  ? A FES 201 ? 1_555 103.0 ? 
10 ND1 ? A HIS 59 ? A HIS 59  ? 1_555 FE1 ? B FES . ? A FES 201 ? 1_555 ND1 ? A HIS 83 ? A HIS 83  ? 1_555 95.9  ? 
11 S1  ? B FES .  ? A FES 201 ? 1_555 FE1 ? B FES . ? A FES 201 ? 1_555 ND1 ? A HIS 83 ? A HIS 83  ? 1_555 112.4 ? 
12 S2  ? B FES .  ? A FES 201 ? 1_555 FE1 ? B FES . ? A FES 201 ? 1_555 ND1 ? A HIS 83 ? A HIS 83  ? 1_555 117.9 ? 
# 
_struct_mon_prot_cis.pdbx_id                1 
_struct_mon_prot_cis.label_comp_id          GLU 
_struct_mon_prot_cis.label_seq_id           136 
_struct_mon_prot_cis.label_asym_id          A 
_struct_mon_prot_cis.label_alt_id           . 
_struct_mon_prot_cis.pdbx_PDB_ins_code      ? 
_struct_mon_prot_cis.auth_comp_id           GLU 
_struct_mon_prot_cis.auth_seq_id            136 
_struct_mon_prot_cis.auth_asym_id           A 
_struct_mon_prot_cis.pdbx_label_comp_id_2   PRO 
_struct_mon_prot_cis.pdbx_label_seq_id_2    137 
_struct_mon_prot_cis.pdbx_label_asym_id_2   A 
_struct_mon_prot_cis.pdbx_PDB_ins_code_2    ? 
_struct_mon_prot_cis.pdbx_auth_comp_id_2    PRO 
_struct_mon_prot_cis.pdbx_auth_seq_id_2     137 
_struct_mon_prot_cis.pdbx_auth_asym_id_2    A 
_struct_mon_prot_cis.pdbx_PDB_model_num     1 
_struct_mon_prot_cis.pdbx_omega_angle       -7.51 
# 
loop_
_struct_sheet.id 
_struct_sheet.type 
_struct_sheet.number_strands 
_struct_sheet.details 
A ? 6 ? 
B ? 5 ? 
# 
loop_
_struct_sheet_order.sheet_id 
_struct_sheet_order.range_id_1 
_struct_sheet_order.range_id_2 
_struct_sheet_order.offset 
_struct_sheet_order.sense 
A 1 2 ? anti-parallel 
A 2 3 ? anti-parallel 
A 3 4 ? anti-parallel 
A 4 5 ? anti-parallel 
A 5 6 ? anti-parallel 
B 1 2 ? anti-parallel 
B 2 3 ? anti-parallel 
B 3 4 ? anti-parallel 
B 4 5 ? anti-parallel 
# 
loop_
_struct_sheet_range.sheet_id 
_struct_sheet_range.id 
_struct_sheet_range.beg_label_comp_id 
_struct_sheet_range.beg_label_asym_id 
_struct_sheet_range.beg_label_seq_id 
_struct_sheet_range.pdbx_beg_PDB_ins_code 
_struct_sheet_range.end_label_comp_id 
_struct_sheet_range.end_label_asym_id 
_struct_sheet_range.end_label_seq_id 
_struct_sheet_range.pdbx_end_PDB_ins_code 
_struct_sheet_range.beg_auth_comp_id 
_struct_sheet_range.beg_auth_asym_id 
_struct_sheet_range.beg_auth_seq_id 
_struct_sheet_range.end_auth_comp_id 
_struct_sheet_range.end_auth_asym_id 
_struct_sheet_range.end_auth_seq_id 
A 1 VAL A 18  ? ARG A 22  ? VAL A 18  ARG A 22  
A 2 ASN A 128 ? THR A 132 ? ASN A 128 THR A 132 
A 3 ILE A 119 ? ASP A 125 ? ILE A 119 ASP A 125 
A 4 GLU A 49  ? ASP A 54  ? GLU A 49  ASP A 54  
A 5 ARG A 39  ? HIS A 46  ? ARG A 39  HIS A 46  
A 6 ARG A 31  ? VAL A 36  ? ARG A 31  VAL A 36  
B 1 GLU A 68  ? PHE A 72  ? GLU A 68  PHE A 72  
B 2 GLN A 75  ? VAL A 79  ? GLN A 75  VAL A 79  
B 3 LYS A 86  ? THR A 88  ? LYS A 86  THR A 88  
B 4 GLU A 93  ? SER A 98  ? GLU A 93  SER A 98  
B 5 LYS A 109 ? VAL A 115 ? LYS A 109 VAL A 115 
# 
loop_
_pdbx_struct_sheet_hbond.sheet_id 
_pdbx_struct_sheet_hbond.range_id_1 
_pdbx_struct_sheet_hbond.range_id_2 
_pdbx_struct_sheet_hbond.range_1_label_atom_id 
_pdbx_struct_sheet_hbond.range_1_label_comp_id 
_pdbx_struct_sheet_hbond.range_1_label_asym_id 
_pdbx_struct_sheet_hbond.range_1_label_seq_id 
_pdbx_struct_sheet_hbond.range_1_PDB_ins_code 
_pdbx_struct_sheet_hbond.range_1_auth_atom_id 
_pdbx_struct_sheet_hbond.range_1_auth_comp_id 
_pdbx_struct_sheet_hbond.range_1_auth_asym_id 
_pdbx_struct_sheet_hbond.range_1_auth_seq_id 
_pdbx_struct_sheet_hbond.range_2_label_atom_id 
_pdbx_struct_sheet_hbond.range_2_label_comp_id 
_pdbx_struct_sheet_hbond.range_2_label_asym_id 
_pdbx_struct_sheet_hbond.range_2_label_seq_id 
_pdbx_struct_sheet_hbond.range_2_PDB_ins_code 
_pdbx_struct_sheet_hbond.range_2_auth_atom_id 
_pdbx_struct_sheet_hbond.range_2_auth_comp_id 
_pdbx_struct_sheet_hbond.range_2_auth_asym_id 
_pdbx_struct_sheet_hbond.range_2_auth_seq_id 
A 1 2 N GLY A 21  ? N GLY A 21  O ILE A 129 ? O ILE A 129 
A 2 3 O TYR A 130 ? O TYR A 130 N LYS A 123 ? N LYS A 123 
A 3 4 O HIS A 120 ? O HIS A 120 N ALA A 52  ? N ALA A 52  
A 4 5 O HIS A 51  ? O HIS A 51  N PHE A 44  ? N PHE A 44  
A 5 6 O ARG A 39  ? O ARG A 39  N VAL A 36  ? N VAL A 36  
B 1 2 N PHE A 72  ? N PHE A 72  O GLN A 75  ? O GLN A 75  
B 2 3 N ILE A 78  ? N ILE A 78  O ILE A 87  ? O ILE A 87  
B 3 4 N LYS A 86  ? N LYS A 86  O LEU A 95  ? O LEU A 95  
B 4 5 N TYR A 96  ? N TYR A 96  O CYS A 111 ? O CYS A 111 
# 
loop_
_struct_site.id 
_struct_site.pdbx_evidence_code 
_struct_site.pdbx_auth_asym_id 
_struct_site.pdbx_auth_comp_id 
_struct_site.pdbx_auth_seq_id 
_struct_site.pdbx_auth_ins_code 
_struct_site.pdbx_num_residues 
_struct_site.details 
AC1 Software A FES 201 ? 7 'BINDING SITE FOR RESIDUE FES A 201' 
AC2 Software A EDO 202 ? 3 'BINDING SITE FOR RESIDUE EDO A 202' 
# 
loop_
_struct_site_gen.id 
_struct_site_gen.site_id 
_struct_site_gen.pdbx_num_res 
_struct_site_gen.label_comp_id 
_struct_site_gen.label_asym_id 
_struct_site_gen.label_seq_id 
_struct_site_gen.pdbx_auth_ins_code 
_struct_site_gen.auth_comp_id 
_struct_site_gen.auth_asym_id 
_struct_site_gen.auth_seq_id 
_struct_site_gen.label_atom_id 
_struct_site_gen.label_alt_id 
_struct_site_gen.symmetry 
_struct_site_gen.details 
1  AC1 7 CYS A 57 ? CYS A 57  . ? 1_555 ? 
2  AC1 7 HIS A 59 ? HIS A 59  . ? 1_555 ? 
3  AC1 7 SER A 60 ? SER A 60  . ? 1_555 ? 
4  AC1 7 GLY A 62 ? GLY A 62  . ? 1_555 ? 
5  AC1 7 CYS A 80 ? CYS A 80  . ? 1_555 ? 
6  AC1 7 HIS A 83 ? HIS A 83  . ? 1_555 ? 
7  AC1 7 TYR A 85 ? TYR A 85  . ? 1_555 ? 
8  AC2 3 HIS A 65 ? HIS A 65  . ? 1_555 ? 
9  AC2 3 LEU A 66 ? LEU A 66  . ? 1_555 ? 
10 AC2 3 HOH D .  ? HOH A 226 . ? 6_445 ? 
# 
loop_
_pdbx_validate_rmsd_bond.id 
_pdbx_validate_rmsd_bond.PDB_model_num 
_pdbx_validate_rmsd_bond.auth_atom_id_1 
_pdbx_validate_rmsd_bond.auth_asym_id_1 
_pdbx_validate_rmsd_bond.auth_comp_id_1 
_pdbx_validate_rmsd_bond.auth_seq_id_1 
_pdbx_validate_rmsd_bond.PDB_ins_code_1 
_pdbx_validate_rmsd_bond.label_alt_id_1 
_pdbx_validate_rmsd_bond.auth_atom_id_2 
_pdbx_validate_rmsd_bond.auth_asym_id_2 
_pdbx_validate_rmsd_bond.auth_comp_id_2 
_pdbx_validate_rmsd_bond.auth_seq_id_2 
_pdbx_validate_rmsd_bond.PDB_ins_code_2 
_pdbx_validate_rmsd_bond.label_alt_id_2 
_pdbx_validate_rmsd_bond.bond_value 
_pdbx_validate_rmsd_bond.bond_target_value 
_pdbx_validate_rmsd_bond.bond_deviation 
_pdbx_validate_rmsd_bond.bond_standard_deviation 
_pdbx_validate_rmsd_bond.linker_flag 
1 1 CG  A PHE 138 ? ? CD2 A PHE 138 ? ? 1.492 1.383 0.109 0.015 N 
2 1 CG  A PHE 138 ? ? CD1 A PHE 138 ? ? 1.527 1.383 0.144 0.015 N 
3 1 CE1 A PHE 138 ? ? CZ  A PHE 138 ? ? 1.504 1.369 0.135 0.019 N 
4 1 CZ  A PHE 138 ? ? CE2 A PHE 138 ? ? 1.519 1.369 0.150 0.019 N 
# 
_pdbx_validate_torsion.id              1 
_pdbx_validate_torsion.PDB_model_num   1 
_pdbx_validate_torsion.auth_comp_id    SER 
_pdbx_validate_torsion.auth_asym_id    A 
_pdbx_validate_torsion.auth_seq_id     17 
_pdbx_validate_torsion.PDB_ins_code    ? 
_pdbx_validate_torsion.label_alt_id    ? 
_pdbx_validate_torsion.phi             -35.05 
_pdbx_validate_torsion.psi             130.60 
# 
_pdbx_SG_project.id                    1 
_pdbx_SG_project.project_name          'PSI, Protein Structure Initiative' 
_pdbx_SG_project.full_name_of_center   'Center for Eukaryotic Structural Genomics' 
_pdbx_SG_project.initial_of_center     CESG 
# 
loop_
_pdbx_refine_tls.id 
_pdbx_refine_tls.details 
_pdbx_refine_tls.method 
_pdbx_refine_tls.origin_x 
_pdbx_refine_tls.origin_y 
_pdbx_refine_tls.origin_z 
_pdbx_refine_tls.T[1][1] 
_pdbx_refine_tls.T[2][2] 
_pdbx_refine_tls.T[3][3] 
_pdbx_refine_tls.T[1][2] 
_pdbx_refine_tls.T[1][3] 
_pdbx_refine_tls.T[2][3] 
_pdbx_refine_tls.L[1][1] 
_pdbx_refine_tls.L[2][2] 
_pdbx_refine_tls.L[3][3] 
_pdbx_refine_tls.L[1][2] 
_pdbx_refine_tls.L[1][3] 
_pdbx_refine_tls.L[2][3] 
_pdbx_refine_tls.S[1][1] 
_pdbx_refine_tls.S[2][2] 
_pdbx_refine_tls.S[3][3] 
_pdbx_refine_tls.S[1][2] 
_pdbx_refine_tls.S[1][3] 
_pdbx_refine_tls.S[2][3] 
_pdbx_refine_tls.S[2][1] 
_pdbx_refine_tls.S[3][1] 
_pdbx_refine_tls.S[3][2] 
_pdbx_refine_tls.pdbx_refine_id 
1 ? refined 5.7457  16.8927 5.4481  0.7311 0.2666  0.4909  -0.2409 0.0505  0.0481 54.0705 53.7801 74.9578 -40.6506 18.9621 -45.2241 -0.0894 0.2527 -0.1633 0.5820  4.9142  -1.3139 0.2084  -4.1552 -2.1772 'X-RAY DIFFRACTION' 
2 ? refined 7.8621  -1.0933 12.2989 0.0152 0.5344  -0.2265 -0.1925 -0.0509 0.1399 11.8938 6.9307  8.6661  1.0921   1.1849  2.1300   -0.0334 0.0546 -0.0213 -1.0357 -0.8587 -0.4765 0.7960  -0.1174 1.7509  'X-RAY DIFFRACTION' 
3 ? refined -0.1364 -2.6215 -2.0505 0.0616 0.1835  -0.0198 -0.0657 0.0403  0.0827 4.2759  4.2158  6.2090  2.4783   0.5982  0.5917   -0.0816 0.0768 0.0047  0.0680  -0.1816 -0.1457 -0.0990 -0.2518 0.6975  'X-RAY DIFFRACTION' 
4 ? refined -9.1297 8.1750  -2.3322 0.2692 -0.0408 0.2584  0.0823  -0.0962 0.0706 19.1581 8.0221  8.1593  6.8969   -1.2450 1.7997   -0.2567 0.0364 0.2203  -0.2437 2.0602  1.1367  -0.0399 -1.6378 -0.0633 'X-RAY DIFFRACTION' 
# 
loop_
_pdbx_refine_tls_group.id 
_pdbx_refine_tls_group.refine_tls_id 
_pdbx_refine_tls_group.beg_label_asym_id 
_pdbx_refine_tls_group.beg_label_seq_id 
_pdbx_refine_tls_group.end_label_asym_id 
_pdbx_refine_tls_group.end_label_seq_id 
_pdbx_refine_tls_group.selection 
_pdbx_refine_tls_group.beg_auth_asym_id 
_pdbx_refine_tls_group.beg_auth_seq_id 
_pdbx_refine_tls_group.end_auth_asym_id 
_pdbx_refine_tls_group.end_auth_seq_id 
_pdbx_refine_tls_group.pdbx_refine_id 
_pdbx_refine_tls_group.selection_details 
1 1 A 14  A 18  ? A 14  A 18  'X-RAY DIFFRACTION' ? 
2 2 A 19  A 35  ? A 19  A 35  'X-RAY DIFFRACTION' ? 
3 3 A 36  A 133 ? A 36  A 133 'X-RAY DIFFRACTION' ? 
4 4 A 134 A 154 ? A 134 A 154 'X-RAY DIFFRACTION' ? 
# 
loop_
_pdbx_phasing_MAD_set.id 
_pdbx_phasing_MAD_set.d_res_low 
_pdbx_phasing_MAD_set.d_res_high 
_pdbx_phasing_MAD_set.reflns_acentric 
_pdbx_phasing_MAD_set.reflns_centric 
_pdbx_phasing_MAD_set.R_cullis_acentric 
_pdbx_phasing_MAD_set.R_cullis_centric 
_pdbx_phasing_MAD_set.power_acentric 
_pdbx_phasing_MAD_set.power_centric 
ISO_1 30.66 1.69 14606 2908 0.000 0.000 0.000 0.000 
ANO_1 30.66 1.69 14306 0    0.833 0.000 1.077 0.000 
# 
loop_
_pdbx_phasing_MAD_set_shell.id 
_pdbx_phasing_MAD_set_shell.d_res_low 
_pdbx_phasing_MAD_set_shell.d_res_high 
_pdbx_phasing_MAD_set_shell.reflns_acentric 
_pdbx_phasing_MAD_set_shell.reflns_centric 
_pdbx_phasing_MAD_set_shell.R_cullis_acentric 
_pdbx_phasing_MAD_set_shell.R_cullis_centric 
_pdbx_phasing_MAD_set_shell.power_acentric 
_pdbx_phasing_MAD_set_shell.power_centric 
ISO_1 30.66 7.35 124  139 0.000 0.000 0.000 0.000 
ISO_1 7.35  5.27 265  139 0.000 0.000 0.000 0.000 
ISO_1 5.27  4.33 358  153 0.000 0.000 0.000 0.000 
ISO_1 4.33  3.76 436  142 0.000 0.000 0.000 0.000 
ISO_1 3.76  3.37 506  151 0.000 0.000 0.000 0.000 
ISO_1 3.37  3.08 560  153 0.000 0.000 0.000 0.000 
ISO_1 3.08  2.85 625  149 0.000 0.000 0.000 0.000 
ISO_1 2.85  2.67 673  145 0.000 0.000 0.000 0.000 
ISO_1 2.67  2.51 715  147 0.000 0.000 0.000 0.000 
ISO_1 2.51  2.39 768  156 0.000 0.000 0.000 0.000 
ISO_1 2.39  2.28 807  152 0.000 0.000 0.000 0.000 
ISO_1 2.28  2.18 837  150 0.000 0.000 0.000 0.000 
ISO_1 2.18  2.09 899  149 0.000 0.000 0.000 0.000 
ISO_1 2.09  2.02 915  150 0.000 0.000 0.000 0.000 
ISO_1 2.02  1.95 959  149 0.000 0.000 0.000 0.000 
ISO_1 1.95  1.89 1001 149 0.000 0.000 0.000 0.000 
ISO_1 1.89  1.83 1034 154 0.000 0.000 0.000 0.000 
ISO_1 1.83  1.78 1045 139 0.000 0.000 0.000 0.000 
ISO_1 1.78  1.73 1032 128 0.000 0.000 0.000 0.000 
ISO_1 1.73  1.69 1047 114 0.000 0.000 0.000 0.000 
ANO_1 30.66 7.35 124  0   0.799 0.000 0.796 0.000 
ANO_1 7.35  5.27 265  0   0.697 0.000 1.414 0.000 
ANO_1 5.27  4.33 358  0   0.847 0.000 1.213 0.000 
ANO_1 4.33  3.76 436  0   0.859 0.000 1.395 0.000 
ANO_1 3.76  3.37 506  0   0.787 0.000 1.477 0.000 
ANO_1 3.37  3.08 560  0   0.810 0.000 1.434 0.000 
ANO_1 3.08  2.85 625  0   0.753 0.000 1.455 0.000 
ANO_1 2.85  2.67 673  0   0.745 0.000 1.443 0.000 
ANO_1 2.67  2.51 715  0   0.771 0.000 1.253 0.000 
ANO_1 2.51  2.39 768  0   0.782 0.000 1.231 0.000 
ANO_1 2.39  2.28 807  0   0.812 0.000 1.133 0.000 
ANO_1 2.28  2.18 837  0   0.826 0.000 1.020 0.000 
ANO_1 2.18  2.09 899  0   0.860 0.000 0.928 0.000 
ANO_1 2.09  2.02 915  0   0.867 0.000 0.861 0.000 
ANO_1 2.02  1.95 959  0   0.876 0.000 0.752 0.000 
ANO_1 1.95  1.89 1001 0   0.908 0.000 0.672 0.000 
ANO_1 1.89  1.83 1026 0   0.934 0.000 0.647 0.000 
ANO_1 1.83  1.78 1010 0   0.942 0.000 0.584 0.000 
ANO_1 1.78  1.73 959  0   0.966 0.000 0.568 0.000 
ANO_1 1.73  1.69 863  0   0.981 0.000 0.545 0.000 
# 
loop_
_pdbx_phasing_MAD_set_site.id 
_pdbx_phasing_MAD_set_site.atom_type_symbol 
_pdbx_phasing_MAD_set_site.Cartn_x 
_pdbx_phasing_MAD_set_site.Cartn_y 
_pdbx_phasing_MAD_set_site.Cartn_z 
_pdbx_phasing_MAD_set_site.occupancy 
_pdbx_phasing_MAD_set_site.b_iso 
1 HG -36.461 -53.206 -7.025  0.67 19.29 
2 HG -37.061 -95.180 -26.266 0.49 36.57 
3 HG 37.554  -39.373 12.638  0.42 19.96 
4 HG 7.060   -53.152 -0.938  0.22 23.65 
5 HG -15.340 -44.389 -7.949  0.28 29.62 
# 
_pdbx_phasing_dm.entry_id   3D89 
_pdbx_phasing_dm.method     'Solvent flattening  and Histogram matching' 
_pdbx_phasing_dm.reflns     17514 
# 
loop_
_pdbx_phasing_dm_shell.d_res_high 
_pdbx_phasing_dm_shell.d_res_low 
_pdbx_phasing_dm_shell.delta_phi_final 
_pdbx_phasing_dm_shell.delta_phi_initial 
_pdbx_phasing_dm_shell.fom_acentric 
_pdbx_phasing_dm_shell.fom_centric 
_pdbx_phasing_dm_shell.fom 
_pdbx_phasing_dm_shell.reflns_acentric 
_pdbx_phasing_dm_shell.reflns_centric 
_pdbx_phasing_dm_shell.reflns 
5.830 100.000 71.900 ? ? ? 0.755 ? ? 504  
4.580 5.830   64.400 ? ? ? 0.910 ? ? 501  
3.970 4.580   63.100 ? ? ? 0.904 ? ? 502  
3.590 3.970   64.300 ? ? ? 0.898 ? ? 512  
3.310 3.590   67.600 ? ? ? 0.891 ? ? 510  
3.100 3.310   67.900 ? ? ? 0.893 ? ? 506  
2.940 3.100   65.700 ? ? ? 0.868 ? ? 524  
2.800 2.940   61.400 ? ? ? 0.864 ? ? 542  
2.680 2.800   58.700 ? ? ? 0.839 ? ? 563  
2.570 2.680   58.400 ? ? ? 0.854 ? ? 584  
2.470 2.570   61.700 ? ? ? 0.858 ? ? 610  
2.390 2.470   62.500 ? ? ? 0.857 ? ? 628  
2.310 2.390   59.100 ? ? ? 0.859 ? ? 642  
2.240 2.310   63.200 ? ? ? 0.847 ? ? 683  
2.180 2.240   63.600 ? ? ? 0.871 ? ? 678  
2.120 2.180   68.100 ? ? ? 0.878 ? ? 699  
2.060 2.120   65.100 ? ? ? 0.861 ? ? 728  
2.010 2.060   68.800 ? ? ? 0.864 ? ? 734  
1.970 2.010   65.900 ? ? ? 0.861 ? ? 752  
1.920 1.970   68.800 ? ? ? 0.854 ? ? 786  
1.880 1.920   66.100 ? ? ? 0.851 ? ? 767  
1.840 1.880   71.300 ? ? ? 0.811 ? ? 822  
1.810 1.840   71.100 ? ? ? 0.803 ? ? 795  
1.770 1.810   76.500 ? ? ? 0.812 ? ? 804  
1.740 1.770   78.500 ? ? ? 0.776 ? ? 807  
1.690 1.740   76.700 ? ? ? 0.760 ? ? 1331 
# 
_phasing.method   SAD 
# 
_pdbx_entry_details.entry_id                 3D89 
_pdbx_entry_details.compound_details         ? 
_pdbx_entry_details.source_details           ? 
_pdbx_entry_details.nonpolymer_details       ? 
_pdbx_entry_details.sequence_details         'THIS STRUCTURE WAS SUBMITTED AS CASP8 ID T0391.' 
_pdbx_entry_details.has_ligand_of_interest   ? 
# 
loop_
_pdbx_unobs_or_zero_occ_residues.id 
_pdbx_unobs_or_zero_occ_residues.PDB_model_num 
_pdbx_unobs_or_zero_occ_residues.polymer_flag 
_pdbx_unobs_or_zero_occ_residues.occupancy_flag 
_pdbx_unobs_or_zero_occ_residues.auth_asym_id 
_pdbx_unobs_or_zero_occ_residues.auth_comp_id 
_pdbx_unobs_or_zero_occ_residues.auth_seq_id 
_pdbx_unobs_or_zero_occ_residues.PDB_ins_code 
_pdbx_unobs_or_zero_occ_residues.label_asym_id 
_pdbx_unobs_or_zero_occ_residues.label_comp_id 
_pdbx_unobs_or_zero_occ_residues.label_seq_id 
1  1 Y 1 A SER 1   ? A SER 1   
2  1 Y 1 A ASP 2   ? A ASP 2   
3  1 Y 1 A PRO 3   ? A PRO 3   
4  1 Y 1 A GLU 4   ? A GLU 4   
5  1 Y 1 A ILE 5   ? A ILE 5   
6  1 Y 1 A SER 6   ? A SER 6   
7  1 Y 1 A GLU 7   ? A GLU 7   
8  1 Y 1 A GLN 8   ? A GLN 8   
9  1 Y 1 A ASP 9   ? A ASP 9   
10 1 Y 1 A GLU 10  ? A GLU 10  
11 1 Y 1 A GLU 11  ? A GLU 11  
12 1 Y 1 A LYS 12  ? A LYS 12  
13 1 Y 1 A LYS 13  ? A LYS 13  
14 1 Y 1 A LYS 102 ? A LYS 102 
15 1 Y 1 A ASP 103 ? A ASP 103 
16 1 Y 1 A PRO 104 ? A PRO 104 
17 1 Y 1 A SER 105 ? A SER 105 
18 1 Y 1 A ALA 106 ? A ALA 106 
19 1 Y 1 A SER 155 ? A SER 155 
20 1 Y 1 A SER 156 ? A SER 156 
21 1 Y 1 A SER 157 ? A SER 157 
# 
loop_
_chem_comp_atom.comp_id 
_chem_comp_atom.atom_id 
_chem_comp_atom.type_symbol 
_chem_comp_atom.pdbx_aromatic_flag 
_chem_comp_atom.pdbx_stereo_config 
_chem_comp_atom.pdbx_ordinal 
ALA N    N  N N 1   
ALA CA   C  N S 2   
ALA C    C  N N 3   
ALA O    O  N N 4   
ALA CB   C  N N 5   
ALA OXT  O  N N 6   
ALA H    H  N N 7   
ALA H2   H  N N 8   
ALA HA   H  N N 9   
ALA HB1  H  N N 10  
ALA HB2  H  N N 11  
ALA HB3  H  N N 12  
ALA HXT  H  N N 13  
ARG N    N  N N 14  
ARG CA   C  N S 15  
ARG C    C  N N 16  
ARG O    O  N N 17  
ARG CB   C  N N 18  
ARG CG   C  N N 19  
ARG CD   C  N N 20  
ARG NE   N  N N 21  
ARG CZ   C  N N 22  
ARG NH1  N  N N 23  
ARG NH2  N  N N 24  
ARG OXT  O  N N 25  
ARG H    H  N N 26  
ARG H2   H  N N 27  
ARG HA   H  N N 28  
ARG HB2  H  N N 29  
ARG HB3  H  N N 30  
ARG HG2  H  N N 31  
ARG HG3  H  N N 32  
ARG HD2  H  N N 33  
ARG HD3  H  N N 34  
ARG HE   H  N N 35  
ARG HH11 H  N N 36  
ARG HH12 H  N N 37  
ARG HH21 H  N N 38  
ARG HH22 H  N N 39  
ARG HXT  H  N N 40  
ASN N    N  N N 41  
ASN CA   C  N S 42  
ASN C    C  N N 43  
ASN O    O  N N 44  
ASN CB   C  N N 45  
ASN CG   C  N N 46  
ASN OD1  O  N N 47  
ASN ND2  N  N N 48  
ASN OXT  O  N N 49  
ASN H    H  N N 50  
ASN H2   H  N N 51  
ASN HA   H  N N 52  
ASN HB2  H  N N 53  
ASN HB3  H  N N 54  
ASN HD21 H  N N 55  
ASN HD22 H  N N 56  
ASN HXT  H  N N 57  
ASP N    N  N N 58  
ASP CA   C  N S 59  
ASP C    C  N N 60  
ASP O    O  N N 61  
ASP CB   C  N N 62  
ASP CG   C  N N 63  
ASP OD1  O  N N 64  
ASP OD2  O  N N 65  
ASP OXT  O  N N 66  
ASP H    H  N N 67  
ASP H2   H  N N 68  
ASP HA   H  N N 69  
ASP HB2  H  N N 70  
ASP HB3  H  N N 71  
ASP HD2  H  N N 72  
ASP HXT  H  N N 73  
CYS N    N  N N 74  
CYS CA   C  N R 75  
CYS C    C  N N 76  
CYS O    O  N N 77  
CYS CB   C  N N 78  
CYS SG   S  N N 79  
CYS OXT  O  N N 80  
CYS H    H  N N 81  
CYS H2   H  N N 82  
CYS HA   H  N N 83  
CYS HB2  H  N N 84  
CYS HB3  H  N N 85  
CYS HG   H  N N 86  
CYS HXT  H  N N 87  
EDO C1   C  N N 88  
EDO O1   O  N N 89  
EDO C2   C  N N 90  
EDO O2   O  N N 91  
EDO H11  H  N N 92  
EDO H12  H  N N 93  
EDO HO1  H  N N 94  
EDO H21  H  N N 95  
EDO H22  H  N N 96  
EDO HO2  H  N N 97  
FES FE1  FE N N 98  
FES FE2  FE N N 99  
FES S1   S  N N 100 
FES S2   S  N N 101 
GLN N    N  N N 102 
GLN CA   C  N S 103 
GLN C    C  N N 104 
GLN O    O  N N 105 
GLN CB   C  N N 106 
GLN CG   C  N N 107 
GLN CD   C  N N 108 
GLN OE1  O  N N 109 
GLN NE2  N  N N 110 
GLN OXT  O  N N 111 
GLN H    H  N N 112 
GLN H2   H  N N 113 
GLN HA   H  N N 114 
GLN HB2  H  N N 115 
GLN HB3  H  N N 116 
GLN HG2  H  N N 117 
GLN HG3  H  N N 118 
GLN HE21 H  N N 119 
GLN HE22 H  N N 120 
GLN HXT  H  N N 121 
GLU N    N  N N 122 
GLU CA   C  N S 123 
GLU C    C  N N 124 
GLU O    O  N N 125 
GLU CB   C  N N 126 
GLU CG   C  N N 127 
GLU CD   C  N N 128 
GLU OE1  O  N N 129 
GLU OE2  O  N N 130 
GLU OXT  O  N N 131 
GLU H    H  N N 132 
GLU H2   H  N N 133 
GLU HA   H  N N 134 
GLU HB2  H  N N 135 
GLU HB3  H  N N 136 
GLU HG2  H  N N 137 
GLU HG3  H  N N 138 
GLU HE2  H  N N 139 
GLU HXT  H  N N 140 
GLY N    N  N N 141 
GLY CA   C  N N 142 
GLY C    C  N N 143 
GLY O    O  N N 144 
GLY OXT  O  N N 145 
GLY H    H  N N 146 
GLY H2   H  N N 147 
GLY HA2  H  N N 148 
GLY HA3  H  N N 149 
GLY HXT  H  N N 150 
HIS N    N  N N 151 
HIS CA   C  N S 152 
HIS C    C  N N 153 
HIS O    O  N N 154 
HIS CB   C  N N 155 
HIS CG   C  Y N 156 
HIS ND1  N  Y N 157 
HIS CD2  C  Y N 158 
HIS CE1  C  Y N 159 
HIS NE2  N  Y N 160 
HIS OXT  O  N N 161 
HIS H    H  N N 162 
HIS H2   H  N N 163 
HIS HA   H  N N 164 
HIS HB2  H  N N 165 
HIS HB3  H  N N 166 
HIS HD1  H  N N 167 
HIS HD2  H  N N 168 
HIS HE1  H  N N 169 
HIS HE2  H  N N 170 
HIS HXT  H  N N 171 
HOH O    O  N N 172 
HOH H1   H  N N 173 
HOH H2   H  N N 174 
ILE N    N  N N 175 
ILE CA   C  N S 176 
ILE C    C  N N 177 
ILE O    O  N N 178 
ILE CB   C  N S 179 
ILE CG1  C  N N 180 
ILE CG2  C  N N 181 
ILE CD1  C  N N 182 
ILE OXT  O  N N 183 
ILE H    H  N N 184 
ILE H2   H  N N 185 
ILE HA   H  N N 186 
ILE HB   H  N N 187 
ILE HG12 H  N N 188 
ILE HG13 H  N N 189 
ILE HG21 H  N N 190 
ILE HG22 H  N N 191 
ILE HG23 H  N N 192 
ILE HD11 H  N N 193 
ILE HD12 H  N N 194 
ILE HD13 H  N N 195 
ILE HXT  H  N N 196 
LEU N    N  N N 197 
LEU CA   C  N S 198 
LEU C    C  N N 199 
LEU O    O  N N 200 
LEU CB   C  N N 201 
LEU CG   C  N N 202 
LEU CD1  C  N N 203 
LEU CD2  C  N N 204 
LEU OXT  O  N N 205 
LEU H    H  N N 206 
LEU H2   H  N N 207 
LEU HA   H  N N 208 
LEU HB2  H  N N 209 
LEU HB3  H  N N 210 
LEU HG   H  N N 211 
LEU HD11 H  N N 212 
LEU HD12 H  N N 213 
LEU HD13 H  N N 214 
LEU HD21 H  N N 215 
LEU HD22 H  N N 216 
LEU HD23 H  N N 217 
LEU HXT  H  N N 218 
LYS N    N  N N 219 
LYS CA   C  N S 220 
LYS C    C  N N 221 
LYS O    O  N N 222 
LYS CB   C  N N 223 
LYS CG   C  N N 224 
LYS CD   C  N N 225 
LYS CE   C  N N 226 
LYS NZ   N  N N 227 
LYS OXT  O  N N 228 
LYS H    H  N N 229 
LYS H2   H  N N 230 
LYS HA   H  N N 231 
LYS HB2  H  N N 232 
LYS HB3  H  N N 233 
LYS HG2  H  N N 234 
LYS HG3  H  N N 235 
LYS HD2  H  N N 236 
LYS HD3  H  N N 237 
LYS HE2  H  N N 238 
LYS HE3  H  N N 239 
LYS HZ1  H  N N 240 
LYS HZ2  H  N N 241 
LYS HZ3  H  N N 242 
LYS HXT  H  N N 243 
MET N    N  N N 244 
MET CA   C  N S 245 
MET C    C  N N 246 
MET O    O  N N 247 
MET CB   C  N N 248 
MET CG   C  N N 249 
MET SD   S  N N 250 
MET CE   C  N N 251 
MET OXT  O  N N 252 
MET H    H  N N 253 
MET H2   H  N N 254 
MET HA   H  N N 255 
MET HB2  H  N N 256 
MET HB3  H  N N 257 
MET HG2  H  N N 258 
MET HG3  H  N N 259 
MET HE1  H  N N 260 
MET HE2  H  N N 261 
MET HE3  H  N N 262 
MET HXT  H  N N 263 
PHE N    N  N N 264 
PHE CA   C  N S 265 
PHE C    C  N N 266 
PHE O    O  N N 267 
PHE CB   C  N N 268 
PHE CG   C  Y N 269 
PHE CD1  C  Y N 270 
PHE CD2  C  Y N 271 
PHE CE1  C  Y N 272 
PHE CE2  C  Y N 273 
PHE CZ   C  Y N 274 
PHE OXT  O  N N 275 
PHE H    H  N N 276 
PHE H2   H  N N 277 
PHE HA   H  N N 278 
PHE HB2  H  N N 279 
PHE HB3  H  N N 280 
PHE HD1  H  N N 281 
PHE HD2  H  N N 282 
PHE HE1  H  N N 283 
PHE HE2  H  N N 284 
PHE HZ   H  N N 285 
PHE HXT  H  N N 286 
PRO N    N  N N 287 
PRO CA   C  N S 288 
PRO C    C  N N 289 
PRO O    O  N N 290 
PRO CB   C  N N 291 
PRO CG   C  N N 292 
PRO CD   C  N N 293 
PRO OXT  O  N N 294 
PRO H    H  N N 295 
PRO HA   H  N N 296 
PRO HB2  H  N N 297 
PRO HB3  H  N N 298 
PRO HG2  H  N N 299 
PRO HG3  H  N N 300 
PRO HD2  H  N N 301 
PRO HD3  H  N N 302 
PRO HXT  H  N N 303 
SER N    N  N N 304 
SER CA   C  N S 305 
SER C    C  N N 306 
SER O    O  N N 307 
SER CB   C  N N 308 
SER OG   O  N N 309 
SER OXT  O  N N 310 
SER H    H  N N 311 
SER H2   H  N N 312 
SER HA   H  N N 313 
SER HB2  H  N N 314 
SER HB3  H  N N 315 
SER HG   H  N N 316 
SER HXT  H  N N 317 
THR N    N  N N 318 
THR CA   C  N S 319 
THR C    C  N N 320 
THR O    O  N N 321 
THR CB   C  N R 322 
THR OG1  O  N N 323 
THR CG2  C  N N 324 
THR OXT  O  N N 325 
THR H    H  N N 326 
THR H2   H  N N 327 
THR HA   H  N N 328 
THR HB   H  N N 329 
THR HG1  H  N N 330 
THR HG21 H  N N 331 
THR HG22 H  N N 332 
THR HG23 H  N N 333 
THR HXT  H  N N 334 
TRP N    N  N N 335 
TRP CA   C  N S 336 
TRP C    C  N N 337 
TRP O    O  N N 338 
TRP CB   C  N N 339 
TRP CG   C  Y N 340 
TRP CD1  C  Y N 341 
TRP CD2  C  Y N 342 
TRP NE1  N  Y N 343 
TRP CE2  C  Y N 344 
TRP CE3  C  Y N 345 
TRP CZ2  C  Y N 346 
TRP CZ3  C  Y N 347 
TRP CH2  C  Y N 348 
TRP OXT  O  N N 349 
TRP H    H  N N 350 
TRP H2   H  N N 351 
TRP HA   H  N N 352 
TRP HB2  H  N N 353 
TRP HB3  H  N N 354 
TRP HD1  H  N N 355 
TRP HE1  H  N N 356 
TRP HE3  H  N N 357 
TRP HZ2  H  N N 358 
TRP HZ3  H  N N 359 
TRP HH2  H  N N 360 
TRP HXT  H  N N 361 
TYR N    N  N N 362 
TYR CA   C  N S 363 
TYR C    C  N N 364 
TYR O    O  N N 365 
TYR CB   C  N N 366 
TYR CG   C  Y N 367 
TYR CD1  C  Y N 368 
TYR CD2  C  Y N 369 
TYR CE1  C  Y N 370 
TYR CE2  C  Y N 371 
TYR CZ   C  Y N 372 
TYR OH   O  N N 373 
TYR OXT  O  N N 374 
TYR H    H  N N 375 
TYR H2   H  N N 376 
TYR HA   H  N N 377 
TYR HB2  H  N N 378 
TYR HB3  H  N N 379 
TYR HD1  H  N N 380 
TYR HD2  H  N N 381 
TYR HE1  H  N N 382 
TYR HE2  H  N N 383 
TYR HH   H  N N 384 
TYR HXT  H  N N 385 
VAL N    N  N N 386 
VAL CA   C  N S 387 
VAL C    C  N N 388 
VAL O    O  N N 389 
VAL CB   C  N N 390 
VAL CG1  C  N N 391 
VAL CG2  C  N N 392 
VAL OXT  O  N N 393 
VAL H    H  N N 394 
VAL H2   H  N N 395 
VAL HA   H  N N 396 
VAL HB   H  N N 397 
VAL HG11 H  N N 398 
VAL HG12 H  N N 399 
VAL HG13 H  N N 400 
VAL HG21 H  N N 401 
VAL HG22 H  N N 402 
VAL HG23 H  N N 403 
VAL HXT  H  N N 404 
# 
loop_
_chem_comp_bond.comp_id 
_chem_comp_bond.atom_id_1 
_chem_comp_bond.atom_id_2 
_chem_comp_bond.value_order 
_chem_comp_bond.pdbx_aromatic_flag 
_chem_comp_bond.pdbx_stereo_config 
_chem_comp_bond.pdbx_ordinal 
ALA N   CA   sing N N 1   
ALA N   H    sing N N 2   
ALA N   H2   sing N N 3   
ALA CA  C    sing N N 4   
ALA CA  CB   sing N N 5   
ALA CA  HA   sing N N 6   
ALA C   O    doub N N 7   
ALA C   OXT  sing N N 8   
ALA CB  HB1  sing N N 9   
ALA CB  HB2  sing N N 10  
ALA CB  HB3  sing N N 11  
ALA OXT HXT  sing N N 12  
ARG N   CA   sing N N 13  
ARG N   H    sing N N 14  
ARG N   H2   sing N N 15  
ARG CA  C    sing N N 16  
ARG CA  CB   sing N N 17  
ARG CA  HA   sing N N 18  
ARG C   O    doub N N 19  
ARG C   OXT  sing N N 20  
ARG CB  CG   sing N N 21  
ARG CB  HB2  sing N N 22  
ARG CB  HB3  sing N N 23  
ARG CG  CD   sing N N 24  
ARG CG  HG2  sing N N 25  
ARG CG  HG3  sing N N 26  
ARG CD  NE   sing N N 27  
ARG CD  HD2  sing N N 28  
ARG CD  HD3  sing N N 29  
ARG NE  CZ   sing N N 30  
ARG NE  HE   sing N N 31  
ARG CZ  NH1  sing N N 32  
ARG CZ  NH2  doub N N 33  
ARG NH1 HH11 sing N N 34  
ARG NH1 HH12 sing N N 35  
ARG NH2 HH21 sing N N 36  
ARG NH2 HH22 sing N N 37  
ARG OXT HXT  sing N N 38  
ASN N   CA   sing N N 39  
ASN N   H    sing N N 40  
ASN N   H2   sing N N 41  
ASN CA  C    sing N N 42  
ASN CA  CB   sing N N 43  
ASN CA  HA   sing N N 44  
ASN C   O    doub N N 45  
ASN C   OXT  sing N N 46  
ASN CB  CG   sing N N 47  
ASN CB  HB2  sing N N 48  
ASN CB  HB3  sing N N 49  
ASN CG  OD1  doub N N 50  
ASN CG  ND2  sing N N 51  
ASN ND2 HD21 sing N N 52  
ASN ND2 HD22 sing N N 53  
ASN OXT HXT  sing N N 54  
ASP N   CA   sing N N 55  
ASP N   H    sing N N 56  
ASP N   H2   sing N N 57  
ASP CA  C    sing N N 58  
ASP CA  CB   sing N N 59  
ASP CA  HA   sing N N 60  
ASP C   O    doub N N 61  
ASP C   OXT  sing N N 62  
ASP CB  CG   sing N N 63  
ASP CB  HB2  sing N N 64  
ASP CB  HB3  sing N N 65  
ASP CG  OD1  doub N N 66  
ASP CG  OD2  sing N N 67  
ASP OD2 HD2  sing N N 68  
ASP OXT HXT  sing N N 69  
CYS N   CA   sing N N 70  
CYS N   H    sing N N 71  
CYS N   H2   sing N N 72  
CYS CA  C    sing N N 73  
CYS CA  CB   sing N N 74  
CYS CA  HA   sing N N 75  
CYS C   O    doub N N 76  
CYS C   OXT  sing N N 77  
CYS CB  SG   sing N N 78  
CYS CB  HB2  sing N N 79  
CYS CB  HB3  sing N N 80  
CYS SG  HG   sing N N 81  
CYS OXT HXT  sing N N 82  
EDO C1  O1   sing N N 83  
EDO C1  C2   sing N N 84  
EDO C1  H11  sing N N 85  
EDO C1  H12  sing N N 86  
EDO O1  HO1  sing N N 87  
EDO C2  O2   sing N N 88  
EDO C2  H21  sing N N 89  
EDO C2  H22  sing N N 90  
EDO O2  HO2  sing N N 91  
FES FE1 S1   sing N N 92  
FES FE1 S2   sing N N 93  
FES FE2 S1   sing N N 94  
FES FE2 S2   sing N N 95  
GLN N   CA   sing N N 96  
GLN N   H    sing N N 97  
GLN N   H2   sing N N 98  
GLN CA  C    sing N N 99  
GLN CA  CB   sing N N 100 
GLN CA  HA   sing N N 101 
GLN C   O    doub N N 102 
GLN C   OXT  sing N N 103 
GLN CB  CG   sing N N 104 
GLN CB  HB2  sing N N 105 
GLN CB  HB3  sing N N 106 
GLN CG  CD   sing N N 107 
GLN CG  HG2  sing N N 108 
GLN CG  HG3  sing N N 109 
GLN CD  OE1  doub N N 110 
GLN CD  NE2  sing N N 111 
GLN NE2 HE21 sing N N 112 
GLN NE2 HE22 sing N N 113 
GLN OXT HXT  sing N N 114 
GLU N   CA   sing N N 115 
GLU N   H    sing N N 116 
GLU N   H2   sing N N 117 
GLU CA  C    sing N N 118 
GLU CA  CB   sing N N 119 
GLU CA  HA   sing N N 120 
GLU C   O    doub N N 121 
GLU C   OXT  sing N N 122 
GLU CB  CG   sing N N 123 
GLU CB  HB2  sing N N 124 
GLU CB  HB3  sing N N 125 
GLU CG  CD   sing N N 126 
GLU CG  HG2  sing N N 127 
GLU CG  HG3  sing N N 128 
GLU CD  OE1  doub N N 129 
GLU CD  OE2  sing N N 130 
GLU OE2 HE2  sing N N 131 
GLU OXT HXT  sing N N 132 
GLY N   CA   sing N N 133 
GLY N   H    sing N N 134 
GLY N   H2   sing N N 135 
GLY CA  C    sing N N 136 
GLY CA  HA2  sing N N 137 
GLY CA  HA3  sing N N 138 
GLY C   O    doub N N 139 
GLY C   OXT  sing N N 140 
GLY OXT HXT  sing N N 141 
HIS N   CA   sing N N 142 
HIS N   H    sing N N 143 
HIS N   H2   sing N N 144 
HIS CA  C    sing N N 145 
HIS CA  CB   sing N N 146 
HIS CA  HA   sing N N 147 
HIS C   O    doub N N 148 
HIS C   OXT  sing N N 149 
HIS CB  CG   sing N N 150 
HIS CB  HB2  sing N N 151 
HIS CB  HB3  sing N N 152 
HIS CG  ND1  sing Y N 153 
HIS CG  CD2  doub Y N 154 
HIS ND1 CE1  doub Y N 155 
HIS ND1 HD1  sing N N 156 
HIS CD2 NE2  sing Y N 157 
HIS CD2 HD2  sing N N 158 
HIS CE1 NE2  sing Y N 159 
HIS CE1 HE1  sing N N 160 
HIS NE2 HE2  sing N N 161 
HIS OXT HXT  sing N N 162 
HOH O   H1   sing N N 163 
HOH O   H2   sing N N 164 
ILE N   CA   sing N N 165 
ILE N   H    sing N N 166 
ILE N   H2   sing N N 167 
ILE CA  C    sing N N 168 
ILE CA  CB   sing N N 169 
ILE CA  HA   sing N N 170 
ILE C   O    doub N N 171 
ILE C   OXT  sing N N 172 
ILE CB  CG1  sing N N 173 
ILE CB  CG2  sing N N 174 
ILE CB  HB   sing N N 175 
ILE CG1 CD1  sing N N 176 
ILE CG1 HG12 sing N N 177 
ILE CG1 HG13 sing N N 178 
ILE CG2 HG21 sing N N 179 
ILE CG2 HG22 sing N N 180 
ILE CG2 HG23 sing N N 181 
ILE CD1 HD11 sing N N 182 
ILE CD1 HD12 sing N N 183 
ILE CD1 HD13 sing N N 184 
ILE OXT HXT  sing N N 185 
LEU N   CA   sing N N 186 
LEU N   H    sing N N 187 
LEU N   H2   sing N N 188 
LEU CA  C    sing N N 189 
LEU CA  CB   sing N N 190 
LEU CA  HA   sing N N 191 
LEU C   O    doub N N 192 
LEU C   OXT  sing N N 193 
LEU CB  CG   sing N N 194 
LEU CB  HB2  sing N N 195 
LEU CB  HB3  sing N N 196 
LEU CG  CD1  sing N N 197 
LEU CG  CD2  sing N N 198 
LEU CG  HG   sing N N 199 
LEU CD1 HD11 sing N N 200 
LEU CD1 HD12 sing N N 201 
LEU CD1 HD13 sing N N 202 
LEU CD2 HD21 sing N N 203 
LEU CD2 HD22 sing N N 204 
LEU CD2 HD23 sing N N 205 
LEU OXT HXT  sing N N 206 
LYS N   CA   sing N N 207 
LYS N   H    sing N N 208 
LYS N   H2   sing N N 209 
LYS CA  C    sing N N 210 
LYS CA  CB   sing N N 211 
LYS CA  HA   sing N N 212 
LYS C   O    doub N N 213 
LYS C   OXT  sing N N 214 
LYS CB  CG   sing N N 215 
LYS CB  HB2  sing N N 216 
LYS CB  HB3  sing N N 217 
LYS CG  CD   sing N N 218 
LYS CG  HG2  sing N N 219 
LYS CG  HG3  sing N N 220 
LYS CD  CE   sing N N 221 
LYS CD  HD2  sing N N 222 
LYS CD  HD3  sing N N 223 
LYS CE  NZ   sing N N 224 
LYS CE  HE2  sing N N 225 
LYS CE  HE3  sing N N 226 
LYS NZ  HZ1  sing N N 227 
LYS NZ  HZ2  sing N N 228 
LYS NZ  HZ3  sing N N 229 
LYS OXT HXT  sing N N 230 
MET N   CA   sing N N 231 
MET N   H    sing N N 232 
MET N   H2   sing N N 233 
MET CA  C    sing N N 234 
MET CA  CB   sing N N 235 
MET CA  HA   sing N N 236 
MET C   O    doub N N 237 
MET C   OXT  sing N N 238 
MET CB  CG   sing N N 239 
MET CB  HB2  sing N N 240 
MET CB  HB3  sing N N 241 
MET CG  SD   sing N N 242 
MET CG  HG2  sing N N 243 
MET CG  HG3  sing N N 244 
MET SD  CE   sing N N 245 
MET CE  HE1  sing N N 246 
MET CE  HE2  sing N N 247 
MET CE  HE3  sing N N 248 
MET OXT HXT  sing N N 249 
PHE N   CA   sing N N 250 
PHE N   H    sing N N 251 
PHE N   H2   sing N N 252 
PHE CA  C    sing N N 253 
PHE CA  CB   sing N N 254 
PHE CA  HA   sing N N 255 
PHE C   O    doub N N 256 
PHE C   OXT  sing N N 257 
PHE CB  CG   sing N N 258 
PHE CB  HB2  sing N N 259 
PHE CB  HB3  sing N N 260 
PHE CG  CD1  doub Y N 261 
PHE CG  CD2  sing Y N 262 
PHE CD1 CE1  sing Y N 263 
PHE CD1 HD1  sing N N 264 
PHE CD2 CE2  doub Y N 265 
PHE CD2 HD2  sing N N 266 
PHE CE1 CZ   doub Y N 267 
PHE CE1 HE1  sing N N 268 
PHE CE2 CZ   sing Y N 269 
PHE CE2 HE2  sing N N 270 
PHE CZ  HZ   sing N N 271 
PHE OXT HXT  sing N N 272 
PRO N   CA   sing N N 273 
PRO N   CD   sing N N 274 
PRO N   H    sing N N 275 
PRO CA  C    sing N N 276 
PRO CA  CB   sing N N 277 
PRO CA  HA   sing N N 278 
PRO C   O    doub N N 279 
PRO C   OXT  sing N N 280 
PRO CB  CG   sing N N 281 
PRO CB  HB2  sing N N 282 
PRO CB  HB3  sing N N 283 
PRO CG  CD   sing N N 284 
PRO CG  HG2  sing N N 285 
PRO CG  HG3  sing N N 286 
PRO CD  HD2  sing N N 287 
PRO CD  HD3  sing N N 288 
PRO OXT HXT  sing N N 289 
SER N   CA   sing N N 290 
SER N   H    sing N N 291 
SER N   H2   sing N N 292 
SER CA  C    sing N N 293 
SER CA  CB   sing N N 294 
SER CA  HA   sing N N 295 
SER C   O    doub N N 296 
SER C   OXT  sing N N 297 
SER CB  OG   sing N N 298 
SER CB  HB2  sing N N 299 
SER CB  HB3  sing N N 300 
SER OG  HG   sing N N 301 
SER OXT HXT  sing N N 302 
THR N   CA   sing N N 303 
THR N   H    sing N N 304 
THR N   H2   sing N N 305 
THR CA  C    sing N N 306 
THR CA  CB   sing N N 307 
THR CA  HA   sing N N 308 
THR C   O    doub N N 309 
THR C   OXT  sing N N 310 
THR CB  OG1  sing N N 311 
THR CB  CG2  sing N N 312 
THR CB  HB   sing N N 313 
THR OG1 HG1  sing N N 314 
THR CG2 HG21 sing N N 315 
THR CG2 HG22 sing N N 316 
THR CG2 HG23 sing N N 317 
THR OXT HXT  sing N N 318 
TRP N   CA   sing N N 319 
TRP N   H    sing N N 320 
TRP N   H2   sing N N 321 
TRP CA  C    sing N N 322 
TRP CA  CB   sing N N 323 
TRP CA  HA   sing N N 324 
TRP C   O    doub N N 325 
TRP C   OXT  sing N N 326 
TRP CB  CG   sing N N 327 
TRP CB  HB2  sing N N 328 
TRP CB  HB3  sing N N 329 
TRP CG  CD1  doub Y N 330 
TRP CG  CD2  sing Y N 331 
TRP CD1 NE1  sing Y N 332 
TRP CD1 HD1  sing N N 333 
TRP CD2 CE2  doub Y N 334 
TRP CD2 CE3  sing Y N 335 
TRP NE1 CE2  sing Y N 336 
TRP NE1 HE1  sing N N 337 
TRP CE2 CZ2  sing Y N 338 
TRP CE3 CZ3  doub Y N 339 
TRP CE3 HE3  sing N N 340 
TRP CZ2 CH2  doub Y N 341 
TRP CZ2 HZ2  sing N N 342 
TRP CZ3 CH2  sing Y N 343 
TRP CZ3 HZ3  sing N N 344 
TRP CH2 HH2  sing N N 345 
TRP OXT HXT  sing N N 346 
TYR N   CA   sing N N 347 
TYR N   H    sing N N 348 
TYR N   H2   sing N N 349 
TYR CA  C    sing N N 350 
TYR CA  CB   sing N N 351 
TYR CA  HA   sing N N 352 
TYR C   O    doub N N 353 
TYR C   OXT  sing N N 354 
TYR CB  CG   sing N N 355 
TYR CB  HB2  sing N N 356 
TYR CB  HB3  sing N N 357 
TYR CG  CD1  doub Y N 358 
TYR CG  CD2  sing Y N 359 
TYR CD1 CE1  sing Y N 360 
TYR CD1 HD1  sing N N 361 
TYR CD2 CE2  doub Y N 362 
TYR CD2 HD2  sing N N 363 
TYR CE1 CZ   doub Y N 364 
TYR CE1 HE1  sing N N 365 
TYR CE2 CZ   sing Y N 366 
TYR CE2 HE2  sing N N 367 
TYR CZ  OH   sing N N 368 
TYR OH  HH   sing N N 369 
TYR OXT HXT  sing N N 370 
VAL N   CA   sing N N 371 
VAL N   H    sing N N 372 
VAL N   H2   sing N N 373 
VAL CA  C    sing N N 374 
VAL CA  CB   sing N N 375 
VAL CA  HA   sing N N 376 
VAL C   O    doub N N 377 
VAL C   OXT  sing N N 378 
VAL CB  CG1  sing N N 379 
VAL CB  CG2  sing N N 380 
VAL CB  HB   sing N N 381 
VAL CG1 HG11 sing N N 382 
VAL CG1 HG12 sing N N 383 
VAL CG1 HG13 sing N N 384 
VAL CG2 HG21 sing N N 385 
VAL CG2 HG22 sing N N 386 
VAL CG2 HG23 sing N N 387 
VAL OXT HXT  sing N N 388 
# 
_atom_sites.entry_id                    3D89 
_atom_sites.fract_transf_matrix[1][1]   0.00460884 
_atom_sites.fract_transf_matrix[1][2]   0.00509598 
_atom_sites.fract_transf_matrix[1][3]   -0.01779882 
_atom_sites.fract_transf_matrix[2][1]   0.01192243 
_atom_sites.fract_transf_matrix[2][2]   -0.01484952 
_atom_sites.fract_transf_matrix[2][3]   -0.00116437 
_atom_sites.fract_transf_matrix[3][1]   -0.00682260 
_atom_sites.fract_transf_matrix[3][2]   -0.00522199 
_atom_sites.fract_transf_matrix[3][3]   -0.00326176 
_atom_sites.fract_transf_vector[1]      0.312058 
_atom_sites.fract_transf_vector[2]      -0.256552 
_atom_sites.fract_transf_vector[3]      0.096108 
# 
loop_
_atom_type.symbol 
C  
FE 
N  
O  
S  
# 
loop_
_atom_site.group_PDB 
_atom_site.id 
_atom_site.type_symbol 
_atom_site.label_atom_id 
_atom_site.label_alt_id 
_atom_site.label_comp_id 
_atom_site.label_asym_id 
_atom_site.label_entity_id 
_atom_site.label_seq_id 
_atom_site.pdbx_PDB_ins_code 
_atom_site.Cartn_x 
_atom_site.Cartn_y 
_atom_site.Cartn_z 
_atom_site.occupancy 
_atom_site.B_iso_or_equiv 
_atom_site.pdbx_formal_charge 
_atom_site.auth_seq_id 
_atom_site.auth_comp_id 
_atom_site.auth_asym_id 
_atom_site.auth_atom_id 
_atom_site.pdbx_PDB_model_num 
ATOM   1    N  N   . LYS A 1 14  ? 3.604   20.133  2.730   1.00 60.80 ? 14  LYS A N   1 
ATOM   2    C  CA  . LYS A 1 14  ? 3.638   18.967  3.669   1.00 60.75 ? 14  LYS A CA  1 
ATOM   3    C  C   . LYS A 1 14  ? 4.250   17.705  3.016   1.00 60.82 ? 14  LYS A C   1 
ATOM   4    O  O   . LYS A 1 14  ? 3.692   16.593  3.093   1.00 60.89 ? 14  LYS A O   1 
ATOM   5    C  CB  . LYS A 1 14  ? 2.235   18.712  4.268   1.00 60.75 ? 14  LYS A CB  1 
ATOM   6    C  CG  . LYS A 1 14  ? 1.289   17.760  3.498   1.00 60.46 ? 14  LYS A CG  1 
ATOM   7    C  CD  . LYS A 1 14  ? 0.577   18.399  2.327   1.00 60.49 ? 14  LYS A CD  1 
ATOM   8    C  CE  . LYS A 1 14  ? -0.344  17.388  1.654   1.00 60.57 ? 14  LYS A CE  1 
ATOM   9    N  NZ  . LYS A 1 14  ? -1.121  17.979  0.521   1.00 60.29 ? 14  LYS A NZ  1 
ATOM   10   N  N   . TYR A 1 15  ? 5.413   17.881  2.392   1.00 60.44 ? 15  TYR A N   1 
ATOM   11   C  CA  . TYR A 1 15  ? 6.060   16.787  1.668   1.00 60.31 ? 15  TYR A CA  1 
ATOM   12   C  C   . TYR A 1 15  ? 7.503   16.459  2.110   1.00 60.11 ? 15  TYR A C   1 
ATOM   13   O  O   . TYR A 1 15  ? 8.332   16.064  1.279   1.00 60.31 ? 15  TYR A O   1 
ATOM   14   C  CB  . TYR A 1 15  ? 6.005   17.033  0.146   1.00 60.66 ? 15  TYR A CB  1 
ATOM   15   C  CG  . TYR A 1 15  ? 4.620   16.941  -0.477  1.00 60.97 ? 15  TYR A CG  1 
ATOM   16   C  CD1 . TYR A 1 15  ? 3.874   18.093  -0.730  1.00 60.98 ? 15  TYR A CD1 1 
ATOM   17   C  CD2 . TYR A 1 15  ? 4.063   15.705  -0.825  1.00 60.95 ? 15  TYR A CD2 1 
ATOM   18   C  CE1 . TYR A 1 15  ? 2.608   18.019  -1.308  1.00 61.49 ? 15  TYR A CE1 1 
ATOM   19   C  CE2 . TYR A 1 15  ? 2.794   15.620  -1.401  1.00 60.54 ? 15  TYR A CE2 1 
ATOM   20   C  CZ  . TYR A 1 15  ? 2.074   16.783  -1.640  1.00 61.22 ? 15  TYR A CZ  1 
ATOM   21   O  OH  . TYR A 1 15  ? 0.823   16.723  -2.217  1.00 61.20 ? 15  TYR A OH  1 
ATOM   22   N  N   . THR A 1 16  ? 7.817   16.614  3.398   1.00 59.68 ? 16  THR A N   1 
ATOM   23   C  CA  . THR A 1 16  ? 9.091   16.072  3.920   1.00 59.63 ? 16  THR A CA  1 
ATOM   24   C  C   . THR A 1 16  ? 8.873   14.995  5.004   1.00 58.97 ? 16  THR A C   1 
ATOM   25   O  O   . THR A 1 16  ? 7.779   14.863  5.554   1.00 58.66 ? 16  THR A O   1 
ATOM   26   C  CB  . THR A 1 16  ? 10.126  17.186  4.344   1.00 59.50 ? 16  THR A CB  1 
ATOM   27   O  OG1 . THR A 1 16  ? 10.507  17.963  3.195   1.00 60.71 ? 16  THR A OG1 1 
ATOM   28   C  CG2 . THR A 1 16  ? 11.411  16.582  4.946   1.00 59.37 ? 16  THR A CG2 1 
ATOM   29   N  N   . SER A 1 17  ? 9.930   14.219  5.248   1.00 59.10 ? 17  SER A N   1 
ATOM   30   C  CA  . SER A 1 17  ? 9.985   13.097  6.181   1.00 59.12 ? 17  SER A CA  1 
ATOM   31   C  C   . SER A 1 17  ? 9.163   13.260  7.447   1.00 59.74 ? 17  SER A C   1 
ATOM   32   O  O   . SER A 1 17  ? 9.252   14.281  8.144   1.00 58.25 ? 17  SER A O   1 
ATOM   33   C  CB  . SER A 1 17  ? 11.435  12.830  6.624   1.00 59.23 ? 17  SER A CB  1 
ATOM   34   O  OG  . SER A 1 17  ? 12.322  12.710  5.520   1.00 60.17 ? 17  SER A OG  1 
ATOM   35   N  N   . VAL A 1 18  ? 8.376   12.224  7.736   1.00 59.57 ? 18  VAL A N   1 
ATOM   36   C  CA  . VAL A 1 18  ? 7.850   12.025  9.071   1.00 59.94 ? 18  VAL A CA  1 
ATOM   37   C  C   . VAL A 1 18  ? 8.449   10.711  9.532   1.00 60.39 ? 18  VAL A C   1 
ATOM   38   O  O   . VAL A 1 18  ? 8.383   9.716   8.825   1.00 59.98 ? 18  VAL A O   1 
ATOM   39   C  CB  . VAL A 1 18  ? 6.311   11.975  9.075   1.00 59.90 ? 18  VAL A CB  1 
ATOM   40   C  CG1 . VAL A 1 18  ? 5.765   11.676  10.485  1.00 59.62 ? 18  VAL A CG1 1 
ATOM   41   C  CG2 . VAL A 1 18  ? 5.741   13.295  8.550   1.00 59.73 ? 18  VAL A CG2 1 
ATOM   42   N  N   . CYS A 1 19  ? 9.083   10.726  10.697  1.00 62.03 ? 19  CYS A N   1 
ATOM   43   C  CA  . CYS A 1 19  ? 9.599   9.518   11.300  1.00 62.30 ? 19  CYS A CA  1 
ATOM   44   C  C   . CYS A 1 19  ? 8.416   8.705   11.852  1.00 62.67 ? 19  CYS A C   1 
ATOM   45   O  O   . CYS A 1 19  ? 7.709   9.162   12.743  1.00 63.44 ? 19  CYS A O   1 
ATOM   46   C  CB  . CYS A 1 19  ? 10.558  9.876   12.408  1.00 62.62 ? 19  CYS A CB  1 
ATOM   47   S  SG  . CYS A 1 19  ? 11.415  8.467   13.093  1.00 64.96 ? 19  CYS A SG  1 
ATOM   48   N  N   . VAL A 1 20  ? 8.207   7.504   11.335  1.00 61.58 ? 20  VAL A N   1 
ATOM   49   C  CA  . VAL A 1 20  ? 6.988   6.749   11.672  1.00 61.49 ? 20  VAL A CA  1 
ATOM   50   C  C   . VAL A 1 20  ? 7.285   5.694   12.725  1.00 62.35 ? 20  VAL A C   1 
ATOM   51   O  O   . VAL A 1 20  ? 6.386   5.043   13.264  1.00 63.15 ? 20  VAL A O   1 
ATOM   52   C  CB  . VAL A 1 20  ? 6.337   6.153   10.412  1.00 61.03 ? 20  VAL A CB  1 
ATOM   53   C  CG1 . VAL A 1 20  ? 6.020   7.259   9.443   1.00 60.15 ? 20  VAL A CG1 1 
ATOM   54   C  CG2 . VAL A 1 20  ? 7.226   5.123   9.747   1.00 59.18 ? 20  VAL A CG2 1 
ATOM   55   N  N   . GLY A 1 21  ? 8.562   5.549   13.033  1.00 62.13 ? 21  GLY A N   1 
ATOM   56   C  CA  . GLY A 1 21  ? 8.968   4.606   14.012  1.00 62.19 ? 21  GLY A CA  1 
ATOM   57   C  C   . GLY A 1 21  ? 10.305  3.948   13.787  1.00 62.64 ? 21  GLY A C   1 
ATOM   58   O  O   . GLY A 1 21  ? 11.166  4.403   12.998  1.00 62.35 ? 21  GLY A O   1 
ATOM   59   N  N   . ARG A 1 22  ? 10.457  2.861   14.532  1.00 62.17 ? 22  ARG A N   1 
ATOM   60   C  CA  . ARG A 1 22  ? 11.713  2.191   14.714  1.00 62.01 ? 22  ARG A CA  1 
ATOM   61   C  C   . ARG A 1 22  ? 11.829  1.017   13.736  1.00 61.91 ? 22  ARG A C   1 
ATOM   62   O  O   . ARG A 1 22  ? 10.903  0.212   13.602  1.00 60.50 ? 22  ARG A O   1 
ATOM   63   C  CB  . ARG A 1 22  ? 11.741  1.705   16.156  1.00 62.52 ? 22  ARG A CB  1 
ATOM   64   C  CG  . ARG A 1 22  ? 13.054  1.651   16.738  1.00 62.38 ? 22  ARG A CG  1 
ATOM   65   C  CD  . ARG A 1 22  ? 12.979  1.198   18.169  1.00 63.37 ? 22  ARG A CD  1 
ATOM   66   N  NE  . ARG A 1 22  ? 14.323  0.798   18.505  1.00 63.29 ? 22  ARG A NE  1 
ATOM   67   C  CZ  . ARG A 1 22  ? 14.789  0.584   19.719  1.00 63.14 ? 22  ARG A CZ  1 
ATOM   68   N  NH1 . ARG A 1 22  ? 14.015  0.716   20.797  1.00 64.35 ? 22  ARG A NH1 1 
ATOM   69   N  NH2 . ARG A 1 22  ? 16.054  0.234   19.829  1.00 63.71 ? 22  ARG A NH2 1 
ATOM   70   N  N   . GLU A 1 23  ? 12.961  0.940   13.030  1.00 62.10 ? 23  GLU A N   1 
ATOM   71   C  CA  . GLU A 1 23  ? 13.271  -0.227  12.218  1.00 62.33 ? 23  GLU A CA  1 
ATOM   72   C  C   . GLU A 1 23  ? 13.024  -1.529  12.996  1.00 62.52 ? 23  GLU A C   1 
ATOM   73   O  O   . GLU A 1 23  ? 12.388  -2.446  12.488  1.00 63.44 ? 23  GLU A O   1 
ATOM   74   C  CB  . GLU A 1 23  ? 14.702  -0.158  11.695  1.00 62.11 ? 23  GLU A CB  1 
ATOM   75   C  CG  . GLU A 1 23  ? 14.919  -1.030  10.478  1.00 63.73 ? 23  GLU A CG  1 
ATOM   76   C  CD  . GLU A 1 23  ? 16.106  -0.614  9.631   1.00 66.02 ? 23  GLU A CD  1 
ATOM   77   O  OE1 . GLU A 1 23  ? 17.175  -0.280  10.202  1.00 65.65 ? 23  GLU A OE1 1 
ATOM   78   O  OE2 . GLU A 1 23  ? 15.960  -0.647  8.388   1.00 68.05 ? 23  GLU A OE2 1 
ATOM   79   N  N   . GLU A 1 24  ? 13.468  -1.587  14.242  1.00 62.66 ? 24  GLU A N   1 
ATOM   80   C  CA  . GLU A 1 24  ? 13.247  -2.776  15.051  1.00 63.27 ? 24  GLU A CA  1 
ATOM   81   C  C   . GLU A 1 24  ? 11.779  -3.140  15.313  1.00 63.16 ? 24  GLU A C   1 
ATOM   82   O  O   . GLU A 1 24  ? 11.444  -4.322  15.414  1.00 63.14 ? 24  GLU A O   1 
ATOM   83   C  CB  . GLU A 1 24  ? 13.970  -2.655  16.384  1.00 63.14 ? 24  GLU A CB  1 
ATOM   84   C  CG  . GLU A 1 24  ? 15.476  -2.726  16.276  1.00 65.00 ? 24  GLU A CG  1 
ATOM   85   C  CD  . GLU A 1 24  ? 16.125  -2.998  17.624  1.00 65.66 ? 24  GLU A CD  1 
ATOM   86   O  OE1 . GLU A 1 24  ? 15.423  -2.843  18.655  1.00 65.11 ? 24  GLU A OE1 1 
ATOM   87   O  OE2 . GLU A 1 24  ? 17.322  -3.378  17.656  1.00 66.96 ? 24  GLU A OE2 1 
ATOM   88   N  N   A ASP A 1 25  ? 10.921  -2.135  15.425  0.70 63.36 ? 25  ASP A N   1 
ATOM   89   N  N   B ASP A 1 25  ? 10.907  -2.132  15.422  0.30 63.19 ? 25  ASP A N   1 
ATOM   90   C  CA  A ASP A 1 25  ? 9.534   -2.379  15.777  0.70 63.79 ? 25  ASP A CA  1 
ATOM   91   C  CA  B ASP A 1 25  ? 9.492   -2.372  15.758  0.30 63.28 ? 25  ASP A CA  1 
ATOM   92   C  C   A ASP A 1 25  ? 8.723   -2.991  14.617  0.70 64.46 ? 25  ASP A C   1 
ATOM   93   C  C   B ASP A 1 25  ? 8.584   -2.708  14.567  0.30 64.05 ? 25  ASP A C   1 
ATOM   94   O  O   A ASP A 1 25  ? 7.737   -3.701  14.862  0.70 64.77 ? 25  ASP A O   1 
ATOM   95   O  O   B ASP A 1 25  ? 7.379   -2.919  14.731  0.30 64.26 ? 25  ASP A O   1 
ATOM   96   C  CB  A ASP A 1 25  ? 8.896   -1.098  16.354  0.70 63.62 ? 25  ASP A CB  1 
ATOM   97   C  CB  B ASP A 1 25  ? 8.897   -1.232  16.629  0.30 62.82 ? 25  ASP A CB  1 
ATOM   98   C  CG  A ASP A 1 25  ? 9.466   -0.709  17.753  0.70 63.86 ? 25  ASP A CG  1 
ATOM   99   C  CG  B ASP A 1 25  ? 8.658   0.078   15.860  0.30 61.27 ? 25  ASP A CG  1 
ATOM   100  O  OD1 A ASP A 1 25  ? 10.358  -1.406  18.311  0.70 61.48 ? 25  ASP A OD1 1 
ATOM   101  O  OD1 B ASP A 1 25  ? 8.337   0.057   14.646  0.30 57.52 ? 25  ASP A OD1 1 
ATOM   102  O  OD2 A ASP A 1 25  ? 9.001   0.315   18.305  0.70 64.42 ? 25  ASP A OD2 1 
ATOM   103  O  OD2 B ASP A 1 25  ? 8.754   1.153   16.501  0.30 58.74 ? 25  ASP A OD2 1 
ATOM   104  N  N   . ILE A 1 26  ? 9.165   -2.758  13.373  1.00 64.67 ? 26  ILE A N   1 
ATOM   105  C  CA  . ILE A 1 26  ? 8.431   -3.203  12.166  1.00 65.33 ? 26  ILE A CA  1 
ATOM   106  C  C   . ILE A 1 26  ? 8.952   -4.530  11.642  1.00 66.28 ? 26  ILE A C   1 
ATOM   107  O  O   . ILE A 1 26  ? 8.239   -5.253  10.964  1.00 65.81 ? 26  ILE A O   1 
ATOM   108  C  CB  . ILE A 1 26  ? 8.476   -2.192  10.987  1.00 65.79 ? 26  ILE A CB  1 
ATOM   109  C  CG1 . ILE A 1 26  ? 7.300   -2.450  10.024  1.00 65.49 ? 26  ILE A CG1 1 
ATOM   110  C  CG2 . ILE A 1 26  ? 9.794   -2.295  10.217  1.00 65.24 ? 26  ILE A CG2 1 
ATOM   111  C  CD1 . ILE A 1 26  ? 7.337   -1.647  8.750   1.00 64.46 ? 26  ILE A CD1 1 
ATOM   112  N  N   . ARG A 1 27  ? 10.206  -4.847  11.953  1.00 67.72 ? 27  ARG A N   1 
ATOM   113  C  CA  . ARG A 1 27  ? 10.786  -6.081  11.444  1.00 68.35 ? 27  ARG A CA  1 
ATOM   114  C  C   . ARG A 1 27  ? 10.039  -7.290  12.004  1.00 68.20 ? 27  ARG A C   1 
ATOM   115  O  O   . ARG A 1 27  ? 9.713   -8.219  11.259  1.00 68.03 ? 27  ARG A O   1 
ATOM   116  C  CB  . ARG A 1 27  ? 12.301  -6.110  11.655  1.00 68.79 ? 27  ARG A CB  1 
ATOM   117  C  CG  . ARG A 1 27  ? 12.971  -5.115  10.706  1.00 70.71 ? 27  ARG A CG  1 
ATOM   118  C  CD  . ARG A 1 27  ? 14.467  -5.340  10.450  1.00 74.28 ? 27  ARG A CD  1 
ATOM   119  N  NE  . ARG A 1 27  ? 14.803  -4.675  9.187   1.00 76.73 ? 27  ARG A NE  1 
ATOM   120  C  CZ  . ARG A 1 27  ? 16.028  -4.396  8.740   1.00 77.51 ? 27  ARG A CZ  1 
ATOM   121  N  NH1 . ARG A 1 27  ? 17.113  -4.708  9.449   1.00 77.15 ? 27  ARG A NH1 1 
ATOM   122  N  NH2 . ARG A 1 27  ? 16.161  -3.787  7.566   1.00 77.51 ? 27  ARG A NH2 1 
ATOM   123  N  N   . LYS A 1 28  ? 9.701   -7.219  13.291  1.00 68.05 ? 28  LYS A N   1 
ATOM   124  C  CA  . LYS A 1 28  ? 8.898   -8.233  13.966  1.00 67.84 ? 28  LYS A CA  1 
ATOM   125  C  C   . LYS A 1 28  ? 7.541   -8.528  13.276  1.00 67.37 ? 28  LYS A C   1 
ATOM   126  O  O   . LYS A 1 28  ? 7.336   -9.627  12.748  1.00 67.14 ? 28  LYS A O   1 
ATOM   127  C  CB  . LYS A 1 28  ? 8.718   -7.832  15.438  1.00 68.52 ? 28  LYS A CB  1 
ATOM   128  C  CG  . LYS A 1 28  ? 7.981   -8.860  16.302  1.00 69.95 ? 28  LYS A CG  1 
ATOM   129  C  CD  . LYS A 1 28  ? 8.559   -8.873  17.722  1.00 72.90 ? 28  LYS A CD  1 
ATOM   130  C  CE  . LYS A 1 28  ? 7.814   -9.834  18.652  1.00 74.32 ? 28  LYS A CE  1 
ATOM   131  N  NZ  . LYS A 1 28  ? 6.487   -9.263  19.011  1.00 76.24 ? 28  LYS A NZ  1 
ATOM   132  N  N   . SER A 1 29  ? 6.631   -7.551  13.262  1.00 66.72 ? 29  SER A N   1 
ATOM   133  C  CA  . SER A 1 29  ? 5.299   -7.740  12.671  1.00 66.15 ? 29  SER A CA  1 
ATOM   134  C  C   . SER A 1 29  ? 5.275   -7.655  11.147  1.00 64.97 ? 29  SER A C   1 
ATOM   135  O  O   . SER A 1 29  ? 4.287   -8.035  10.490  1.00 65.03 ? 29  SER A O   1 
ATOM   136  C  CB  . SER A 1 29  ? 4.352   -6.677  13.199  1.00 66.89 ? 29  SER A CB  1 
ATOM   137  O  OG  . SER A 1 29  ? 4.546   -5.473  12.475  1.00 69.45 ? 29  SER A OG  1 
ATOM   138  N  N   . GLU A 1 30  ? 6.337   -7.101  10.578  1.00 62.79 ? 30  GLU A N   1 
ATOM   139  C  CA  . GLU A 1 30  ? 6.405   -6.874  9.134   1.00 60.91 ? 30  GLU A CA  1 
ATOM   140  C  C   . GLU A 1 30  ? 5.391   -5.896  8.528   1.00 58.63 ? 30  GLU A C   1 
ATOM   141  O  O   . GLU A 1 30  ? 5.345   -5.766  7.297   1.00 57.90 ? 30  GLU A O   1 
ATOM   142  C  CB  . GLU A 1 30  ? 6.465   -8.192  8.351   1.00 61.73 ? 30  GLU A CB  1 
ATOM   143  C  CG  . GLU A 1 30  ? 7.900   -8.727  8.326   1.00 64.11 ? 30  GLU A CG  1 
ATOM   144  C  CD  . GLU A 1 30  ? 8.108   -9.902  7.391   1.00 68.01 ? 30  GLU A CD  1 
ATOM   145  O  OE1 . GLU A 1 30  ? 7.308   -10.863 7.469   1.00 68.86 ? 30  GLU A OE1 1 
ATOM   146  O  OE2 . GLU A 1 30  ? 9.095   -9.870  6.604   1.00 69.07 ? 30  GLU A OE2 1 
ATOM   147  N  N   . ARG A 1 31  ? 4.627   -5.209  9.379   1.00 55.43 ? 31  ARG A N   1 
ATOM   148  C  CA  . ARG A 1 31  ? 3.788   -4.068  8.973   1.00 54.94 ? 31  ARG A CA  1 
ATOM   149  C  C   . ARG A 1 31  ? 3.414   -3.166  10.143  1.00 55.34 ? 31  ARG A C   1 
ATOM   150  O  O   . ARG A 1 31  ? 3.310   -3.618  11.277  1.00 53.56 ? 31  ARG A O   1 
ATOM   151  C  CB  . ARG A 1 31  ? 2.513   -4.516  8.297   1.00 53.83 ? 31  ARG A CB  1 
ATOM   152  C  CG  . ARG A 1 31  ? 1.506   -5.060  9.304   1.00 56.18 ? 31  ARG A CG  1 
ATOM   153  C  CD  . ARG A 1 31  ? 0.416   -5.746  8.631   1.00 54.41 ? 31  ARG A CD  1 
ATOM   154  N  NE  . ARG A 1 31  ? 0.877   -6.838  7.780   1.00 47.57 ? 31  ARG A NE  1 
ATOM   155  C  CZ  . ARG A 1 31  ? 0.080   -7.426  6.902   1.00 43.51 ? 31  ARG A CZ  1 
ATOM   156  N  NH1 . ARG A 1 31  ? -1.176  -6.994  6.796   1.00 42.00 ? 31  ARG A NH1 1 
ATOM   157  N  NH2 . ARG A 1 31  ? 0.514   -8.432  6.165   1.00 40.05 ? 31  ARG A NH2 1 
ATOM   158  N  N   . MET A 1 32  ? 3.179   -1.894  9.847   1.00 57.33 ? 32  MET A N   1 
ATOM   159  C  CA  . MET A 1 32  ? 2.698   -0.918  10.843  1.00 60.41 ? 32  MET A CA  1 
ATOM   160  C  C   . MET A 1 32  ? 1.959   0.199   10.127  1.00 59.05 ? 32  MET A C   1 
ATOM   161  O  O   . MET A 1 32  ? 2.235   0.484   8.963   1.00 60.30 ? 32  MET A O   1 
ATOM   162  C  CB  . MET A 1 32  ? 3.884   -0.306  11.635  1.00 59.37 ? 32  MET A CB  1 
ATOM   163  C  CG  . MET A 1 32  ? 4.799   0.625   10.839  1.00 63.82 ? 32  MET A CG  1 
ATOM   164  S  SD  . MET A 1 32  ? 6.206   1.172   11.852  1.00 69.27 ? 32  MET A SD  1 
ATOM   165  C  CE  . MET A 1 32  ? 6.309   -0.111  13.081  1.00 68.77 ? 32  MET A CE  1 
ATOM   166  N  N   . THR A 1 33  ? 1.066   0.879   10.823  1.00 57.39 ? 33  THR A N   1 
ATOM   167  C  CA  . THR A 1 33  ? 0.409   2.018   10.211  1.00 55.82 ? 33  THR A CA  1 
ATOM   168  C  C   . THR A 1 33  ? 1.009   3.319   10.790  1.00 56.31 ? 33  THR A C   1 
ATOM   169  O  O   . THR A 1 33  ? 1.626   3.333   11.906  1.00 54.99 ? 33  THR A O   1 
ATOM   170  C  CB  . THR A 1 33  ? -1.114  1.980   10.434  1.00 56.65 ? 33  THR A CB  1 
ATOM   171  O  OG1 . THR A 1 33  ? -1.383  2.290   11.824  1.00 56.10 ? 33  THR A OG1 1 
ATOM   172  C  CG2 . THR A 1 33  ? -1.703  0.549   10.070  1.00 55.74 ? 33  THR A CG2 1 
ATOM   173  N  N   . ALA A 1 34  ? 0.821   4.420   10.076  1.00 54.34 ? 34  ALA A N   1 
ATOM   174  C  CA  . ALA A 1 34  ? 1.145   5.708   10.691  1.00 54.83 ? 34  ALA A CA  1 
ATOM   175  C  C   . ALA A 1 34  ? 0.286   6.804   10.114  1.00 53.98 ? 34  ALA A C   1 
ATOM   176  O  O   . ALA A 1 34  ? -0.283  6.652   9.036   1.00 53.23 ? 34  ALA A O   1 
ATOM   177  C  CB  . ALA A 1 34  ? 2.616   6.034   10.487  1.00 55.64 ? 34  ALA A CB  1 
ATOM   178  N  N   . VAL A 1 35  ? 0.197   7.922   10.824  1.00 52.71 ? 35  VAL A N   1 
ATOM   179  C  CA  . VAL A 1 35  ? -0.417  9.106   10.228  1.00 51.53 ? 35  VAL A CA  1 
ATOM   180  C  C   . VAL A 1 35  ? 0.701   10.063  9.813   1.00 50.48 ? 35  VAL A C   1 
ATOM   181  O  O   . VAL A 1 35  ? 1.545   10.454  10.638  1.00 50.86 ? 35  VAL A O   1 
ATOM   182  C  CB  . VAL A 1 35  ? -1.549  9.716   11.124  1.00 51.55 ? 35  VAL A CB  1 
ATOM   183  C  CG1 . VAL A 1 35  ? -1.973  11.063  10.620  1.00 51.62 ? 35  VAL A CG1 1 
ATOM   184  C  CG2 . VAL A 1 35  ? -2.777  8.759   11.122  1.00 51.89 ? 35  VAL A CG2 1 
ATOM   185  N  N   . VAL A 1 36  ? 0.720   10.394  8.520   1.00 47.93 ? 36  VAL A N   1 
ATOM   186  C  CA  . VAL A 1 36  ? 1.774   11.215  7.944   1.00 46.54 ? 36  VAL A CA  1 
ATOM   187  C  C   . VAL A 1 36  ? 1.114   12.446  7.334   1.00 46.09 ? 36  VAL A C   1 
ATOM   188  O  O   . VAL A 1 36  ? 0.375   12.321  6.370   1.00 45.92 ? 36  VAL A O   1 
ATOM   189  C  CB  . VAL A 1 36  ? 2.608   10.424  6.905   1.00 46.45 ? 36  VAL A CB  1 
ATOM   190  C  CG1 . VAL A 1 36  ? 3.591   11.352  6.152   1.00 45.45 ? 36  VAL A CG1 1 
ATOM   191  C  CG2 . VAL A 1 36  ? 3.362   9.296   7.600   1.00 43.17 ? 36  VAL A CG2 1 
ATOM   192  N  N   . HIS A 1 37  ? 1.329   13.615  7.947   1.00 45.65 ? 37  HIS A N   1 
ATOM   193  C  CA  . HIS A 1 37  ? 0.670   14.862  7.545   1.00 45.17 ? 37  HIS A CA  1 
ATOM   194  C  C   . HIS A 1 37  ? -0.837  14.660  7.283   1.00 45.04 ? 37  HIS A C   1 
ATOM   195  O  O   . HIS A 1 37  ? -1.334  14.974  6.193   1.00 45.28 ? 37  HIS A O   1 
ATOM   196  C  CB  . HIS A 1 37  ? 1.336   15.443  6.285   1.00 45.31 ? 37  HIS A CB  1 
ATOM   197  C  CG  . HIS A 1 37  ? 2.814   15.691  6.414   1.00 45.88 ? 37  HIS A CG  1 
ATOM   198  N  ND1 . HIS A 1 37  ? 3.376   16.369  7.478   1.00 46.39 ? 37  HIS A ND1 1 
ATOM   199  C  CD2 . HIS A 1 37  ? 3.839   15.390  5.578   1.00 46.19 ? 37  HIS A CD2 1 
ATOM   200  C  CE1 . HIS A 1 37  ? 4.684   16.458  7.299   1.00 46.61 ? 37  HIS A CE1 1 
ATOM   201  N  NE2 . HIS A 1 37  ? 4.991   15.869  6.155   1.00 45.87 ? 37  HIS A NE2 1 
ATOM   202  N  N   . ASP A 1 38  ? -1.546  14.101  8.262   1.00 44.85 ? 38  ASP A N   1 
ATOM   203  C  CA  . ASP A 1 38  ? -2.990  13.798  8.161   1.00 45.31 ? 38  ASP A CA  1 
ATOM   204  C  C   . ASP A 1 38  ? -3.384  12.760  7.083   1.00 45.08 ? 38  ASP A C   1 
ATOM   205  O  O   . ASP A 1 38  ? -4.572  12.616  6.760   1.00 45.02 ? 38  ASP A O   1 
ATOM   206  C  CB  . ASP A 1 38  ? -3.829  15.070  7.965   1.00 45.77 ? 38  ASP A CB  1 
ATOM   207  C  CG  . ASP A 1 38  ? -3.556  16.133  9.029   1.00 49.13 ? 38  ASP A CG  1 
ATOM   208  O  OD1 . ASP A 1 38  ? -3.812  15.852  10.228  1.00 51.40 ? 38  ASP A OD1 1 
ATOM   209  O  OD2 . ASP A 1 38  ? -3.092  17.251  8.663   1.00 51.32 ? 38  ASP A OD2 1 
ATOM   210  N  N   . ARG A 1 39  ? -2.404  12.054  6.515   1.00 43.95 ? 39  ARG A N   1 
ATOM   211  C  CA  . ARG A 1 39  ? -2.715  10.967  5.592   1.00 43.30 ? 39  ARG A CA  1 
ATOM   212  C  C   . ARG A 1 39  ? -2.320  9.677   6.281   1.00 42.56 ? 39  ARG A C   1 
ATOM   213  O  O   . ARG A 1 39  ? -1.183  9.526   6.731   1.00 42.90 ? 39  ARG A O   1 
ATOM   214  C  CB  . ARG A 1 39  ? -1.994  11.116  4.265   1.00 43.37 ? 39  ARG A CB  1 
ATOM   215  C  CG  . ARG A 1 39  ? -2.788  10.555  3.102   1.00 43.77 ? 39  ARG A CG  1 
ATOM   216  C  CD  . ARG A 1 39  ? -2.038  10.679  1.808   1.00 45.03 ? 39  ARG A CD  1 
ATOM   217  N  NE  . ARG A 1 39  ? -2.776  10.025  0.739   1.00 45.90 ? 39  ARG A NE  1 
ATOM   218  C  CZ  . ARG A 1 39  ? -3.276  10.656  -0.310  1.00 43.80 ? 39  ARG A CZ  1 
ATOM   219  N  NH1 . ARG A 1 39  ? -3.077  11.955  -0.434  1.00 43.43 ? 39  ARG A NH1 1 
ATOM   220  N  NH2 . ARG A 1 39  ? -3.948  9.977   -1.231  1.00 40.35 ? 39  ARG A NH2 1 
ATOM   221  N  N   . GLU A 1 40  ? -3.284  8.783   6.425   1.00 41.87 ? 40  GLU A N   1 
ATOM   222  C  CA  . GLU A 1 40  ? -3.036  7.507   7.084   1.00 40.70 ? 40  GLU A CA  1 
ATOM   223  C  C   . GLU A 1 40  ? -2.479  6.489   6.085   1.00 40.21 ? 40  GLU A C   1 
ATOM   224  O  O   . GLU A 1 40  ? -3.002  6.329   4.985   1.00 39.91 ? 40  GLU A O   1 
ATOM   225  C  CB  . GLU A 1 40  ? -4.291  6.987   7.782   1.00 41.02 ? 40  GLU A CB  1 
ATOM   226  C  CG  . GLU A 1 40  ? -3.934  5.950   8.811   1.00 41.02 ? 40  GLU A CG  1 
ATOM   227  C  CD  . GLU A 1 40  ? -5.110  5.371   9.525   1.00 45.48 ? 40  GLU A CD  1 
ATOM   228  O  OE1 . GLU A 1 40  ? -6.278  5.513   9.058   1.00 46.20 ? 40  GLU A OE1 1 
ATOM   229  O  OE2 . GLU A 1 40  ? -4.844  4.785   10.594  1.00 44.48 ? 40  GLU A OE2 1 
ATOM   230  N  N   . VAL A 1 41  ? -1.356  5.873   6.452   1.00 39.09 ? 41  VAL A N   1 
ATOM   231  C  CA  . VAL A 1 41  ? -0.624  4.987   5.556   1.00 37.88 ? 41  VAL A CA  1 
ATOM   232  C  C   . VAL A 1 41  ? -0.336  3.661   6.235   1.00 37.27 ? 41  VAL A C   1 
ATOM   233  O  O   . VAL A 1 41  ? -0.306  3.566   7.469   1.00 36.57 ? 41  VAL A O   1 
ATOM   234  C  CB  . VAL A 1 41  ? 0.767   5.626   5.058   1.00 37.87 ? 41  VAL A CB  1 
ATOM   235  C  CG1 . VAL A 1 41  ? 0.575   6.994   4.482   1.00 36.47 ? 41  VAL A CG1 1 
ATOM   236  C  CG2 . VAL A 1 41  ? 1.774   5.772   6.212   1.00 38.60 ? 41  VAL A CG2 1 
ATOM   237  N  N   . VAL A 1 42  ? -0.034  2.657   5.423   1.00 36.63 ? 42  VAL A N   1 
ATOM   238  C  CA  . VAL A 1 42  ? 0.457   1.423   5.937   1.00 35.76 ? 42  VAL A CA  1 
ATOM   239  C  C   . VAL A 1 42  ? 1.863   1.238   5.396   1.00 36.42 ? 42  VAL A C   1 
ATOM   240  O  O   . VAL A 1 42  ? 2.101   1.500   4.247   1.00 34.56 ? 42  VAL A O   1 
ATOM   241  C  CB  . VAL A 1 42  ? -0.518  0.213   5.614   1.00 36.00 ? 42  VAL A CB  1 
ATOM   242  C  CG1 . VAL A 1 42  ? -0.815  0.099   4.105   1.00 31.47 ? 42  VAL A CG1 1 
ATOM   243  C  CG2 . VAL A 1 42  ? 0.031   -1.122  6.239   1.00 36.12 ? 42  VAL A CG2 1 
ATOM   244  N  N   . ILE A 1 43  ? 2.797   0.810   6.244   1.00 36.07 ? 43  ILE A N   1 
ATOM   245  C  CA  . ILE A 1 43  ? 4.150   0.470   5.784   1.00 35.72 ? 43  ILE A CA  1 
ATOM   246  C  C   . ILE A 1 43  ? 4.306   -1.034  5.905   1.00 35.08 ? 43  ILE A C   1 
ATOM   247  O  O   . ILE A 1 43  ? 4.023   -1.576  6.948   1.00 34.92 ? 43  ILE A O   1 
ATOM   248  C  CB  . ILE A 1 43  ? 5.289   1.123   6.631   1.00 36.04 ? 43  ILE A CB  1 
ATOM   249  C  CG1 . ILE A 1 43  ? 5.175   2.647   6.627   1.00 38.38 ? 43  ILE A CG1 1 
ATOM   250  C  CG2 . ILE A 1 43  ? 6.696   0.755   6.080   1.00 35.84 ? 43  ILE A CG2 1 
ATOM   251  C  CD1 . ILE A 1 43  ? 4.359   3.166   7.827   1.00 41.98 ? 43  ILE A CD1 1 
ATOM   252  N  N   . PHE A 1 44  ? 4.756   -1.690  4.838   1.00 35.27 ? 44  PHE A N   1 
ATOM   253  C  CA  . PHE A 1 44  ? 5.055   -3.117  4.864   1.00 35.90 ? 44  PHE A CA  1 
ATOM   254  C  C   . PHE A 1 44  ? 6.565   -3.296  4.771   1.00 36.03 ? 44  PHE A C   1 
ATOM   255  O  O   . PHE A 1 44  ? 7.220   -2.663  3.959   1.00 36.06 ? 44  PHE A O   1 
ATOM   256  C  CB  . PHE A 1 44  ? 4.417   -3.817  3.653   1.00 35.55 ? 44  PHE A CB  1 
ATOM   257  C  CG  . PHE A 1 44  ? 2.896   -3.744  3.624   1.00 35.15 ? 44  PHE A CG  1 
ATOM   258  C  CD1 . PHE A 1 44  ? 2.129   -4.533  4.501   1.00 33.52 ? 44  PHE A CD1 1 
ATOM   259  C  CD2 . PHE A 1 44  ? 2.250   -2.898  2.756   1.00 35.10 ? 44  PHE A CD2 1 
ATOM   260  C  CE1 . PHE A 1 44  ? 0.752   -4.467  4.502   1.00 31.22 ? 44  PHE A CE1 1 
ATOM   261  C  CE2 . PHE A 1 44  ? 0.861   -2.879  2.718   1.00 33.69 ? 44  PHE A CE2 1 
ATOM   262  C  CZ  . PHE A 1 44  ? 0.128   -3.649  3.612   1.00 34.12 ? 44  PHE A CZ  1 
ATOM   263  N  N   . TYR A 1 45  ? 7.105   -4.181  5.587   1.00 36.13 ? 45  TYR A N   1 
ATOM   264  C  CA  . TYR A 1 45  ? 8.471   -4.654  5.402   1.00 37.49 ? 45  TYR A CA  1 
ATOM   265  C  C   . TYR A 1 45  ? 8.435   -6.057  4.848   1.00 37.07 ? 45  TYR A C   1 
ATOM   266  O  O   . TYR A 1 45  ? 7.975   -6.964  5.522   1.00 38.99 ? 45  TYR A O   1 
ATOM   267  C  CB  . TYR A 1 45  ? 9.190   -4.664  6.727   1.00 36.98 ? 45  TYR A CB  1 
ATOM   268  C  CG  . TYR A 1 45  ? 10.621  -5.183  6.650   1.00 39.78 ? 45  TYR A CG  1 
ATOM   269  C  CD1 . TYR A 1 45  ? 11.613  -4.432  6.045   1.00 40.79 ? 45  TYR A CD1 1 
ATOM   270  C  CD2 . TYR A 1 45  ? 10.962  -6.421  7.176   1.00 38.05 ? 45  TYR A CD2 1 
ATOM   271  C  CE1 . TYR A 1 45  ? 12.915  -4.889  5.965   1.00 41.88 ? 45  TYR A CE1 1 
ATOM   272  C  CE2 . TYR A 1 45  ? 12.252  -6.895  7.092   1.00 41.50 ? 45  TYR A CE2 1 
ATOM   273  C  CZ  . TYR A 1 45  ? 13.237  -6.124  6.491   1.00 40.93 ? 45  TYR A CZ  1 
ATOM   274  O  OH  . TYR A 1 45  ? 14.558  -6.589  6.424   1.00 40.29 ? 45  TYR A OH  1 
ATOM   275  N  N   . HIS A 1 46  ? 8.908   -6.261  3.637   1.00 36.34 ? 46  HIS A N   1 
ATOM   276  C  CA  . HIS A 1 46  ? 8.811   -7.581  3.010   1.00 36.95 ? 46  HIS A CA  1 
ATOM   277  C  C   . HIS A 1 46  ? 10.077  -7.905  2.186   1.00 37.04 ? 46  HIS A C   1 
ATOM   278  O  O   . HIS A 1 46  ? 10.541  -7.075  1.388   1.00 36.11 ? 46  HIS A O   1 
ATOM   279  C  CB  . HIS A 1 46  ? 7.548   -7.623  2.124   1.00 37.03 ? 46  HIS A CB  1 
ATOM   280  C  CG  . HIS A 1 46  ? 7.301   -8.938  1.440   1.00 38.48 ? 46  HIS A CG  1 
ATOM   281  N  ND1 . HIS A 1 46  ? 6.856   -10.062 2.110   1.00 40.30 ? 46  HIS A ND1 1 
ATOM   282  C  CD2 . HIS A 1 46  ? 7.393   -9.292  0.139   1.00 36.98 ? 46  HIS A CD2 1 
ATOM   283  C  CE1 . HIS A 1 46  ? 6.709   -11.057 1.253   1.00 38.56 ? 46  HIS A CE1 1 
ATOM   284  N  NE2 . HIS A 1 46  ? 7.035   -10.616 0.052   1.00 38.82 ? 46  HIS A NE2 1 
ATOM   285  N  N   . LYS A 1 47  ? 10.613  -9.119  2.368   1.00 36.95 ? 47  LYS A N   1 
ATOM   286  C  CA  . LYS A 1 47  ? 11.812  -9.555  1.671   1.00 37.47 ? 47  LYS A CA  1 
ATOM   287  C  C   . LYS A 1 47  ? 12.868  -8.448  1.719   1.00 37.40 ? 47  LYS A C   1 
ATOM   288  O  O   . LYS A 1 47  ? 13.430  -8.050  0.679   1.00 36.64 ? 47  LYS A O   1 
ATOM   289  C  CB  . LYS A 1 47  ? 11.517  -9.912  0.212   1.00 38.17 ? 47  LYS A CB  1 
ATOM   290  C  CG  . LYS A 1 47  ? 10.597  -11.096 -0.023  1.00 40.46 ? 47  LYS A CG  1 
ATOM   291  C  CD  . LYS A 1 47  ? 10.871  -11.628 -1.431  1.00 45.27 ? 47  LYS A CD  1 
ATOM   292  C  CE  . LYS A 1 47  ? 9.796   -12.574 -1.948  1.00 47.38 ? 47  LYS A CE  1 
ATOM   293  N  NZ  . LYS A 1 47  ? 8.743   -11.867 -2.747  1.00 50.94 ? 47  LYS A NZ  1 
ATOM   294  N  N   . GLY A 1 48  ? 13.104  -7.925  2.927   1.00 37.40 ? 48  GLY A N   1 
ATOM   295  C  CA  . GLY A 1 48  ? 14.128  -6.899  3.137   1.00 37.40 ? 48  GLY A CA  1 
ATOM   296  C  C   . GLY A 1 48  ? 13.865  -5.527  2.544   1.00 37.80 ? 48  GLY A C   1 
ATOM   297  O  O   . GLY A 1 48  ? 14.744  -4.689  2.531   1.00 38.04 ? 48  GLY A O   1 
ATOM   298  N  N   . GLU A 1 49  ? 12.652  -5.280  2.055   1.00 38.38 ? 49  GLU A N   1 
ATOM   299  C  CA  . GLU A 1 49  ? 12.284  -3.941  1.546   1.00 38.96 ? 49  GLU A CA  1 
ATOM   300  C  C   . GLU A 1 49  ? 11.050  -3.338  2.211   1.00 37.40 ? 49  GLU A C   1 
ATOM   301  O  O   . GLU A 1 49  ? 10.171  -4.047  2.633   1.00 37.65 ? 49  GLU A O   1 
ATOM   302  C  CB  . GLU A 1 49  ? 12.029  -4.003  0.041   1.00 38.83 ? 49  GLU A CB  1 
ATOM   303  C  CG  . GLU A 1 49  ? 13.185  -4.604  -0.671  1.00 43.50 ? 49  GLU A CG  1 
ATOM   304  C  CD  . GLU A 1 49  ? 13.348  -4.024  -2.032  1.00 48.39 ? 49  GLU A CD  1 
ATOM   305  O  OE1 . GLU A 1 49  ? 12.315  -3.904  -2.730  1.00 49.17 ? 49  GLU A OE1 1 
ATOM   306  O  OE2 . GLU A 1 49  ? 14.507  -3.679  -2.376  1.00 51.30 ? 49  GLU A OE2 1 
ATOM   307  N  N   . TYR A 1 50  ? 10.994  -2.013  2.220   1.00 37.51 ? 50  TYR A N   1 
ATOM   308  C  CA  . TYR A 1 50  ? 9.943   -1.233  2.836   1.00 37.42 ? 50  TYR A CA  1 
ATOM   309  C  C   . TYR A 1 50  ? 9.016   -0.667  1.777   1.00 37.93 ? 50  TYR A C   1 
ATOM   310  O  O   . TYR A 1 50  ? 9.473   -0.212  0.740   1.00 36.23 ? 50  TYR A O   1 
ATOM   311  C  CB  . TYR A 1 50  ? 10.583  -0.110  3.653   1.00 38.36 ? 50  TYR A CB  1 
ATOM   312  C  CG  . TYR A 1 50  ? 11.324  -0.636  4.846   1.00 38.71 ? 50  TYR A CG  1 
ATOM   313  C  CD1 . TYR A 1 50  ? 10.634  -0.923  6.031   1.00 41.30 ? 50  TYR A CD1 1 
ATOM   314  C  CD2 . TYR A 1 50  ? 12.708  -0.886  4.797   1.00 39.45 ? 50  TYR A CD2 1 
ATOM   315  C  CE1 . TYR A 1 50  ? 11.273  -1.426  7.134   1.00 39.50 ? 50  TYR A CE1 1 
ATOM   316  C  CE2 . TYR A 1 50  ? 13.375  -1.400  5.922   1.00 41.37 ? 50  TYR A CE2 1 
ATOM   317  C  CZ  . TYR A 1 50  ? 12.636  -1.664  7.093   1.00 41.85 ? 50  TYR A CZ  1 
ATOM   318  O  OH  . TYR A 1 50  ? 13.234  -2.163  8.227   1.00 39.83 ? 50  TYR A OH  1 
ATOM   319  N  N   . HIS A 1 51  ? 7.714   -0.753  1.996   1.00 37.00 ? 51  HIS A N   1 
ATOM   320  C  CA  . HIS A 1 51  ? 6.783   -0.186  1.054   1.00 37.66 ? 51  HIS A CA  1 
ATOM   321  C  C   . HIS A 1 51  ? 5.719   0.546   1.819   1.00 38.22 ? 51  HIS A C   1 
ATOM   322  O  O   . HIS A 1 51  ? 5.083   -0.052  2.719   1.00 40.63 ? 51  HIS A O   1 
ATOM   323  C  CB  . HIS A 1 51  ? 6.132   -1.271  0.146   1.00 38.17 ? 51  HIS A CB  1 
ATOM   324  C  CG  . HIS A 1 51  ? 7.114   -2.170  -0.533  1.00 36.35 ? 51  HIS A CG  1 
ATOM   325  N  ND1 . HIS A 1 51  ? 7.779   -1.813  -1.686  1.00 36.15 ? 51  HIS A ND1 1 
ATOM   326  C  CD2 . HIS A 1 51  ? 7.574   -3.395  -0.196  1.00 36.39 ? 51  HIS A CD2 1 
ATOM   327  C  CE1 . HIS A 1 51  ? 8.601   -2.785  -2.034  1.00 36.16 ? 51  HIS A CE1 1 
ATOM   328  N  NE2 . HIS A 1 51  ? 8.491   -3.760  -1.149  1.00 36.78 ? 51  HIS A NE2 1 
ATOM   329  N  N   . ALA A 1 52  ? 5.504   1.814   1.487   1.00 36.23 ? 52  ALA A N   1 
ATOM   330  C  CA  . ALA A 1 52  ? 4.403   2.609   2.064   1.00 35.83 ? 52  ALA A CA  1 
ATOM   331  C  C   . ALA A 1 52  ? 3.285   2.913   1.042   1.00 35.84 ? 52  ALA A C   1 
ATOM   332  O  O   . ALA A 1 52  ? 3.564   3.285   -0.072  1.00 35.96 ? 52  ALA A O   1 
ATOM   333  C  CB  . ALA A 1 52  ? 4.933   3.903   2.656   1.00 34.44 ? 52  ALA A CB  1 
ATOM   334  N  N   . MET A 1 53  ? 2.029   2.772   1.454   1.00 35.98 ? 53  MET A N   1 
ATOM   335  C  CA  . MET A 1 53  ? 0.894   3.159   0.600   1.00 35.97 ? 53  MET A CA  1 
ATOM   336  C  C   . MET A 1 53  ? -0.275  3.605   1.455   1.00 34.34 ? 53  MET A C   1 
ATOM   337  O  O   . MET A 1 53  ? -0.299  3.375   2.666   1.00 34.06 ? 53  MET A O   1 
ATOM   338  C  CB  . MET A 1 53  ? 0.457   1.977   -0.301  1.00 34.38 ? 53  MET A CB  1 
ATOM   339  C  CG  . MET A 1 53  ? 0.050   0.762   0.549   1.00 36.38 ? 53  MET A CG  1 
ATOM   340  S  SD  . MET A 1 53  ? -0.596  -0.653  -0.351  1.00 37.83 ? 53  MET A SD  1 
ATOM   341  C  CE  . MET A 1 53  ? 0.923   -1.318  -1.069  1.00 31.98 ? 53  MET A CE  1 
ATOM   342  N  N   . ASP A 1 54  ? -1.246  4.234   0.803   1.00 35.49 ? 54  ASP A N   1 
ATOM   343  C  CA  . ASP A 1 54  ? -2.497  4.645   1.426   1.00 35.03 ? 54  ASP A CA  1 
ATOM   344  C  C   . ASP A 1 54  ? -3.099  3.428   2.068   1.00 35.41 ? 54  ASP A C   1 
ATOM   345  O  O   . ASP A 1 54  ? -3.069  2.325   1.498   1.00 36.46 ? 54  ASP A O   1 
ATOM   346  C  CB  . ASP A 1 54  ? -3.488  5.179   0.367   1.00 36.35 ? 54  ASP A CB  1 
ATOM   347  C  CG  . ASP A 1 54  ? -3.200  6.619   -0.046  1.00 37.52 ? 54  ASP A CG  1 
ATOM   348  O  OD1 . ASP A 1 54  ? -2.449  7.339   0.678   1.00 42.19 ? 54  ASP A OD1 1 
ATOM   349  O  OD2 . ASP A 1 54  ? -3.717  7.048   -1.113  1.00 36.00 ? 54  ASP A OD2 1 
ATOM   350  N  N   . ILE A 1 55  ? -3.662  3.600   3.251   1.00 33.76 ? 55  ILE A N   1 
ATOM   351  C  CA  . ILE A 1 55  ? -4.104  2.449   4.018   1.00 33.72 ? 55  ILE A CA  1 
ATOM   352  C  C   . ILE A 1 55  ? -5.426  1.845   3.518   1.00 34.09 ? 55  ILE A C   1 
ATOM   353  O  O   . ILE A 1 55  ? -5.594  0.630   3.566   1.00 35.22 ? 55  ILE A O   1 
ATOM   354  C  CB  . ILE A 1 55  ? -4.198  2.784   5.549   1.00 32.75 ? 55  ILE A CB  1 
ATOM   355  C  CG1 . ILE A 1 55  ? -4.503  1.527   6.375   1.00 34.08 ? 55  ILE A CG1 1 
ATOM   356  C  CG2 . ILE A 1 55  ? -5.315  3.820   5.835   1.00 32.55 ? 55  ILE A CG2 1 
ATOM   357  C  CD1 . ILE A 1 55  ? -4.230  1.742   7.904   1.00 33.04 ? 55  ILE A CD1 1 
ATOM   358  N  N   . ARG A 1 56  ? -6.353  2.694   3.071   1.00 34.32 ? 56  ARG A N   1 
ATOM   359  C  CA  A ARG A 1 56  ? -7.652  2.229   2.600   0.50 34.27 ? 56  ARG A CA  1 
ATOM   360  C  CA  B ARG A 1 56  ? -7.659  2.246   2.590   0.50 34.63 ? 56  ARG A CA  1 
ATOM   361  C  C   . ARG A 1 56  ? -7.633  1.855   1.103   1.00 35.02 ? 56  ARG A C   1 
ATOM   362  O  O   . ARG A 1 56  ? -7.187  2.630   0.233   1.00 34.05 ? 56  ARG A O   1 
ATOM   363  C  CB  A ARG A 1 56  ? -8.737  3.246   2.916   0.50 33.71 ? 56  ARG A CB  1 
ATOM   364  C  CB  B ARG A 1 56  ? -8.717  3.303   2.841   0.50 34.27 ? 56  ARG A CB  1 
ATOM   365  C  CG  A ARG A 1 56  ? -8.707  3.728   4.368   0.50 33.20 ? 56  ARG A CG  1 
ATOM   366  C  CG  B ARG A 1 56  ? -9.048  3.479   4.303   0.50 35.58 ? 56  ARG A CG  1 
ATOM   367  C  CD  A ARG A 1 56  ? -9.031  2.621   5.372   0.50 34.41 ? 56  ARG A CD  1 
ATOM   368  C  CD  B ARG A 1 56  ? -10.354 4.236   4.473   0.50 38.30 ? 56  ARG A CD  1 
ATOM   369  N  NE  A ARG A 1 56  ? -8.606  3.013   6.722   0.50 33.94 ? 56  ARG A NE  1 
ATOM   370  N  NE  B ARG A 1 56  ? -11.023 3.878   5.719   0.50 39.91 ? 56  ARG A NE  1 
ATOM   371  C  CZ  A ARG A 1 56  ? -8.802  2.304   7.831   0.50 33.39 ? 56  ARG A CZ  1 
ATOM   372  C  CZ  B ARG A 1 56  ? -10.847 4.515   6.873   0.50 40.34 ? 56  ARG A CZ  1 
ATOM   373  N  NH1 A ARG A 1 56  ? -9.432  1.137   7.779   0.50 33.15 ? 56  ARG A NH1 1 
ATOM   374  N  NH1 B ARG A 1 56  ? -10.022 5.570   6.949   0.50 41.86 ? 56  ARG A NH1 1 
ATOM   375  N  NH2 A ARG A 1 56  ? -8.370  2.777   8.996   0.50 30.53 ? 56  ARG A NH2 1 
ATOM   376  N  NH2 B ARG A 1 56  ? -11.497 4.101   7.948   0.50 37.67 ? 56  ARG A NH2 1 
ATOM   377  N  N   . CYS A 1 57  ? -8.098  0.643   0.846   1.00 34.89 ? 57  CYS A N   1 
ATOM   378  C  CA  . CYS A 1 57  ? -8.107  0.043   -0.480  1.00 34.84 ? 57  CYS A CA  1 
ATOM   379  C  C   . CYS A 1 57  ? -8.869  0.906   -1.462  1.00 35.33 ? 57  CYS A C   1 
ATOM   380  O  O   . CYS A 1 57  ? -10.003 1.278   -1.205  1.00 34.76 ? 57  CYS A O   1 
ATOM   381  C  CB  . CYS A 1 57  ? -8.735  -1.353  -0.400  1.00 35.43 ? 57  CYS A CB  1 
ATOM   382  S  SG  . CYS A 1 57  ? -8.815  -2.183  -1.957  1.00 35.67 ? 57  CYS A SG  1 
ATOM   383  N  N   . TYR A 1 58  ? -8.257  1.191   -2.604  1.00 33.56 ? 58  TYR A N   1 
ATOM   384  C  CA  . TYR A 1 58  ? -8.920  1.975   -3.658  1.00 34.44 ? 58  TYR A CA  1 
ATOM   385  C  C   . TYR A 1 58  ? -10.260 1.460   -4.133  1.00 34.87 ? 58  TYR A C   1 
ATOM   386  O  O   . TYR A 1 58  ? -11.023 2.247   -4.699  1.00 35.22 ? 58  TYR A O   1 
ATOM   387  C  CB  . TYR A 1 58  ? -8.022  2.114   -4.911  1.00 32.35 ? 58  TYR A CB  1 
ATOM   388  C  CG  . TYR A 1 58  ? -7.969  0.845   -5.811  1.00 32.86 ? 58  TYR A CG  1 
ATOM   389  C  CD1 . TYR A 1 58  ? -7.056  -0.168  -5.557  1.00 32.31 ? 58  TYR A CD1 1 
ATOM   390  C  CD2 . TYR A 1 58  ? -8.783  0.726   -6.929  1.00 26.69 ? 58  TYR A CD2 1 
ATOM   391  C  CE1 . TYR A 1 58  ? -6.972  -1.322  -6.390  1.00 36.22 ? 58  TYR A CE1 1 
ATOM   392  C  CE2 . TYR A 1 58  ? -8.768  -0.439  -7.735  1.00 32.60 ? 58  TYR A CE2 1 
ATOM   393  C  CZ  . TYR A 1 58  ? -7.798  -1.406  -7.507  1.00 32.41 ? 58  TYR A CZ  1 
ATOM   394  O  OH  . TYR A 1 58  ? -7.749  -2.532  -8.301  1.00 35.59 ? 58  TYR A OH  1 
ATOM   395  N  N   . HIS A 1 59  ? -10.521 0.159   -3.994  1.00 34.43 ? 59  HIS A N   1 
ATOM   396  C  CA  . HIS A 1 59  ? -11.725 -0.440  -4.568  1.00 33.97 ? 59  HIS A CA  1 
ATOM   397  C  C   . HIS A 1 59  ? -12.950 0.114   -3.812  1.00 34.28 ? 59  HIS A C   1 
ATOM   398  O  O   . HIS A 1 59  ? -13.807 0.768   -4.400  1.00 33.47 ? 59  HIS A O   1 
ATOM   399  C  CB  . HIS A 1 59  ? -11.661 -1.989  -4.487  1.00 34.01 ? 59  HIS A CB  1 
ATOM   400  C  CG  . HIS A 1 59  ? -12.956 -2.668  -4.858  1.00 31.90 ? 59  HIS A CG  1 
ATOM   401  N  ND1 . HIS A 1 59  ? -13.562 -3.622  -4.074  1.00 32.75 ? 59  HIS A ND1 1 
ATOM   402  C  CD2 . HIS A 1 59  ? -13.733 -2.540  -5.962  1.00 31.88 ? 59  HIS A CD2 1 
ATOM   403  C  CE1 . HIS A 1 59  ? -14.690 -4.011  -4.646  1.00 36.93 ? 59  HIS A CE1 1 
ATOM   404  N  NE2 . HIS A 1 59  ? -14.814 -3.375  -5.799  1.00 36.41 ? 59  HIS A NE2 1 
ATOM   405  N  N   . SER A 1 60  ? -13.049 -0.178  -2.517  1.00 34.09 ? 60  SER A N   1 
ATOM   406  C  CA  . SER A 1 60  ? -14.197 0.243   -1.703  1.00 35.56 ? 60  SER A CA  1 
ATOM   407  C  C   . SER A 1 60  ? -13.800 0.732   -0.324  1.00 35.00 ? 60  SER A C   1 
ATOM   408  O  O   . SER A 1 60  ? -14.664 0.805   0.596   1.00 34.15 ? 60  SER A O   1 
ATOM   409  C  CB  . SER A 1 60  ? -15.165 -0.943  -1.449  1.00 35.66 ? 60  SER A CB  1 
ATOM   410  O  OG  . SER A 1 60  ? -16.032 -1.089  -2.505  1.00 40.94 ? 60  SER A OG  1 
ATOM   411  N  N   . GLY A 1 61  ? -12.522 1.010   -0.133  1.00 33.78 ? 61  GLY A N   1 
ATOM   412  C  CA  . GLY A 1 61  ? -12.044 1.458   1.182   1.00 33.83 ? 61  GLY A CA  1 
ATOM   413  C  C   . GLY A 1 61  ? -11.679 0.427   2.264   1.00 33.58 ? 61  GLY A C   1 
ATOM   414  O  O   . GLY A 1 61  ? -11.561 0.782   3.421   1.00 33.89 ? 61  GLY A O   1 
ATOM   415  N  N   . GLY A 1 62  ? -11.441 -0.838  1.904   1.00 34.29 ? 62  GLY A N   1 
ATOM   416  C  CA  . GLY A 1 62  ? -11.045 -1.877  2.877   1.00 33.30 ? 62  GLY A CA  1 
ATOM   417  C  C   . GLY A 1 62  ? -9.670  -1.672  3.517   1.00 34.18 ? 62  GLY A C   1 
ATOM   418  O  O   . GLY A 1 62  ? -8.858  -0.879  3.056   1.00 34.46 ? 62  GLY A O   1 
ATOM   419  N  N   . PRO A 1 63  ? -9.425  -2.364  4.627   1.00 34.28 ? 63  PRO A N   1 
ATOM   420  C  CA  . PRO A 1 63  ? -8.235  -2.179  5.507   1.00 34.13 ? 63  PRO A CA  1 
ATOM   421  C  C   . PRO A 1 63  ? -7.024  -2.978  4.947   1.00 35.32 ? 63  PRO A C   1 
ATOM   422  O  O   . PRO A 1 63  ? -6.903  -4.158  5.247   1.00 35.94 ? 63  PRO A O   1 
ATOM   423  C  CB  . PRO A 1 63  ? -8.726  -2.768  6.872   1.00 34.92 ? 63  PRO A CB  1 
ATOM   424  C  CG  . PRO A 1 63  ? -9.847  -3.759  6.501   1.00 34.02 ? 63  PRO A CG  1 
ATOM   425  C  CD  . PRO A 1 63  ? -10.380 -3.383  5.127   1.00 32.77 ? 63  PRO A CD  1 
ATOM   426  N  N   . LEU A 1 64  ? -6.186  -2.362  4.097   1.00 33.85 ? 64  LEU A N   1 
ATOM   427  C  CA  . LEU A 1 64  ? -5.063  -3.082  3.510   1.00 35.10 ? 64  LEU A CA  1 
ATOM   428  C  C   . LEU A 1 64  ? -4.041  -3.590  4.535   1.00 35.51 ? 64  LEU A C   1 
ATOM   429  O  O   . LEU A 1 64  ? -3.404  -4.633  4.303   1.00 35.60 ? 64  LEU A O   1 
ATOM   430  C  CB  . LEU A 1 64  ? -4.348  -2.222  2.457   1.00 33.19 ? 64  LEU A CB  1 
ATOM   431  C  CG  . LEU A 1 64  ? -5.149  -1.940  1.204   1.00 33.67 ? 64  LEU A CG  1 
ATOM   432  C  CD1 . LEU A 1 64  ? -4.296  -1.085  0.266   1.00 31.32 ? 64  LEU A CD1 1 
ATOM   433  C  CD2 . LEU A 1 64  ? -5.733  -3.200  0.464   1.00 32.77 ? 64  LEU A CD2 1 
ATOM   434  N  N   . HIS A 1 65  ? -3.951  -2.897  5.700   1.00 36.13 ? 65  HIS A N   1 
ATOM   435  C  CA  . HIS A 1 65  ? -3.074  -3.310  6.804   1.00 35.49 ? 65  HIS A CA  1 
ATOM   436  C  C   . HIS A 1 65  ? -3.519  -4.630  7.435   1.00 36.08 ? 65  HIS A C   1 
ATOM   437  O  O   . HIS A 1 65  ? -2.745  -5.211  8.193   1.00 36.02 ? 65  HIS A O   1 
ATOM   438  C  CB  . HIS A 1 65  ? -2.923  -2.193  7.873   1.00 34.87 ? 65  HIS A CB  1 
ATOM   439  C  CG  . HIS A 1 65  ? -4.173  -1.938  8.672   1.00 34.80 ? 65  HIS A CG  1 
ATOM   440  N  ND1 . HIS A 1 65  ? -5.358  -1.518  8.096   1.00 32.82 ? 65  HIS A ND1 1 
ATOM   441  C  CD2 . HIS A 1 65  ? -4.401  -1.976  10.012  1.00 35.42 ? 65  HIS A CD2 1 
ATOM   442  C  CE1 . HIS A 1 65  ? -6.292  -1.428  9.031   1.00 35.35 ? 65  HIS A CE1 1 
ATOM   443  N  NE2 . HIS A 1 65  ? -5.734  -1.675  10.205  1.00 34.51 ? 65  HIS A NE2 1 
ATOM   444  N  N   . LEU A 1 66  ? -4.727  -5.111  7.100   1.00 35.16 ? 66  LEU A N   1 
ATOM   445  C  CA  . LEU A 1 66  ? -5.201  -6.415  7.574   1.00 34.56 ? 66  LEU A CA  1 
ATOM   446  C  C   . LEU A 1 66  ? -5.132  -7.436  6.436   1.00 34.99 ? 66  LEU A C   1 
ATOM   447  O  O   . LEU A 1 66  ? -5.597  -8.547  6.593   1.00 34.13 ? 66  LEU A O   1 
ATOM   448  C  CB  . LEU A 1 66  ? -6.638  -6.349  8.101   1.00 35.06 ? 66  LEU A CB  1 
ATOM   449  C  CG  . LEU A 1 66  ? -6.943  -5.317  9.205   1.00 36.17 ? 66  LEU A CG  1 
ATOM   450  C  CD1 . LEU A 1 66  ? -8.308  -5.535  9.734   1.00 36.21 ? 66  LEU A CD1 1 
ATOM   451  C  CD2 . LEU A 1 66  ? -5.869  -5.305  10.293  1.00 33.70 ? 66  LEU A CD2 1 
ATOM   452  N  N   . GLY A 1 67  ? -4.562  -7.083  5.286   1.00 32.27 ? 67  GLY A N   1 
ATOM   453  C  CA  . GLY A 1 67  ? -4.487  -8.093  4.227   1.00 33.66 ? 67  GLY A CA  1 
ATOM   454  C  C   . GLY A 1 67  ? -3.278  -9.001  4.267   1.00 34.02 ? 67  GLY A C   1 
ATOM   455  O  O   . GLY A 1 67  ? -2.364  -8.784  5.075   1.00 34.86 ? 67  GLY A O   1 
ATOM   456  N  N   . GLU A 1 68  ? -3.257  -10.030 3.413   1.00 34.92 ? 68  GLU A N   1 
ATOM   457  C  CA  A GLU A 1 68  ? -2.101  -10.913 3.343   0.50 34.77 ? 68  GLU A CA  1 
ATOM   458  C  CA  B GLU A 1 68  ? -2.118  -10.949 3.297   0.50 36.18 ? 68  GLU A CA  1 
ATOM   459  C  C   . GLU A 1 68  ? -1.212  -10.488 2.174   1.00 36.04 ? 68  GLU A C   1 
ATOM   460  O  O   . GLU A 1 68  ? -1.711  -9.969  1.134   1.00 34.69 ? 68  GLU A O   1 
ATOM   461  C  CB  A GLU A 1 68  ? -2.528  -12.383 3.169   0.50 34.98 ? 68  GLU A CB  1 
ATOM   462  C  CB  B GLU A 1 68  ? -2.569  -12.385 2.958   0.50 36.44 ? 68  GLU A CB  1 
ATOM   463  C  CG  A GLU A 1 68  ? -3.575  -12.932 4.170   0.50 33.52 ? 68  GLU A CG  1 
ATOM   464  C  CG  B GLU A 1 68  ? -1.533  -13.438 3.391   0.50 38.37 ? 68  GLU A CG  1 
ATOM   465  C  CD  A GLU A 1 68  ? -2.991  -13.423 5.451   0.50 31.29 ? 68  GLU A CD  1 
ATOM   466  C  CD  B GLU A 1 68  ? -1.351  -14.713 2.494   0.50 39.20 ? 68  GLU A CD  1 
ATOM   467  O  OE1 A GLU A 1 68  ? -1.882  -13.025 5.818   0.50 32.99 ? 68  GLU A OE1 1 
ATOM   468  O  OE1 B GLU A 1 68  ? -2.237  -15.078 1.667   0.50 40.57 ? 68  GLU A OE1 1 
ATOM   469  O  OE2 A GLU A 1 68  ? -3.647  -14.243 6.113   0.50 35.61 ? 68  GLU A OE2 1 
ATOM   470  O  OE2 B GLU A 1 68  ? -0.280  -15.365 2.678   0.50 40.08 ? 68  GLU A OE2 1 
ATOM   471  N  N   . ILE A 1 69  ? 0.093   -10.723 2.311   1.00 36.24 ? 69  ILE A N   1 
ATOM   472  C  CA  . ILE A 1 69  ? 1.032   -10.441 1.208   1.00 39.01 ? 69  ILE A CA  1 
ATOM   473  C  C   . ILE A 1 69  ? 1.309   -11.743 0.443   1.00 40.20 ? 69  ILE A C   1 
ATOM   474  O  O   . ILE A 1 69  ? 1.580   -12.767 1.074   1.00 38.19 ? 69  ILE A O   1 
ATOM   475  C  CB  . ILE A 1 69  ? 2.359   -9.832  1.747   1.00 39.84 ? 69  ILE A CB  1 
ATOM   476  C  CG1 . ILE A 1 69  ? 2.074   -8.430  2.352   1.00 41.79 ? 69  ILE A CG1 1 
ATOM   477  C  CG2 . ILE A 1 69  ? 3.459   -9.788  0.617   1.00 39.07 ? 69  ILE A CG2 1 
ATOM   478  C  CD1 . ILE A 1 69  ? 3.263   -7.838  3.122   1.00 39.19 ? 69  ILE A CD1 1 
ATOM   479  N  N   . GLU A 1 70  ? 1.175   -11.726 -0.888  1.00 40.88 ? 70  GLU A N   1 
ATOM   480  C  CA  . GLU A 1 70  ? 1.550   -12.867 -1.737  1.00 44.15 ? 70  GLU A CA  1 
ATOM   481  C  C   . GLU A 1 70  ? 2.106   -12.395 -3.069  1.00 42.63 ? 70  GLU A C   1 
ATOM   482  O  O   . GLU A 1 70  ? 1.752   -11.318 -3.566  1.00 40.70 ? 70  GLU A O   1 
ATOM   483  C  CB  . GLU A 1 70  ? 0.378   -13.787 -2.103  1.00 44.02 ? 70  GLU A CB  1 
ATOM   484  C  CG  . GLU A 1 70  ? -0.718  -13.969 -1.101  1.00 49.17 ? 70  GLU A CG  1 
ATOM   485  C  CD  . GLU A 1 70  ? -1.767  -15.002 -1.587  1.00 50.66 ? 70  GLU A CD  1 
ATOM   486  O  OE1 . GLU A 1 70  ? -1.340  -16.051 -2.220  1.00 57.14 ? 70  GLU A OE1 1 
ATOM   487  O  OE2 . GLU A 1 70  ? -2.991  -14.759 -1.320  1.00 53.10 ? 70  GLU A OE2 1 
ATOM   488  N  N   . ASP A 1 71  ? 2.903   -13.269 -3.674  1.00 42.60 ? 71  ASP A N   1 
ATOM   489  C  CA  . ASP A 1 71  ? 3.438   -13.031 -5.012  1.00 43.31 ? 71  ASP A CA  1 
ATOM   490  C  C   . ASP A 1 71  ? 2.492   -13.513 -6.085  1.00 43.56 ? 71  ASP A C   1 
ATOM   491  O  O   . ASP A 1 71  ? 1.972   -14.642 -6.008  1.00 44.12 ? 71  ASP A O   1 
ATOM   492  C  CB  . ASP A 1 71  ? 4.812   -13.688 -5.180  1.00 43.80 ? 71  ASP A CB  1 
ATOM   493  C  CG  . ASP A 1 71  ? 5.890   -12.995 -4.376  1.00 45.66 ? 71  ASP A CG  1 
ATOM   494  O  OD1 . ASP A 1 71  ? 5.589   -12.360 -3.342  1.00 46.85 ? 71  ASP A OD1 1 
ATOM   495  O  OD2 . ASP A 1 71  ? 7.068   -13.080 -4.782  1.00 50.54 ? 71  ASP A OD2 1 
ATOM   496  N  N   . PHE A 1 72  ? 2.255   -12.647 -7.071  1.00 42.87 ? 72  PHE A N   1 
ATOM   497  C  CA  . PHE A 1 72  ? 1.513   -12.989 -8.271  1.00 42.59 ? 72  PHE A CA  1 
ATOM   498  C  C   . PHE A 1 72  ? 2.314   -12.414 -9.432  1.00 42.61 ? 72  PHE A C   1 
ATOM   499  O  O   . PHE A 1 72  ? 2.784   -11.278 -9.355  1.00 41.94 ? 72  PHE A O   1 
ATOM   500  C  CB  . PHE A 1 72  ? 0.091   -12.399 -8.270  1.00 43.24 ? 72  PHE A CB  1 
ATOM   501  C  CG  . PHE A 1 72  ? -0.749  -12.797 -7.065  1.00 45.32 ? 72  PHE A CG  1 
ATOM   502  C  CD1 . PHE A 1 72  ? -1.451  -14.002 -7.050  1.00 47.35 ? 72  PHE A CD1 1 
ATOM   503  C  CD2 . PHE A 1 72  ? -0.825  -11.974 -5.941  1.00 44.73 ? 72  PHE A CD2 1 
ATOM   504  C  CE1 . PHE A 1 72  ? -2.217  -14.380 -5.920  1.00 48.24 ? 72  PHE A CE1 1 
ATOM   505  C  CE2 . PHE A 1 72  ? -1.579  -12.353 -4.816  1.00 39.75 ? 72  PHE A CE2 1 
ATOM   506  C  CZ  . PHE A 1 72  ? -2.274  -13.540 -4.816  1.00 45.38 ? 72  PHE A CZ  1 
ATOM   507  N  N   . ASN A 1 73  ? 2.477   -13.216 -10.485 1.00 43.10 ? 73  ASN A N   1 
ATOM   508  C  CA  . ASN A 1 73  ? 3.295   -12.868 -11.674 1.00 43.65 ? 73  ASN A CA  1 
ATOM   509  C  C   . ASN A 1 73  ? 4.704   -12.421 -11.267 1.00 43.70 ? 73  ASN A C   1 
ATOM   510  O  O   . ASN A 1 73  ? 5.259   -11.489 -11.837 1.00 43.14 ? 73  ASN A O   1 
ATOM   511  C  CB  . ASN A 1 73  ? 2.605   -11.777 -12.513 1.00 43.42 ? 73  ASN A CB  1 
ATOM   512  C  CG  . ASN A 1 73  ? 3.048   -11.780 -13.996 1.00 46.43 ? 73  ASN A CG  1 
ATOM   513  O  OD1 . ASN A 1 73  ? 3.607   -12.771 -14.510 1.00 43.42 ? 73  ASN A OD1 1 
ATOM   514  N  ND2 . ASN A 1 73  ? 2.779   -10.659 -14.695 1.00 48.36 ? 73  ASN A ND2 1 
ATOM   515  N  N   . GLY A 1 74  ? 5.245   -13.046 -10.225 1.00 44.40 ? 74  GLY A N   1 
ATOM   516  C  CA  . GLY A 1 74  ? 6.558   -12.641 -9.698  1.00 44.51 ? 74  GLY A CA  1 
ATOM   517  C  C   . GLY A 1 74  ? 6.624   -11.260 -9.039  1.00 44.46 ? 74  GLY A C   1 
ATOM   518  O  O   . GLY A 1 74  ? 7.710   -10.772 -8.779  1.00 44.76 ? 74  GLY A O   1 
ATOM   519  N  N   . GLN A 1 75  ? 5.470   -10.641 -8.769  1.00 43.78 ? 75  GLN A N   1 
ATOM   520  C  CA  . GLN A 1 75  ? 5.385   -9.373  -8.020  1.00 42.82 ? 75  GLN A CA  1 
ATOM   521  C  C   . GLN A 1 75  ? 4.699   -9.552  -6.664  1.00 40.89 ? 75  GLN A C   1 
ATOM   522  O  O   . GLN A 1 75  ? 3.620   -10.142 -6.568  1.00 40.71 ? 75  GLN A O   1 
ATOM   523  C  CB  . GLN A 1 75  ? 4.613   -8.326  -8.824  1.00 42.81 ? 75  GLN A CB  1 
ATOM   524  C  CG  . GLN A 1 75  ? 5.267   -7.886  -10.125 1.00 46.95 ? 75  GLN A CG  1 
ATOM   525  C  CD  . GLN A 1 75  ? 4.243   -7.280  -11.106 1.00 50.89 ? 75  GLN A CD  1 
ATOM   526  O  OE1 . GLN A 1 75  ? 3.468   -7.997  -11.741 1.00 52.08 ? 75  GLN A OE1 1 
ATOM   527  N  NE2 . GLN A 1 75  ? 4.245   -5.956  -11.219 1.00 51.59 ? 75  GLN A NE2 1 
ATOM   528  N  N   . SER A 1 76  ? 5.336   -9.032  -5.614  1.00 39.88 ? 76  SER A N   1 
ATOM   529  C  CA  . SER A 1 76  ? 4.784   -9.009  -4.262  1.00 38.27 ? 76  SER A CA  1 
ATOM   530  C  C   . SER A 1 76  ? 3.571   -8.064  -4.197  1.00 36.85 ? 76  SER A C   1 
ATOM   531  O  O   . SER A 1 76  ? 3.667   -6.929  -4.642  1.00 36.22 ? 76  SER A O   1 
ATOM   532  C  CB  . SER A 1 76  ? 5.858   -8.545  -3.285  1.00 38.31 ? 76  SER A CB  1 
ATOM   533  O  OG  . SER A 1 76  ? 6.909   -9.516  -3.210  1.00 43.22 ? 76  SER A OG  1 
ATOM   534  N  N   . CYS A 1 77  ? 2.451   -8.544  -3.651  1.00 35.33 ? 77  CYS A N   1 
ATOM   535  C  CA  . CYS A 1 77  ? 1.178   -7.822  -3.621  1.00 34.59 ? 77  CYS A CA  1 
ATOM   536  C  C   . CYS A 1 77  ? 0.612   -7.889  -2.214  1.00 35.71 ? 77  CYS A C   1 
ATOM   537  O  O   . CYS A 1 77  ? 0.740   -8.906  -1.569  1.00 35.64 ? 77  CYS A O   1 
ATOM   538  C  CB  . CYS A 1 77  ? 0.164   -8.501  -4.535  1.00 33.34 ? 77  CYS A CB  1 
ATOM   539  S  SG  . CYS A 1 77  ? 0.526   -8.224  -6.299  1.00 35.65 ? 77  CYS A SG  1 
ATOM   540  N  N   . ILE A 1 78  ? -0.051  -6.823  -1.788  1.00 34.76 ? 78  ILE A N   1 
ATOM   541  C  CA  . ILE A 1 78  ? -1.012  -6.868  -0.746  1.00 34.18 ? 78  ILE A CA  1 
ATOM   542  C  C   . ILE A 1 78  ? -2.396  -7.316  -1.327  1.00 34.62 ? 78  ILE A C   1 
ATOM   543  O  O   . ILE A 1 78  ? -2.815  -6.861  -2.369  1.00 34.47 ? 78  ILE A O   1 
ATOM   544  C  CB  . ILE A 1 78  ? -1.043  -5.498  0.108   1.00 33.81 ? 78  ILE A CB  1 
ATOM   545  C  CG1 . ILE A 1 78  ? -1.946  -5.639  1.331   1.00 32.87 ? 78  ILE A CG1 1 
ATOM   546  C  CG2 . ILE A 1 78  ? -1.436  -4.261  -0.748  1.00 31.11 ? 78  ILE A CG2 1 
ATOM   547  C  CD1 . ILE A 1 78  ? -1.418  -6.648  2.366   1.00 29.85 ? 78  ILE A CD1 1 
ATOM   548  N  N   . VAL A 1 79  ? -3.080  -8.237  -0.648  1.00 32.69 ? 79  VAL A N   1 
ATOM   549  C  CA  . VAL A 1 79  ? -4.404  -8.690  -1.073  1.00 33.62 ? 79  VAL A CA  1 
ATOM   550  C  C   . VAL A 1 79  ? -5.359  -8.090  -0.071  1.00 33.60 ? 79  VAL A C   1 
ATOM   551  O  O   . VAL A 1 79  ? -5.246  -8.421  1.123   1.00 33.36 ? 79  VAL A O   1 
ATOM   552  C  CB  . VAL A 1 79  ? -4.499  -10.248 -1.057  1.00 34.49 ? 79  VAL A CB  1 
ATOM   553  C  CG1 . VAL A 1 79  ? -5.908  -10.721 -1.497  1.00 35.62 ? 79  VAL A CG1 1 
ATOM   554  C  CG2 . VAL A 1 79  ? -3.387  -10.884 -1.925  1.00 30.87 ? 79  VAL A CG2 1 
ATOM   555  N  N   . CYS A 1 80  ? -6.238  -7.185  -0.516  1.00 34.05 ? 80  CYS A N   1 
ATOM   556  C  CA  . CYS A 1 80  ? -7.244  -6.604  0.331   1.00 34.02 ? 80  CYS A CA  1 
ATOM   557  C  C   . CYS A 1 80  ? -8.099  -7.691  0.981   1.00 33.64 ? 80  CYS A C   1 
ATOM   558  O  O   . CYS A 1 80  ? -8.575  -8.600  0.311   1.00 32.90 ? 80  CYS A O   1 
ATOM   559  C  CB  . CYS A 1 80  ? -8.171  -5.674  -0.458  1.00 34.77 ? 80  CYS A CB  1 
ATOM   560  S  SG  . CYS A 1 80  ? -9.354  -4.863  0.675   1.00 35.45 ? 80  CYS A SG  1 
ATOM   561  N  N   . PRO A 1 81  ? -8.323  -7.609  2.321   1.00 34.47 ? 81  PRO A N   1 
ATOM   562  C  CA  . PRO A 1 81  ? -9.108  -8.726  2.856   1.00 33.40 ? 81  PRO A CA  1 
ATOM   563  C  C   . PRO A 1 81  ? -10.585 -8.766  2.465   1.00 32.58 ? 81  PRO A C   1 
ATOM   564  O  O   . PRO A 1 81  ? -11.216 -9.806  2.701   1.00 32.43 ? 81  PRO A O   1 
ATOM   565  C  CB  . PRO A 1 81  ? -8.985  -8.583  4.382   1.00 33.95 ? 81  PRO A CB  1 
ATOM   566  C  CG  . PRO A 1 81  ? -8.687  -7.105  4.581   1.00 33.95 ? 81  PRO A CG  1 
ATOM   567  C  CD  . PRO A 1 81  ? -7.927  -6.620  3.338   1.00 33.50 ? 81  PRO A CD  1 
ATOM   568  N  N   . TRP A 1 82  ? -11.139 -7.674  1.944   1.00 32.23 ? 82  TRP A N   1 
ATOM   569  C  CA  . TRP A 1 82  ? -12.616 -7.556  1.647   1.00 31.38 ? 82  TRP A CA  1 
ATOM   570  C  C   . TRP A 1 82  ? -12.852 -8.183  0.340   1.00 30.48 ? 82  TRP A C   1 
ATOM   571  O  O   . TRP A 1 82  ? -13.505 -9.184  0.299   1.00 29.33 ? 82  TRP A O   1 
ATOM   572  C  CB  . TRP A 1 82  ? -13.084 -6.082  1.703   1.00 32.45 ? 82  TRP A CB  1 
ATOM   573  C  CG  . TRP A 1 82  ? -13.219 -5.498  3.104   1.00 34.89 ? 82  TRP A CG  1 
ATOM   574  C  CD1 . TRP A 1 82  ? -12.908 -6.126  4.294   1.00 36.46 ? 82  TRP A CD1 1 
ATOM   575  C  CD2 . TRP A 1 82  ? -13.762 -4.211  3.471   1.00 35.91 ? 82  TRP A CD2 1 
ATOM   576  N  NE1 . TRP A 1 82  ? -13.210 -5.299  5.358   1.00 34.16 ? 82  TRP A NE1 1 
ATOM   577  C  CE2 . TRP A 1 82  ? -13.710 -4.118  4.885   1.00 35.08 ? 82  TRP A CE2 1 
ATOM   578  C  CE3 . TRP A 1 82  ? -14.273 -3.120  2.738   1.00 36.77 ? 82  TRP A CE3 1 
ATOM   579  C  CZ2 . TRP A 1 82  ? -14.148 -2.961  5.598   1.00 37.12 ? 82  TRP A CZ2 1 
ATOM   580  C  CZ3 . TRP A 1 82  ? -14.704 -1.975  3.430   1.00 35.69 ? 82  TRP A CZ3 1 
ATOM   581  C  CH2 . TRP A 1 82  ? -14.643 -1.912  4.852   1.00 37.21 ? 82  TRP A CH2 1 
ATOM   582  N  N   . HIS A 1 83  ? -12.285 -7.674  -0.782  1.00 30.38 ? 83  HIS A N   1 
ATOM   583  C  CA  . HIS A 1 83  ? -12.695 -8.370  -1.999  1.00 29.88 ? 83  HIS A CA  1 
ATOM   584  C  C   . HIS A 1 83  ? -11.494 -8.964  -2.740  1.00 31.78 ? 83  HIS A C   1 
ATOM   585  O  O   . HIS A 1 83  ? -11.587 -9.271  -3.929  1.00 31.83 ? 83  HIS A O   1 
ATOM   586  C  CB  . HIS A 1 83  ? -13.572 -7.523  -2.908  1.00 31.04 ? 83  HIS A CB  1 
ATOM   587  C  CG  . HIS A 1 83  ? -14.660 -6.788  -2.170  1.00 31.61 ? 83  HIS A CG  1 
ATOM   588  N  ND1 . HIS A 1 83  ? -14.481 -5.519  -1.678  1.00 32.84 ? 83  HIS A ND1 1 
ATOM   589  C  CD2 . HIS A 1 83  ? -15.879 -7.185  -1.738  1.00 34.43 ? 83  HIS A CD2 1 
ATOM   590  C  CE1 . HIS A 1 83  ? -15.566 -5.140  -1.015  1.00 32.77 ? 83  HIS A CE1 1 
ATOM   591  N  NE2 . HIS A 1 83  ? -16.415 -6.146  -1.020  1.00 34.54 ? 83  HIS A NE2 1 
ATOM   592  N  N   . LYS A 1 84  ? -10.393 -9.153  -2.006  1.00 31.89 ? 84  LYS A N   1 
ATOM   593  C  CA  . LYS A 1 84  ? -9.215  -9.902  -2.482  1.00 31.70 ? 84  LYS A CA  1 
ATOM   594  C  C   . LYS A 1 84  ? -8.588  -9.246  -3.732  1.00 33.14 ? 84  LYS A C   1 
ATOM   595  O  O   . LYS A 1 84  ? -7.924  -9.912  -4.507  1.00 32.10 ? 84  LYS A O   1 
ATOM   596  C  CB  . LYS A 1 84  ? -9.567  -11.359 -2.745  1.00 31.06 ? 84  LYS A CB  1 
ATOM   597  C  CG  . LYS A 1 84  ? -10.312 -12.076 -1.527  1.00 30.64 ? 84  LYS A CG  1 
ATOM   598  C  CD  . LYS A 1 84  ? -9.668  -11.837 -0.205  1.00 32.36 ? 84  LYS A CD  1 
ATOM   599  C  CE  . LYS A 1 84  ? -10.285 -12.839 0.856   1.00 38.66 ? 84  LYS A CE  1 
ATOM   600  N  NZ  . LYS A 1 84  ? -10.202 -12.300 2.277   1.00 42.06 ? 84  LYS A NZ  1 
ATOM   601  N  N   . TYR A 1 85  ? -8.737  -7.931  -3.882  1.00 33.63 ? 85  TYR A N   1 
ATOM   602  C  CA  . TYR A 1 85  ? -8.009  -7.256  -4.965  1.00 34.59 ? 85  TYR A CA  1 
ATOM   603  C  C   . TYR A 1 85  ? -6.498  -7.300  -4.651  1.00 35.22 ? 85  TYR A C   1 
ATOM   604  O  O   . TYR A 1 85  ? -6.096  -7.230  -3.486  1.00 34.27 ? 85  TYR A O   1 
ATOM   605  C  CB  . TYR A 1 85  ? -8.439  -5.824  -5.187  1.00 34.05 ? 85  TYR A CB  1 
ATOM   606  C  CG  . TYR A 1 85  ? -9.712  -5.674  -5.975  1.00 33.39 ? 85  TYR A CG  1 
ATOM   607  C  CD1 . TYR A 1 85  ? -10.731 -6.665  -5.933  1.00 33.28 ? 85  TYR A CD1 1 
ATOM   608  C  CD2 . TYR A 1 85  ? -9.917  -4.534  -6.721  1.00 33.67 ? 85  TYR A CD2 1 
ATOM   609  C  CE1 . TYR A 1 85  ? -11.901 -6.528  -6.670  1.00 32.12 ? 85  TYR A CE1 1 
ATOM   610  C  CE2 . TYR A 1 85  ? -11.088 -4.355  -7.432  1.00 36.57 ? 85  TYR A CE2 1 
ATOM   611  C  CZ  . TYR A 1 85  ? -12.072 -5.356  -7.397  1.00 35.84 ? 85  TYR A CZ  1 
ATOM   612  O  OH  . TYR A 1 85  ? -13.167 -5.183  -8.138  1.00 31.52 ? 85  TYR A OH  1 
ATOM   613  N  N   . LYS A 1 86  ? -5.698  -7.431  -5.692  1.00 34.93 ? 86  LYS A N   1 
ATOM   614  C  CA  . LYS A 1 86  ? -4.257  -7.600  -5.543  1.00 36.39 ? 86  LYS A CA  1 
ATOM   615  C  C   . LYS A 1 86  ? -3.610  -6.315  -5.957  1.00 36.21 ? 86  LYS A C   1 
ATOM   616  O  O   . LYS A 1 86  ? -3.843  -5.820  -7.054  1.00 35.92 ? 86  LYS A O   1 
ATOM   617  C  CB  . LYS A 1 86  ? -3.761  -8.718  -6.421  1.00 36.57 ? 86  LYS A CB  1 
ATOM   618  C  CG  . LYS A 1 86  ? -4.512  -10.081 -6.221  1.00 38.21 ? 86  LYS A CG  1 
ATOM   619  C  CD  . LYS A 1 86  ? -4.031  -10.948 -7.422  1.00 41.31 ? 86  LYS A CD  1 
ATOM   620  C  CE  . LYS A 1 86  ? -4.387  -12.394 -7.232  1.00 46.04 ? 86  LYS A CE  1 
ATOM   621  N  NZ  . LYS A 1 86  ? -5.815  -12.689 -7.542  1.00 46.41 ? 86  LYS A NZ  1 
ATOM   622  N  N   . ILE A 1 87  ? -2.818  -5.755  -5.050  1.00 35.80 ? 87  ILE A N   1 
ATOM   623  C  CA  . ILE A 1 87  ? -2.154  -4.482  -5.318  1.00 34.37 ? 87  ILE A CA  1 
ATOM   624  C  C   . ILE A 1 87  ? -0.657  -4.645  -5.167  1.00 35.24 ? 87  ILE A C   1 
ATOM   625  O  O   . ILE A 1 87  ? -0.205  -5.084  -4.098  1.00 33.39 ? 87  ILE A O   1 
ATOM   626  C  CB  . ILE A 1 87  ? -2.658  -3.426  -4.306  1.00 35.19 ? 87  ILE A CB  1 
ATOM   627  C  CG1 . ILE A 1 87  ? -4.166  -3.234  -4.577  1.00 32.85 ? 87  ILE A CG1 1 
ATOM   628  C  CG2 . ILE A 1 87  ? -1.825  -2.114  -4.432  1.00 32.28 ? 87  ILE A CG2 1 
ATOM   629  C  CD1 . ILE A 1 87  ? -4.962  -2.614  -3.417  1.00 33.74 ? 87  ILE A CD1 1 
ATOM   630  N  N   . THR A 1 88  ? 0.109   -4.266  -6.196  1.00 32.82 ? 88  THR A N   1 
ATOM   631  C  CA  . THR A 1 88  ? 1.558   -4.454  -6.096  1.00 34.57 ? 88  THR A CA  1 
ATOM   632  C  C   . THR A 1 88  ? 2.131   -3.522  -5.013  1.00 34.38 ? 88  THR A C   1 
ATOM   633  O  O   . THR A 1 88  ? 1.681   -2.411  -4.858  1.00 34.53 ? 88  THR A O   1 
ATOM   634  C  CB  . THR A 1 88  ? 2.300   -4.182  -7.428  1.00 34.35 ? 88  THR A CB  1 
ATOM   635  O  OG1 . THR A 1 88  ? 2.046   -2.845  -7.845  1.00 35.21 ? 88  THR A OG1 1 
ATOM   636  C  CG2 . THR A 1 88  ? 1.844   -5.139  -8.536  1.00 33.63 ? 88  THR A CG2 1 
ATOM   637  N  N   . LEU A 1 89  ? 3.069   -4.041  -4.242  1.00 34.00 ? 89  LEU A N   1 
ATOM   638  C  CA  . LEU A 1 89  ? 3.722   -3.305  -3.162  1.00 35.35 ? 89  LEU A CA  1 
ATOM   639  C  C   . LEU A 1 89  ? 4.556   -2.183  -3.759  1.00 35.40 ? 89  LEU A C   1 
ATOM   640  O  O   . LEU A 1 89  ? 4.544   -1.068  -3.229  1.00 36.23 ? 89  LEU A O   1 
ATOM   641  C  CB  . LEU A 1 89  ? 4.630   -4.277  -2.355  1.00 33.99 ? 89  LEU A CB  1 
ATOM   642  C  CG  . LEU A 1 89  ? 3.899   -5.309  -1.447  1.00 32.97 ? 89  LEU A CG  1 
ATOM   643  C  CD1 . LEU A 1 89  ? 4.933   -5.954  -0.502  1.00 31.94 ? 89  LEU A CD1 1 
ATOM   644  C  CD2 . LEU A 1 89  ? 2.759   -4.726  -0.678  1.00 30.27 ? 89  LEU A CD2 1 
ATOM   645  N  N   . ALA A 1 90  ? 5.207   -2.467  -4.882  1.00 34.20 ? 90  ALA A N   1 
ATOM   646  C  CA  . ALA A 1 90  ? 6.202   -1.567  -5.449  1.00 36.25 ? 90  ALA A CA  1 
ATOM   647  C  C   . ALA A 1 90  ? 5.549   -0.432  -6.224  1.00 36.66 ? 90  ALA A C   1 
ATOM   648  O  O   . ALA A 1 90  ? 6.052   0.670   -6.175  1.00 36.43 ? 90  ALA A O   1 
ATOM   649  C  CB  . ALA A 1 90  ? 7.202   -2.311  -6.363  1.00 35.66 ? 90  ALA A CB  1 
ATOM   650  N  N   . THR A 1 91  ? 4.421   -0.701  -6.912  1.00 34.82 ? 91  THR A N   1 
ATOM   651  C  CA  . THR A 1 91  ? 3.811   0.340   -7.741  1.00 35.01 ? 91  THR A CA  1 
ATOM   652  C  C   . THR A 1 91  ? 2.328   0.711   -7.511  1.00 35.56 ? 91  THR A C   1 
ATOM   653  O  O   . THR A 1 91  ? 1.843   1.644   -8.160  1.00 36.37 ? 91  THR A O   1 
ATOM   654  C  CB  . THR A 1 91  ? 4.005   0.014   -9.254  1.00 34.11 ? 91  THR A CB  1 
ATOM   655  O  OG1 . THR A 1 91  ? 3.549   -1.330  -9.517  1.00 35.18 ? 91  THR A OG1 1 
ATOM   656  C  CG2 . THR A 1 91  ? 5.461   0.156   -9.628  1.00 33.96 ? 91  THR A CG2 1 
ATOM   657  N  N   . GLY A 1 92  ? 1.617   -0.007  -6.639  1.00 33.49 ? 92  GLY A N   1 
ATOM   658  C  CA  . GLY A 1 92  ? 0.231   0.305   -6.396  1.00 34.48 ? 92  GLY A CA  1 
ATOM   659  C  C   . GLY A 1 92  ? -0.674  -0.068  -7.559  1.00 35.00 ? 92  GLY A C   1 
ATOM   660  O  O   . GLY A 1 92  ? -1.765  0.467   -7.683  1.00 34.54 ? 92  GLY A O   1 
ATOM   661  N  N   . GLU A 1 93  ? -0.249  -1.052  -8.350  1.00 35.53 ? 93  GLU A N   1 
ATOM   662  C  CA  . GLU A 1 93  ? -1.028  -1.486  -9.495  1.00 36.08 ? 93  GLU A CA  1 
ATOM   663  C  C   . GLU A 1 93  ? -2.007  -2.556  -9.024  1.00 37.33 ? 93  GLU A C   1 
ATOM   664  O  O   . GLU A 1 93  ? -1.600  -3.528  -8.421  1.00 34.20 ? 93  GLU A O   1 
ATOM   665  C  CB  . GLU A 1 93  ? -0.128  -2.089  -10.585 1.00 35.02 ? 93  GLU A CB  1 
ATOM   666  C  CG  . GLU A 1 93  ? 0.794   -1.110  -11.365 1.00 31.69 ? 93  GLU A CG  1 
ATOM   667  C  CD  . GLU A 1 93  ? 1.745   -1.840  -12.268 1.00 34.65 ? 93  GLU A CD  1 
ATOM   668  O  OE1 . GLU A 1 93  ? 1.310   -2.418  -13.296 1.00 37.63 ? 93  GLU A OE1 1 
ATOM   669  O  OE2 . GLU A 1 93  ? 2.952   -1.841  -11.988 1.00 33.35 ? 93  GLU A OE2 1 
ATOM   670  N  N   . GLY A 1 94  ? -3.280  -2.389  -9.393  1.00 39.26 ? 94  GLY A N   1 
ATOM   671  C  CA  . GLY A 1 94  ? -4.273  -3.479  -9.438  1.00 39.94 ? 94  GLY A CA  1 
ATOM   672  C  C   . GLY A 1 94  ? -3.872  -4.527  -10.455 1.00 40.96 ? 94  GLY A C   1 
ATOM   673  O  O   . GLY A 1 94  ? -3.700  -4.233  -11.645 1.00 41.85 ? 94  GLY A O   1 
ATOM   674  N  N   . LEU A 1 95  ? -3.702  -5.765  -10.012 1.00 41.80 ? 95  LEU A N   1 
ATOM   675  C  CA  . LEU A 1 95  ? -3.330  -6.859  -10.925 1.00 43.32 ? 95  LEU A CA  1 
ATOM   676  C  C   . LEU A 1 95  ? -4.454  -7.871  -11.044 1.00 44.62 ? 95  LEU A C   1 
ATOM   677  O  O   . LEU A 1 95  ? -5.182  -8.171  -10.058 1.00 44.46 ? 95  LEU A O   1 
ATOM   678  C  CB  . LEU A 1 95  ? -2.103  -7.612  -10.397 1.00 43.50 ? 95  LEU A CB  1 
ATOM   679  C  CG  . LEU A 1 95  ? -0.748  -6.976  -10.384 1.00 43.89 ? 95  LEU A CG  1 
ATOM   680  C  CD1 . LEU A 1 95  ? 0.197   -8.088  -9.974  1.00 42.62 ? 95  LEU A CD1 1 
ATOM   681  C  CD2 . LEU A 1 95  ? -0.394  -6.502  -11.817 1.00 46.24 ? 95  LEU A CD2 1 
ATOM   682  N  N   . TYR A 1 96  ? -4.584  -8.423  -12.245 1.00 45.03 ? 96  TYR A N   1 
ATOM   683  C  CA  . TYR A 1 96  ? -5.534  -9.497  -12.496 1.00 45.51 ? 96  TYR A CA  1 
ATOM   684  C  C   . TYR A 1 96  ? -5.068  -10.433 -13.630 1.00 45.91 ? 96  TYR A C   1 
ATOM   685  O  O   . TYR A 1 96  ? -4.214  -10.092 -14.499 1.00 45.16 ? 96  TYR A O   1 
ATOM   686  C  CB  . TYR A 1 96  ? -6.952  -8.933  -12.805 1.00 45.83 ? 96  TYR A CB  1 
ATOM   687  C  CG  . TYR A 1 96  ? -6.971  -8.085  -14.033 1.00 44.27 ? 96  TYR A CG  1 
ATOM   688  C  CD1 . TYR A 1 96  ? -6.471  -6.768  -13.984 1.00 50.00 ? 96  TYR A CD1 1 
ATOM   689  C  CD2 . TYR A 1 96  ? -7.436  -8.571  -15.255 1.00 46.02 ? 96  TYR A CD2 1 
ATOM   690  C  CE1 . TYR A 1 96  ? -6.427  -5.939  -15.148 1.00 47.47 ? 96  TYR A CE1 1 
ATOM   691  C  CE2 . TYR A 1 96  ? -7.430  -7.725  -16.444 1.00 46.29 ? 96  TYR A CE2 1 
ATOM   692  C  CZ  . TYR A 1 96  ? -6.921  -6.420  -16.359 1.00 44.35 ? 96  TYR A CZ  1 
ATOM   693  O  OH  . TYR A 1 96  ? -6.851  -5.579  -17.452 1.00 45.24 ? 96  TYR A OH  1 
ATOM   694  N  N   . GLN A 1 97  ? -5.640  -11.634 -13.612 1.00 46.30 ? 97  GLN A N   1 
ATOM   695  C  CA  . GLN A 1 97  ? -5.515  -12.538 -14.741 1.00 46.58 ? 97  GLN A CA  1 
ATOM   696  C  C   . GLN A 1 97  ? -6.717  -12.397 -15.656 1.00 45.88 ? 97  GLN A C   1 
ATOM   697  O  O   . GLN A 1 97  ? -7.863  -12.427 -15.205 1.00 44.56 ? 97  GLN A O   1 
ATOM   698  C  CB  . GLN A 1 97  ? -5.420  -13.984 -14.289 1.00 47.22 ? 97  GLN A CB  1 
ATOM   699  C  CG  . GLN A 1 97  ? -4.198  -14.430 -13.567 1.00 48.64 ? 97  GLN A CG  1 
ATOM   700  C  CD  . GLN A 1 97  ? -4.379  -15.901 -13.149 1.00 52.59 ? 97  GLN A CD  1 
ATOM   701  O  OE1 . GLN A 1 97  ? -4.138  -16.820 -13.939 1.00 53.02 ? 97  GLN A OE1 1 
ATOM   702  N  NE2 . GLN A 1 97  ? -4.862  -16.116 -11.924 1.00 51.22 ? 97  GLN A NE2 1 
ATOM   703  N  N   . SER A 1 98  ? -6.432  -12.257 -16.940 1.00 45.90 ? 98  SER A N   1 
ATOM   704  C  CA  . SER A 1 98  ? -7.437  -12.290 -17.960 1.00 47.24 ? 98  SER A CA  1 
ATOM   705  C  C   . SER A 1 98  ? -7.490  -13.699 -18.521 1.00 49.34 ? 98  SER A C   1 
ATOM   706  O  O   . SER A 1 98  ? -6.488  -14.209 -19.041 1.00 49.89 ? 98  SER A O   1 
ATOM   707  C  CB  . SER A 1 98  ? -7.103  -11.295 -19.078 1.00 47.10 ? 98  SER A CB  1 
ATOM   708  O  OG  . SER A 1 98  ? -8.101  -11.359 -20.084 1.00 45.34 ? 98  SER A OG  1 
ATOM   709  N  N   . ILE A 1 99  ? -8.677  -14.303 -18.441 1.00 51.39 ? 99  ILE A N   1 
ATOM   710  C  CA  . ILE A 1 99  ? -8.919  -15.720 -18.778 1.00 52.93 ? 99  ILE A CA  1 
ATOM   711  C  C   . ILE A 1 99  ? -9.877  -15.795 -19.982 1.00 54.29 ? 99  ILE A C   1 
ATOM   712  O  O   . ILE A 1 99  ? -10.874 -15.059 -20.036 1.00 54.71 ? 99  ILE A O   1 
ATOM   713  C  CB  . ILE A 1 99  ? -9.498  -16.500 -17.522 1.00 52.30 ? 99  ILE A CB  1 
ATOM   714  C  CG1 . ILE A 1 99  ? -8.557  -16.385 -16.313 1.00 51.54 ? 99  ILE A CG1 1 
ATOM   715  C  CG2 . ILE A 1 99  ? -9.810  -17.982 -17.834 1.00 53.70 ? 99  ILE A CG2 1 
ATOM   716  C  CD1 . ILE A 1 99  ? -9.269  -16.092 -14.994 1.00 46.37 ? 99  ILE A CD1 1 
ATOM   717  N  N   . ASN A 1 100 ? -9.566  -16.653 -20.954 1.00 55.52 ? 100 ASN A N   1 
ATOM   718  C  CA  . ASN A 1 100 ? -10.478 -16.864 -22.075 1.00 56.83 ? 100 ASN A CA  1 
ATOM   719  C  C   . ASN A 1 100 ? -11.189 -18.220 -22.062 1.00 57.31 ? 100 ASN A C   1 
ATOM   720  O  O   . ASN A 1 100 ? -10.673 -19.192 -22.634 1.00 57.84 ? 100 ASN A O   1 
ATOM   721  C  CB  . ASN A 1 100 ? -9.786  -16.642 -23.420 1.00 57.18 ? 100 ASN A CB  1 
ATOM   722  C  CG  . ASN A 1 100 ? -10.779 -16.327 -24.534 1.00 58.52 ? 100 ASN A CG  1 
ATOM   723  O  OD1 . ASN A 1 100 ? -11.525 -17.208 -25.003 1.00 55.73 ? 100 ASN A OD1 1 
ATOM   724  N  ND2 . ASN A 1 100 ? -10.808 -15.048 -24.947 1.00 59.65 ? 100 ASN A ND2 1 
ATOM   725  N  N   . PRO A 1 101 ? -12.408 -18.272 -21.467 1.00 57.70 ? 101 PRO A N   1 
ATOM   726  C  CA  . PRO A 1 101 ? -13.221 -19.484 -21.178 1.00 57.67 ? 101 PRO A CA  1 
ATOM   727  C  C   . PRO A 1 101 ? -13.319 -20.495 -22.328 1.00 57.26 ? 101 PRO A C   1 
ATOM   728  O  O   . PRO A 1 101 ? -13.234 -20.109 -23.494 1.00 57.24 ? 101 PRO A O   1 
ATOM   729  C  CB  . PRO A 1 101 ? -14.617 -18.908 -20.895 1.00 57.78 ? 101 PRO A CB  1 
ATOM   730  C  CG  . PRO A 1 101 ? -14.549 -17.441 -21.318 1.00 57.63 ? 101 PRO A CG  1 
ATOM   731  C  CD  . PRO A 1 101 ? -13.133 -17.048 -21.078 1.00 57.45 ? 101 PRO A CD  1 
ATOM   732  N  N   . LYS A 1 107 ? -4.256  -20.657 -21.312 1.00 52.92 ? 107 LYS A N   1 
ATOM   733  C  CA  . LYS A 1 107 ? -3.298  -20.145 -20.334 1.00 53.38 ? 107 LYS A CA  1 
ATOM   734  C  C   . LYS A 1 107 ? -3.609  -18.693 -19.857 1.00 53.00 ? 107 LYS A C   1 
ATOM   735  O  O   . LYS A 1 107 ? -3.480  -17.739 -20.635 1.00 53.19 ? 107 LYS A O   1 
ATOM   736  C  CB  . LYS A 1 107 ? -1.889  -20.240 -20.917 1.00 53.22 ? 107 LYS A CB  1 
ATOM   737  C  CG  . LYS A 1 107 ? -0.774  -20.273 -19.880 1.00 54.17 ? 107 LYS A CG  1 
ATOM   738  C  CD  . LYS A 1 107 ? 0.610   -20.037 -20.528 1.00 54.72 ? 107 LYS A CD  1 
ATOM   739  C  CE  . LYS A 1 107 ? 1.005   -18.550 -20.566 1.00 56.01 ? 107 LYS A CE  1 
ATOM   740  N  NZ  . LYS A 1 107 ? 0.803   -17.825 -19.261 1.00 56.35 ? 107 LYS A NZ  1 
ATOM   741  N  N   . PRO A 1 108 ? -4.051  -18.527 -18.584 1.00 52.64 ? 108 PRO A N   1 
ATOM   742  C  CA  . PRO A 1 108 ? -4.264  -17.184 -17.998 1.00 52.07 ? 108 PRO A CA  1 
ATOM   743  C  C   . PRO A 1 108 ? -3.067  -16.203 -18.074 1.00 51.06 ? 108 PRO A C   1 
ATOM   744  O  O   . PRO A 1 108 ? -1.913  -16.566 -17.802 1.00 51.00 ? 108 PRO A O   1 
ATOM   745  C  CB  . PRO A 1 108 ? -4.650  -17.478 -16.531 1.00 52.11 ? 108 PRO A CB  1 
ATOM   746  C  CG  . PRO A 1 108 ? -4.275  -18.920 -16.294 1.00 52.53 ? 108 PRO A CG  1 
ATOM   747  C  CD  . PRO A 1 108 ? -4.435  -19.591 -17.632 1.00 52.95 ? 108 PRO A CD  1 
ATOM   748  N  N   . LYS A 1 109 ? -3.369  -14.964 -18.439 1.00 49.63 ? 109 LYS A N   1 
ATOM   749  C  CA  . LYS A 1 109 ? -2.350  -13.944 -18.601 1.00 48.39 ? 109 LYS A CA  1 
ATOM   750  C  C   . LYS A 1 109 ? -2.577  -12.807 -17.622 1.00 47.32 ? 109 LYS A C   1 
ATOM   751  O  O   . LYS A 1 109 ? -3.701  -12.357 -17.416 1.00 46.47 ? 109 LYS A O   1 
ATOM   752  C  CB  . LYS A 1 109 ? -2.329  -13.424 -20.045 1.00 48.48 ? 109 LYS A CB  1 
ATOM   753  C  CG  . LYS A 1 109 ? -2.057  -14.487 -21.101 1.00 48.27 ? 109 LYS A CG  1 
ATOM   754  C  CD  . LYS A 1 109 ? -0.548  -14.796 -21.255 1.00 48.40 ? 109 LYS A CD  1 
ATOM   755  C  CE  . LYS A 1 109 ? -0.269  -15.912 -22.283 1.00 48.03 ? 109 LYS A CE  1 
ATOM   756  N  NZ  . LYS A 1 109 ? -0.781  -15.656 -23.659 1.00 48.01 ? 109 LYS A NZ  1 
ATOM   757  N  N   . TRP A 1 110 ? -1.483  -12.360 -17.023 1.00 46.18 ? 110 TRP A N   1 
ATOM   758  C  CA  . TRP A 1 110 ? -1.505  -11.309 -16.025 1.00 45.75 ? 110 TRP A CA  1 
ATOM   759  C  C   . TRP A 1 110 ? -1.579  -9.934  -16.686 1.00 44.56 ? 110 TRP A C   1 
ATOM   760  O  O   . TRP A 1 110 ? -0.904  -9.690  -17.683 1.00 42.89 ? 110 TRP A O   1 
ATOM   761  C  CB  . TRP A 1 110 ? -0.263  -11.414 -15.147 1.00 45.61 ? 110 TRP A CB  1 
ATOM   762  C  CG  . TRP A 1 110 ? -0.352  -12.549 -14.239 1.00 46.40 ? 110 TRP A CG  1 
ATOM   763  C  CD1 . TRP A 1 110 ? 0.205   -13.800 -14.400 1.00 45.90 ? 110 TRP A CD1 1 
ATOM   764  C  CD2 . TRP A 1 110 ? -1.083  -12.578 -13.007 1.00 45.33 ? 110 TRP A CD2 1 
ATOM   765  N  NE1 . TRP A 1 110 ? -0.127  -14.601 -13.311 1.00 45.91 ? 110 TRP A NE1 1 
ATOM   766  C  CE2 . TRP A 1 110 ? -0.914  -13.881 -12.445 1.00 46.03 ? 110 TRP A CE2 1 
ATOM   767  C  CE3 . TRP A 1 110 ? -1.861  -11.634 -12.318 1.00 45.31 ? 110 TRP A CE3 1 
ATOM   768  C  CZ2 . TRP A 1 110 ? -1.502  -14.264 -11.202 1.00 46.18 ? 110 TRP A CZ2 1 
ATOM   769  C  CZ3 . TRP A 1 110 ? -2.450  -12.018 -11.060 1.00 46.50 ? 110 TRP A CZ3 1 
ATOM   770  C  CH2 . TRP A 1 110 ? -2.277  -13.328 -10.543 1.00 44.84 ? 110 TRP A CH2 1 
ATOM   771  N  N   . CYS A 1 111 ? -2.400  -9.072  -16.087 1.00 43.73 ? 111 CYS A N   1 
ATOM   772  C  CA  . CYS A 1 111 ? -2.763  -7.744  -16.608 1.00 43.51 ? 111 CYS A CA  1 
ATOM   773  C  C   . CYS A 1 111 ? -2.838  -6.679  -15.527 1.00 42.24 ? 111 CYS A C   1 
ATOM   774  O  O   . CYS A 1 111 ? -3.082  -6.987  -14.368 1.00 41.79 ? 111 CYS A O   1 
ATOM   775  C  CB  . CYS A 1 111 ? -4.144  -7.809  -17.265 1.00 43.86 ? 111 CYS A CB  1 
ATOM   776  S  SG  . CYS A 1 111 ? -4.161  -8.811  -18.738 1.00 46.60 ? 111 CYS A SG  1 
ATOM   777  N  N   . SER A 1 112 ? -2.688  -5.420  -15.913 1.00 40.36 ? 112 SER A N   1 
ATOM   778  C  CA  . SER A 1 112 ? -2.728  -4.304  -14.944 1.00 38.78 ? 112 SER A CA  1 
ATOM   779  C  C   . SER A 1 112 ? -3.624  -3.188  -15.453 1.00 38.54 ? 112 SER A C   1 
ATOM   780  O  O   . SER A 1 112 ? -3.700  -2.924  -16.673 1.00 37.11 ? 112 SER A O   1 
ATOM   781  C  CB  . SER A 1 112 ? -1.296  -3.746  -14.730 1.00 38.60 ? 112 SER A CB  1 
ATOM   782  O  OG  . SER A 1 112 ? -1.300  -2.473  -14.090 1.00 36.33 ? 112 SER A OG  1 
ATOM   783  N  N   . LYS A 1 113 ? -4.217  -2.443  -14.530 1.00 39.27 ? 113 LYS A N   1 
ATOM   784  C  CA  . LYS A 1 113 ? -4.891  -1.190  -14.956 1.00 39.20 ? 113 LYS A CA  1 
ATOM   785  C  C   . LYS A 1 113 ? -4.146  0.074   -14.569 1.00 37.38 ? 113 LYS A C   1 
ATOM   786  O  O   . LYS A 1 113 ? -4.719  1.161   -14.561 1.00 37.70 ? 113 LYS A O   1 
ATOM   787  C  CB  . LYS A 1 113 ? -6.328  -1.132  -14.432 1.00 42.14 ? 113 LYS A CB  1 
ATOM   788  C  CG  . LYS A 1 113 ? -7.449  -1.141  -15.527 1.00 43.01 ? 113 LYS A CG  1 
ATOM   789  C  CD  . LYS A 1 113 ? -8.684  -1.683  -14.814 1.00 49.68 ? 113 LYS A CD  1 
ATOM   790  C  CE  . LYS A 1 113 ? -9.771  -2.185  -15.742 1.00 52.37 ? 113 LYS A CE  1 
ATOM   791  N  NZ  . LYS A 1 113 ? -10.954 -2.599  -14.877 1.00 52.14 ? 113 LYS A NZ  1 
ATOM   792  N  N   . GLY A 1 114 ? -2.856  -0.050  -14.308 1.00 35.65 ? 114 GLY A N   1 
ATOM   793  C  CA  . GLY A 1 114 ? -2.067  1.137   -14.013 1.00 33.82 ? 114 GLY A CA  1 
ATOM   794  C  C   . GLY A 1 114 ? -2.083  1.322   -12.506 1.00 33.37 ? 114 GLY A C   1 
ATOM   795  O  O   . GLY A 1 114 ? -2.587  0.459   -11.790 1.00 33.36 ? 114 GLY A O   1 
ATOM   796  N  N   . VAL A 1 115 ? -1.620  2.472   -12.028 1.00 32.79 ? 115 VAL A N   1 
ATOM   797  C  CA  . VAL A 1 115 ? -1.530  2.751   -10.547 1.00 33.84 ? 115 VAL A CA  1 
ATOM   798  C  C   . VAL A 1 115 ? -2.957  3.017   -10.024 1.00 34.57 ? 115 VAL A C   1 
ATOM   799  O  O   . VAL A 1 115 ? -3.713  3.874   -10.577 1.00 34.43 ? 115 VAL A O   1 
ATOM   800  C  CB  . VAL A 1 115 ? -0.612  3.970   -10.265 1.00 33.90 ? 115 VAL A CB  1 
ATOM   801  C  CG1 . VAL A 1 115 ? -0.552  4.324   -8.766  1.00 31.20 ? 115 VAL A CG1 1 
ATOM   802  C  CG2 . VAL A 1 115 ? 0.835   3.773   -10.867 1.00 33.60 ? 115 VAL A CG2 1 
ATOM   803  N  N   . LYS A 1 116 ? -3.357  2.219   -9.043  1.00 33.94 ? 116 LYS A N   1 
ATOM   804  C  CA  . LYS A 1 116 ? -4.638  2.376   -8.381  1.00 34.60 ? 116 LYS A CA  1 
ATOM   805  C  C   . LYS A 1 116 ? -4.417  2.851   -6.950  1.00 36.35 ? 116 LYS A C   1 
ATOM   806  O  O   . LYS A 1 116 ? -5.209  3.643   -6.395  1.00 36.12 ? 116 LYS A O   1 
ATOM   807  C  CB  . LYS A 1 116 ? -5.360  1.015   -8.366  1.00 34.93 ? 116 LYS A CB  1 
ATOM   808  C  CG  . LYS A 1 116 ? -5.887  0.553   -9.729  1.00 36.71 ? 116 LYS A CG  1 
ATOM   809  C  CD  . LYS A 1 116 ? -6.694  1.665   -10.338 1.00 37.08 ? 116 LYS A CD  1 
ATOM   810  C  CE  . LYS A 1 116 ? -7.611  1.205   -11.436 1.00 39.69 ? 116 LYS A CE  1 
ATOM   811  N  NZ  . LYS A 1 116 ? -8.565  2.296   -11.705 1.00 39.79 ? 116 LYS A NZ  1 
ATOM   812  N  N   . GLN A 1 117 ? -3.361  2.327   -6.326  1.00 36.23 ? 117 GLN A N   1 
ATOM   813  C  CA  . GLN A 1 117 ? -3.102  2.599   -4.905  1.00 37.34 ? 117 GLN A CA  1 
ATOM   814  C  C   . GLN A 1 117 ? -1.878  3.492   -4.755  1.00 37.69 ? 117 GLN A C   1 
ATOM   815  O  O   . GLN A 1 117 ? -0.761  3.122   -5.187  1.00 37.71 ? 117 GLN A O   1 
ATOM   816  C  CB  . GLN A 1 117 ? -2.858  1.294   -4.135  1.00 36.96 ? 117 GLN A CB  1 
ATOM   817  C  CG  . GLN A 1 117 ? -2.977  1.454   -2.613  1.00 36.32 ? 117 GLN A CG  1 
ATOM   818  C  CD  . GLN A 1 117 ? -4.408  1.594   -2.163  1.00 35.64 ? 117 GLN A CD  1 
ATOM   819  O  OE1 . GLN A 1 117 ? -5.364  1.243   -2.902  1.00 33.21 ? 117 GLN A OE1 1 
ATOM   820  N  NE2 . GLN A 1 117 ? -4.587  2.125   -0.942  1.00 32.46 ? 117 GLN A NE2 1 
ATOM   821  N  N   . ARG A 1 118 ? -2.077  4.671   -4.169  1.00 37.71 ? 118 ARG A N   1 
ATOM   822  C  CA  . ARG A 1 118 ? -0.969  5.635   -4.064  1.00 37.98 ? 118 ARG A CA  1 
ATOM   823  C  C   . ARG A 1 118 ? 0.181   5.079   -3.199  1.00 37.27 ? 118 ARG A C   1 
ATOM   824  O  O   . ARG A 1 118 ? -0.012  4.712   -1.998  1.00 37.04 ? 118 ARG A O   1 
ATOM   825  C  CB  . ARG A 1 118 ? -1.426  7.007   -3.533  1.00 38.02 ? 118 ARG A CB  1 
ATOM   826  C  CG  . ARG A 1 118 ? -0.323  8.103   -3.619  1.00 39.40 ? 118 ARG A CG  1 
ATOM   827  C  CD  . ARG A 1 118 ? -0.860  9.499   -3.314  1.00 38.52 ? 118 ARG A CD  1 
ATOM   828  N  NE  . ARG A 1 118 ? -1.763  9.961   -4.391  1.00 38.06 ? 118 ARG A NE  1 
ATOM   829  C  CZ  . ARG A 1 118 ? -1.389  10.477  -5.577  1.00 37.93 ? 118 ARG A CZ  1 
ATOM   830  N  NH1 . ARG A 1 118 ? -0.112  10.644  -5.916  1.00 34.56 ? 118 ARG A NH1 1 
ATOM   831  N  NH2 . ARG A 1 118 ? -2.328  10.812  -6.454  1.00 38.47 ? 118 ARG A NH2 1 
ATOM   832  N  N   . ILE A 1 119 ? 1.364   5.004   -3.816  1.00 36.09 ? 119 ILE A N   1 
ATOM   833  C  CA  . ILE A 1 119 ? 2.580   4.514   -3.145  1.00 36.00 ? 119 ILE A CA  1 
ATOM   834  C  C   . ILE A 1 119 ? 3.337   5.729   -2.651  1.00 36.74 ? 119 ILE A C   1 
ATOM   835  O  O   . ILE A 1 119 ? 3.606   6.614   -3.416  1.00 36.50 ? 119 ILE A O   1 
ATOM   836  C  CB  . ILE A 1 119 ? 3.510   3.693   -4.109  1.00 35.96 ? 119 ILE A CB  1 
ATOM   837  C  CG1 . ILE A 1 119 ? 2.798   2.432   -4.653  1.00 34.90 ? 119 ILE A CG1 1 
ATOM   838  C  CG2 . ILE A 1 119 ? 4.892   3.401   -3.469  1.00 35.15 ? 119 ILE A CG2 1 
ATOM   839  C  CD1 . ILE A 1 119 ? 2.320   1.419   -3.544  1.00 30.88 ? 119 ILE A CD1 1 
ATOM   840  N  N   . HIS A 1 120 ? 3.664   5.770   -1.362  1.00 36.85 ? 120 HIS A N   1 
ATOM   841  C  CA  . HIS A 1 120 ? 4.564   6.805   -0.819  1.00 38.96 ? 120 HIS A CA  1 
ATOM   842  C  C   . HIS A 1 120 ? 6.030   6.324   -0.682  1.00 39.25 ? 120 HIS A C   1 
ATOM   843  O  O   . HIS A 1 120 ? 6.335   5.124   -0.804  1.00 40.02 ? 120 HIS A O   1 
ATOM   844  C  CB  . HIS A 1 120 ? 4.007   7.303   0.534   1.00 38.05 ? 120 HIS A CB  1 
ATOM   845  C  CG  . HIS A 1 120 ? 2.541   7.596   0.469   1.00 38.96 ? 120 HIS A CG  1 
ATOM   846  N  ND1 . HIS A 1 120 ? 2.029   8.629   -0.286  1.00 36.58 ? 120 HIS A ND1 1 
ATOM   847  C  CD2 . HIS A 1 120 ? 1.474   6.954   1.011   1.00 35.27 ? 120 HIS A CD2 1 
ATOM   848  C  CE1 . HIS A 1 120 ? 0.711   8.631   -0.182  1.00 38.50 ? 120 HIS A CE1 1 
ATOM   849  N  NE2 . HIS A 1 120 ? 0.347   7.615   0.579   1.00 35.36 ? 120 HIS A NE2 1 
ATOM   850  N  N   . THR A 1 121 ? 6.913   7.263   -0.393  1.00 39.59 ? 121 THR A N   1 
ATOM   851  C  CA  . THR A 1 121 ? 8.332   6.984   -0.275  1.00 40.27 ? 121 THR A CA  1 
ATOM   852  C  C   . THR A 1 121 ? 8.833   6.633   1.139   1.00 40.15 ? 121 THR A C   1 
ATOM   853  O  O   . THR A 1 121 ? 8.598   7.367   2.104   1.00 39.80 ? 121 THR A O   1 
ATOM   854  C  CB  . THR A 1 121 ? 9.118   8.180   -0.811  1.00 40.22 ? 121 THR A CB  1 
ATOM   855  O  OG1 . THR A 1 121 ? 8.740   8.409   -2.182  1.00 41.98 ? 121 THR A OG1 1 
ATOM   856  C  CG2 . THR A 1 121 ? 10.624  7.930   -0.713  1.00 41.72 ? 121 THR A CG2 1 
ATOM   857  N  N   . VAL A 1 122 ? 9.597   5.543   1.230   1.00 41.00 ? 122 VAL A N   1 
ATOM   858  C  CA  . VAL A 1 122 ? 10.173  5.090   2.486   1.00 41.58 ? 122 VAL A CA  1 
ATOM   859  C  C   . VAL A 1 122 ? 11.699  5.003   2.423   1.00 43.48 ? 122 VAL A C   1 
ATOM   860  O  O   . VAL A 1 122 ? 12.266  4.454   1.461   1.00 43.53 ? 122 VAL A O   1 
ATOM   861  C  CB  . VAL A 1 122 ? 9.659   3.696   2.889   1.00 41.71 ? 122 VAL A CB  1 
ATOM   862  C  CG1 . VAL A 1 122 ? 10.052  3.396   4.338   1.00 38.28 ? 122 VAL A CG1 1 
ATOM   863  C  CG2 . VAL A 1 122 ? 8.190   3.609   2.716   1.00 40.94 ? 122 VAL A CG2 1 
ATOM   864  N  N   . LYS A 1 123 ? 12.334  5.549   3.463   1.00 44.58 ? 123 LYS A N   1 
ATOM   865  C  CA  . LYS A 1 123 ? 13.786  5.518   3.667   1.00 46.35 ? 123 LYS A CA  1 
ATOM   866  C  C   . LYS A 1 123 ? 14.040  5.109   5.113   1.00 46.16 ? 123 LYS A C   1 
ATOM   867  O  O   . LYS A 1 123 ? 13.258  5.468   6.018   1.00 46.09 ? 123 LYS A O   1 
ATOM   868  C  CB  . LYS A 1 123 ? 14.395  6.896   3.431   1.00 45.73 ? 123 LYS A CB  1 
ATOM   869  C  CG  . LYS A 1 123 ? 13.953  7.504   2.115   1.00 49.43 ? 123 LYS A CG  1 
ATOM   870  C  CD  . LYS A 1 123 ? 14.698  8.762   1.691   1.00 49.00 ? 123 LYS A CD  1 
ATOM   871  C  CE  . LYS A 1 123 ? 13.945  9.393   0.503   1.00 53.31 ? 123 LYS A CE  1 
ATOM   872  N  NZ  . LYS A 1 123 ? 14.401  8.923   -0.844  1.00 54.10 ? 123 LYS A NZ  1 
ATOM   873  N  N   . VAL A 1 124 ? 15.109  4.336   5.323   1.00 46.40 ? 124 VAL A N   1 
ATOM   874  C  CA  . VAL A 1 124 ? 15.611  4.104   6.671   1.00 46.88 ? 124 VAL A CA  1 
ATOM   875  C  C   . VAL A 1 124 ? 16.926  4.839   6.816   1.00 46.74 ? 124 VAL A C   1 
ATOM   876  O  O   . VAL A 1 124 ? 17.676  4.982   5.845   1.00 46.43 ? 124 VAL A O   1 
ATOM   877  C  CB  . VAL A 1 124 ? 15.704  2.588   7.084   1.00 47.39 ? 124 VAL A CB  1 
ATOM   878  C  CG1 . VAL A 1 124 ? 14.351  1.883   6.888   1.00 46.38 ? 124 VAL A CG1 1 
ATOM   879  C  CG2 . VAL A 1 124 ? 16.805  1.859   6.334   1.00 48.38 ? 124 VAL A CG2 1 
ATOM   880  N  N   . ASP A 1 125 ? 17.149  5.361   8.012   1.00 46.24 ? 125 ASP A N   1 
ATOM   881  C  CA  . ASP A 1 125 ? 18.375  6.068   8.373   1.00 46.97 ? 125 ASP A CA  1 
ATOM   882  C  C   . ASP A 1 125 ? 18.479  5.948   9.871   1.00 46.60 ? 125 ASP A C   1 
ATOM   883  O  O   . ASP A 1 125 ? 17.527  6.256   10.591  1.00 46.64 ? 125 ASP A O   1 
ATOM   884  C  CB  . ASP A 1 125 ? 18.304  7.544   7.962   1.00 47.02 ? 125 ASP A CB  1 
ATOM   885  C  CG  . ASP A 1 125 ? 19.580  8.303   8.278   1.00 48.06 ? 125 ASP A CG  1 
ATOM   886  O  OD1 . ASP A 1 125 ? 20.606  8.082   7.593   1.00 47.94 ? 125 ASP A OD1 1 
ATOM   887  O  OD2 . ASP A 1 125 ? 19.555  9.137   9.214   1.00 49.86 ? 125 ASP A OD2 1 
ATOM   888  N  N   . ASN A 1 126 ? 19.622  5.461   10.333  1.00 46.65 ? 126 ASN A N   1 
ATOM   889  C  CA  . ASN A 1 126 ? 19.859  5.281   11.758  1.00 46.94 ? 126 ASN A CA  1 
ATOM   890  C  C   . ASN A 1 126 ? 18.872  4.317   12.420  1.00 46.29 ? 126 ASN A C   1 
ATOM   891  O  O   . ASN A 1 126 ? 18.565  4.465   13.605  1.00 46.38 ? 126 ASN A O   1 
ATOM   892  C  CB  . ASN A 1 126 ? 19.801  6.631   12.483  1.00 47.56 ? 126 ASN A CB  1 
ATOM   893  C  CG  . ASN A 1 126 ? 21.077  7.399   12.373  1.00 48.66 ? 126 ASN A CG  1 
ATOM   894  O  OD1 . ASN A 1 126 ? 21.518  7.747   11.274  1.00 51.64 ? 126 ASN A OD1 1 
ATOM   895  N  ND2 . ASN A 1 126 ? 21.689  7.677   13.513  1.00 48.83 ? 126 ASN A ND2 1 
ATOM   896  N  N   . GLY A 1 127 ? 18.374  3.347   11.655  1.00 45.49 ? 127 GLY A N   1 
ATOM   897  C  CA  . GLY A 1 127 ? 17.341  2.443   12.164  1.00 44.79 ? 127 GLY A CA  1 
ATOM   898  C  C   . GLY A 1 127 ? 16.000  3.112   12.475  1.00 43.72 ? 127 GLY A C   1 
ATOM   899  O  O   . GLY A 1 127 ? 15.250  2.616   13.369  1.00 44.18 ? 127 GLY A O   1 
ATOM   900  N  N   . ASN A 1 128 ? 15.716  4.250   11.776  1.00 41.82 ? 128 ASN A N   1 
ATOM   901  C  CA  . ASN A 1 128 ? 14.423  4.880   11.875  1.00 40.23 ? 128 ASN A CA  1 
ATOM   902  C  C   . ASN A 1 128 ? 13.730  4.794   10.533  1.00 40.41 ? 128 ASN A C   1 
ATOM   903  O  O   . ASN A 1 128 ? 14.378  4.921   9.482   1.00 39.02 ? 128 ASN A O   1 
ATOM   904  C  CB  . ASN A 1 128 ? 14.542  6.338   12.282  1.00 40.14 ? 128 ASN A CB  1 
ATOM   905  C  CG  . ASN A 1 128 ? 14.883  6.525   13.761  1.00 40.64 ? 128 ASN A CG  1 
ATOM   906  O  OD1 . ASN A 1 128 ? 14.637  5.641   14.604  1.00 42.50 ? 128 ASN A OD1 1 
ATOM   907  N  ND2 . ASN A 1 128 ? 15.421  7.706   14.084  1.00 35.86 ? 128 ASN A ND2 1 
ATOM   908  N  N   . ILE A 1 129 ? 12.419  4.572   10.549  1.00 39.25 ? 129 ILE A N   1 
ATOM   909  C  CA  . ILE A 1 129 ? 11.669  4.551   9.290   1.00 39.89 ? 129 ILE A CA  1 
ATOM   910  C  C   . ILE A 1 129 ? 11.095  5.940   9.041   1.00 39.72 ? 129 ILE A C   1 
ATOM   911  O  O   . ILE A 1 129 ? 10.469  6.514   9.924   1.00 40.66 ? 129 ILE A O   1 
ATOM   912  C  CB  . ILE A 1 129 ? 10.615  3.430   9.282   1.00 40.15 ? 129 ILE A CB  1 
ATOM   913  C  CG1 . ILE A 1 129 ? 11.310  2.108   9.653   1.00 39.73 ? 129 ILE A CG1 1 
ATOM   914  C  CG2 . ILE A 1 129 ? 9.864   3.366   7.878   1.00 38.54 ? 129 ILE A CG2 1 
ATOM   915  C  CD1 . ILE A 1 129 ? 10.420  0.940   9.838   1.00 41.42 ? 129 ILE A CD1 1 
ATOM   916  N  N   . TYR A 1 130 ? 11.359  6.497   7.858   1.00 39.44 ? 130 TYR A N   1 
ATOM   917  C  CA  . TYR A 1 130 ? 10.853  7.808   7.491   1.00 39.04 ? 130 TYR A CA  1 
ATOM   918  C  C   . TYR A 1 130 ? 9.921   7.696   6.304   1.00 39.32 ? 130 TYR A C   1 
ATOM   919  O  O   . TYR A 1 130 ? 10.263  7.068   5.300   1.00 40.79 ? 130 TYR A O   1 
ATOM   920  C  CB  . TYR A 1 130 ? 12.014  8.767   7.159   1.00 38.38 ? 130 TYR A CB  1 
ATOM   921  C  CG  . TYR A 1 130 ? 12.892  9.120   8.372   1.00 37.81 ? 130 TYR A CG  1 
ATOM   922  C  CD1 . TYR A 1 130 ? 12.573  10.197  9.192   1.00 36.33 ? 130 TYR A CD1 1 
ATOM   923  C  CD2 . TYR A 1 130 ? 14.019  8.361   8.702   1.00 36.31 ? 130 TYR A CD2 1 
ATOM   924  C  CE1 . TYR A 1 130 ? 13.376  10.543  10.306  1.00 38.63 ? 130 TYR A CE1 1 
ATOM   925  C  CE2 . TYR A 1 130 ? 14.839  8.693   9.833   1.00 38.25 ? 130 TYR A CE2 1 
ATOM   926  C  CZ  . TYR A 1 130 ? 14.507  9.786   10.629  1.00 38.04 ? 130 TYR A CZ  1 
ATOM   927  O  OH  . TYR A 1 130 ? 15.266  10.127  11.767  1.00 40.74 ? 130 TYR A OH  1 
ATOM   928  N  N   . VAL A 1 131 ? 8.772   8.348   6.380   1.00 38.99 ? 131 VAL A N   1 
ATOM   929  C  CA  . VAL A 1 131 ? 7.851   8.356   5.242   1.00 39.24 ? 131 VAL A CA  1 
ATOM   930  C  C   . VAL A 1 131 ? 7.686   9.771   4.639   1.00 39.70 ? 131 VAL A C   1 
ATOM   931  O  O   . VAL A 1 131 ? 7.563   10.754  5.345   1.00 38.44 ? 131 VAL A O   1 
ATOM   932  C  CB  . VAL A 1 131 ? 6.461   7.673   5.586   1.00 40.15 ? 131 VAL A CB  1 
ATOM   933  C  CG1 . VAL A 1 131 ? 5.500   7.736   4.372   1.00 38.58 ? 131 VAL A CG1 1 
ATOM   934  C  CG2 . VAL A 1 131 ? 6.657   6.226   6.013   1.00 38.05 ? 131 VAL A CG2 1 
ATOM   935  N  N   . THR A 1 132 ? 7.671   9.845   3.314   1.00 40.04 ? 132 THR A N   1 
ATOM   936  C  CA  . THR A 1 132 ? 7.425   11.087  2.625   1.00 40.59 ? 132 THR A CA  1 
ATOM   937  C  C   . THR A 1 132 ? 6.242   10.825  1.710   1.00 41.95 ? 132 THR A C   1 
ATOM   938  O  O   . THR A 1 132 ? 6.270   9.861   0.932   1.00 42.01 ? 132 THR A O   1 
ATOM   939  C  CB  . THR A 1 132 ? 8.712   11.503  1.841   1.00 40.85 ? 132 THR A CB  1 
ATOM   940  O  OG1 . THR A 1 132 ? 9.804   11.569  2.773   1.00 36.46 ? 132 THR A OG1 1 
ATOM   941  C  CG2 . THR A 1 132 ? 8.548   12.846  1.136   1.00 40.09 ? 132 THR A CG2 1 
ATOM   942  N  N   . LEU A 1 133 ? 5.178   11.632  1.831   1.00 43.00 ? 133 LEU A N   1 
ATOM   943  C  CA  . LEU A 1 133 ? 3.989   11.459  0.967   1.00 43.84 ? 133 LEU A CA  1 
ATOM   944  C  C   . LEU A 1 133 ? 4.374   11.713  -0.495  1.00 45.22 ? 133 LEU A C   1 
ATOM   945  O  O   . LEU A 1 133 ? 5.201   12.584  -0.780  1.00 45.17 ? 133 LEU A O   1 
ATOM   946  C  CB  . LEU A 1 133 ? 2.823   12.362  1.397   1.00 42.75 ? 133 LEU A CB  1 
ATOM   947  C  CG  . LEU A 1 133 ? 2.121   12.149  2.736   1.00 43.41 ? 133 LEU A CG  1 
ATOM   948  C  CD1 . LEU A 1 133 ? 0.977   13.146  2.946   1.00 40.34 ? 133 LEU A CD1 1 
ATOM   949  C  CD2 . LEU A 1 133 ? 1.611   10.701  2.883   1.00 38.38 ? 133 LEU A CD2 1 
ATOM   950  N  N   . SER A 1 134 ? 3.803   10.940  -1.416  1.00 46.77 ? 134 SER A N   1 
ATOM   951  C  CA  . SER A 1 134 ? 4.140   11.084  -2.819  1.00 48.93 ? 134 SER A CA  1 
ATOM   952  C  C   . SER A 1 134 ? 3.220   12.073  -3.513  1.00 50.30 ? 134 SER A C   1 
ATOM   953  O  O   . SER A 1 134 ? 2.033   12.139  -3.176  1.00 50.76 ? 134 SER A O   1 
ATOM   954  C  CB  . SER A 1 134 ? 3.967   9.773   -3.529  1.00 48.46 ? 134 SER A CB  1 
ATOM   955  O  OG  . SER A 1 134 ? 2.616   9.652   -3.944  1.00 51.29 ? 134 SER A OG  1 
ATOM   956  N  N   . LYS A 1 135 ? 3.761   12.790  -4.510  1.00 51.51 ? 135 LYS A N   1 
ATOM   957  C  CA  . LYS A 1 135 ? 2.966   13.662  -5.387  1.00 52.31 ? 135 LYS A CA  1 
ATOM   958  C  C   . LYS A 1 135 ? 2.695   12.979  -6.726  1.00 53.22 ? 135 LYS A C   1 
ATOM   959  O  O   . LYS A 1 135 ? 1.756   13.328  -7.437  1.00 53.31 ? 135 LYS A O   1 
ATOM   960  C  CB  . LYS A 1 135 ? 3.700   14.978  -5.645  1.00 52.38 ? 135 LYS A CB  1 
ATOM   961  C  CG  . LYS A 1 135 ? 4.611   15.441  -4.543  1.00 52.11 ? 135 LYS A CG  1 
ATOM   962  C  CD  . LYS A 1 135 ? 5.125   16.866  -4.856  1.00 52.26 ? 135 LYS A CD  1 
ATOM   963  C  CE  . LYS A 1 135 ? 6.425   17.201  -4.123  1.00 51.66 ? 135 LYS A CE  1 
ATOM   964  N  NZ  . LYS A 1 135 ? 6.989   18.546  -4.541  1.00 51.02 ? 135 LYS A NZ  1 
ATOM   965  N  N   . GLU A 1 136 ? 3.535   12.007  -7.063  1.00 54.27 ? 136 GLU A N   1 
ATOM   966  C  CA  . GLU A 1 136 ? 3.437   11.266  -8.319  1.00 55.33 ? 136 GLU A CA  1 
ATOM   967  C  C   . GLU A 1 136 ? 2.676   9.942   -8.091  1.00 55.09 ? 136 GLU A C   1 
ATOM   968  O  O   . GLU A 1 136 ? 2.896   9.278   -7.069  1.00 56.28 ? 136 GLU A O   1 
ATOM   969  C  CB  . GLU A 1 136 ? 4.868   11.013  -8.838  1.00 55.83 ? 136 GLU A CB  1 
ATOM   970  C  CG  . GLU A 1 136 ? 4.988   10.592  -10.298 1.00 57.12 ? 136 GLU A CG  1 
ATOM   971  C  CD  . GLU A 1 136 ? 5.386   11.724  -11.244 1.00 61.09 ? 136 GLU A CD  1 
ATOM   972  O  OE1 . GLU A 1 136 ? 4.663   11.931  -12.260 1.00 61.63 ? 136 GLU A OE1 1 
ATOM   973  O  OE2 . GLU A 1 136 ? 6.432   12.384  -10.996 1.00 61.99 ? 136 GLU A OE2 1 
ATOM   974  N  N   . PRO A 1 137 ? 1.722   9.565   -8.992  1.00 55.06 ? 137 PRO A N   1 
ATOM   975  C  CA  . PRO A 1 137 ? 1.109   10.241  -10.152 1.00 54.23 ? 137 PRO A CA  1 
ATOM   976  C  C   . PRO A 1 137 ? 0.057   11.279  -9.728  1.00 53.34 ? 137 PRO A C   1 
ATOM   977  O  O   . PRO A 1 137 ? -0.392  11.265  -8.571  1.00 53.31 ? 137 PRO A O   1 
ATOM   978  C  CB  . PRO A 1 137 ? 0.420   9.088   -10.893 1.00 53.86 ? 137 PRO A CB  1 
ATOM   979  C  CG  . PRO A 1 137 ? 0.041   8.173   -9.853  1.00 54.97 ? 137 PRO A CG  1 
ATOM   980  C  CD  . PRO A 1 137 ? 1.144   8.212   -8.816  1.00 54.57 ? 137 PRO A CD  1 
ATOM   981  N  N   . PHE A 1 138 ? -0.360  12.136  -10.664 1.00 51.43 ? 138 PHE A N   1 
ATOM   982  C  CA  . PHE A 1 138 ? -1.230  13.258  -10.315 1.00 50.12 ? 138 PHE A CA  1 
ATOM   983  C  C   . PHE A 1 138 ? -2.517  12.837  -9.587  1.00 48.87 ? 138 PHE A C   1 
ATOM   984  O  O   . PHE A 1 138 ? -2.859  13.433  -8.564  1.00 48.71 ? 138 PHE A O   1 
ATOM   985  C  CB  . PHE A 1 138 ? -1.502  14.246  -11.518 1.00 50.26 ? 138 PHE A CB  1 
ATOM   986  C  CG  . PHE A 1 138 ? -2.715  15.113  -11.239 1.00 49.81 ? 138 PHE A CG  1 
ATOM   987  C  CD1 . PHE A 1 138 ? -2.548  16.269  -10.256 1.00 51.49 ? 138 PHE A CD1 1 
ATOM   988  C  CD2 . PHE A 1 138 ? -4.033  14.772  -11.852 1.00 51.50 ? 138 PHE A CD2 1 
ATOM   989  C  CE1 . PHE A 1 138 ? -3.680  17.061  -10.018 1.00 51.29 ? 138 PHE A CE1 1 
ATOM   990  C  CE2 . PHE A 1 138 ? -5.170  15.561  -11.621 1.00 50.91 ? 138 PHE A CE2 1 
ATOM   991  C  CZ  . PHE A 1 138 ? -5.006  16.697  -10.627 1.00 51.61 ? 138 PHE A CZ  1 
ATOM   992  N  N   . LYS A 1 139 ? -3.186  11.794  -10.084 1.00 48.30 ? 139 LYS A N   1 
ATOM   993  C  CA  . LYS A 1 139 ? -4.355  11.190  -9.388  1.00 47.27 ? 139 LYS A CA  1 
ATOM   994  C  C   . LYS A 1 139 ? -4.357  9.644   -9.291  1.00 45.92 ? 139 LYS A C   1 
ATOM   995  O  O   . LYS A 1 139 ? -4.016  8.971   -10.255 1.00 44.08 ? 139 LYS A O   1 
ATOM   996  C  CB  . LYS A 1 139 ? -5.644  11.702  -10.052 1.00 47.34 ? 139 LYS A CB  1 
ATOM   997  C  CG  . LYS A 1 139 ? -6.944  11.165  -9.453  1.00 48.98 ? 139 LYS A CG  1 
ATOM   998  C  CD  . LYS A 1 139 ? -8.161  11.700  -10.253 1.00 49.64 ? 139 LYS A CD  1 
ATOM   999  C  CE  . LYS A 1 139 ? -9.405  10.833  -9.956  1.00 54.05 ? 139 LYS A CE  1 
ATOM   1000 N  NZ  . LYS A 1 139 ? -10.598 11.357  -10.694 1.00 56.44 ? 139 LYS A NZ  1 
ATOM   1001 N  N   . CYS A 1 140 ? -4.708  9.106   -8.103  1.00 45.92 ? 140 CYS A N   1 
ATOM   1002 C  CA  . CYS A 1 140 ? -4.923  7.655   -7.824  1.00 46.22 ? 140 CYS A CA  1 
ATOM   1003 C  C   . CYS A 1 140 ? -6.339  7.373   -7.353  1.00 45.35 ? 140 CYS A C   1 
ATOM   1004 O  O   . CYS A 1 140 ? -6.933  8.217   -6.689  1.00 46.60 ? 140 CYS A O   1 
ATOM   1005 C  CB  . CYS A 1 140 ? -3.976  7.098   -6.758  1.00 45.85 ? 140 CYS A CB  1 
ATOM   1006 S  SG  . CYS A 1 140 ? -2.243  7.256   -7.233  1.00 48.91 ? 140 CYS A SG  1 
ATOM   1007 N  N   . ASP A 1 141 ? -6.888  6.214   -7.708  1.00 44.08 ? 141 ASP A N   1 
ATOM   1008 C  CA  . ASP A 1 141 ? -8.214  5.848   -7.211  1.00 44.62 ? 141 ASP A CA  1 
ATOM   1009 C  C   . ASP A 1 141 ? -8.230  5.829   -5.664  1.00 44.81 ? 141 ASP A C   1 
ATOM   1010 O  O   . ASP A 1 141 ? -9.261  6.157   -5.092  1.00 45.32 ? 141 ASP A O   1 
ATOM   1011 C  CB  . ASP A 1 141 ? -8.661  4.483   -7.725  1.00 44.12 ? 141 ASP A CB  1 
ATOM   1012 C  CG  . ASP A 1 141 ? -9.177  4.541   -9.119  1.00 46.44 ? 141 ASP A CG  1 
ATOM   1013 O  OD1 . ASP A 1 141 ? -9.073  5.613   -9.732  1.00 44.54 ? 141 ASP A OD1 1 
ATOM   1014 O  OD2 . ASP A 1 141 ? -9.694  3.517   -9.615  1.00 46.27 ? 141 ASP A OD2 1 
ATOM   1015 N  N   . SER A 1 142 ? -7.110  5.507   -5.004  1.00 43.14 ? 142 SER A N   1 
ATOM   1016 C  CA  . SER A 1 142 ? -7.101  5.493   -3.514  1.00 44.31 ? 142 SER A CA  1 
ATOM   1017 C  C   . SER A 1 142 ? -7.263  6.838   -2.817  1.00 44.24 ? 142 SER A C   1 
ATOM   1018 O  O   . SER A 1 142 ? -7.580  6.866   -1.604  1.00 44.10 ? 142 SER A O   1 
ATOM   1019 C  CB  . SER A 1 142 ? -5.852  4.815   -2.937  1.00 42.51 ? 142 SER A CB  1 
ATOM   1020 O  OG  . SER A 1 142 ? -4.692  5.574   -3.229  1.00 44.57 ? 142 SER A OG  1 
ATOM   1021 N  N   . ASP A 1 143 ? -7.018  7.932   -3.555  1.00 45.06 ? 143 ASP A N   1 
ATOM   1022 C  CA  . ASP A 1 143 ? -7.136  9.286   -3.009  1.00 45.46 ? 143 ASP A CA  1 
ATOM   1023 C  C   . ASP A 1 143 ? -8.532  9.571   -2.461  1.00 46.54 ? 143 ASP A C   1 
ATOM   1024 O  O   . ASP A 1 143 ? -8.649  10.261  -1.467  1.00 46.75 ? 143 ASP A O   1 
ATOM   1025 C  CB  . ASP A 1 143 ? -6.787  10.372  -4.056  1.00 45.66 ? 143 ASP A CB  1 
ATOM   1026 C  CG  . ASP A 1 143 ? -5.330  10.317  -4.515  1.00 44.83 ? 143 ASP A CG  1 
ATOM   1027 O  OD1 . ASP A 1 143 ? -4.483  9.743   -3.798  1.00 42.43 ? 143 ASP A OD1 1 
ATOM   1028 O  OD2 . ASP A 1 143 ? -5.029  10.868  -5.596  1.00 42.61 ? 143 ASP A OD2 1 
ATOM   1029 N  N   . TYR A 1 144 ? -9.585  9.079   -3.125  1.00 47.69 ? 144 TYR A N   1 
ATOM   1030 C  CA  . TYR A 1 144 ? -10.958 9.266   -2.615  1.00 48.61 ? 144 TYR A CA  1 
ATOM   1031 C  C   . TYR A 1 144 ? -11.114 8.785   -1.159  1.00 48.69 ? 144 TYR A C   1 
ATOM   1032 O  O   . TYR A 1 144 ? -11.799 9.427   -0.366  1.00 47.78 ? 144 TYR A O   1 
ATOM   1033 C  CB  . TYR A 1 144 ? -11.984 8.546   -3.487  1.00 49.29 ? 144 TYR A CB  1 
ATOM   1034 C  CG  . TYR A 1 144 ? -13.431 8.703   -3.001  1.00 50.70 ? 144 TYR A CG  1 
ATOM   1035 C  CD1 . TYR A 1 144 ? -14.156 9.881   -3.249  1.00 52.62 ? 144 TYR A CD1 1 
ATOM   1036 C  CD2 . TYR A 1 144 ? -14.071 7.672   -2.284  1.00 50.86 ? 144 TYR A CD2 1 
ATOM   1037 C  CE1 . TYR A 1 144 ? -15.489 10.025  -2.806  1.00 53.14 ? 144 TYR A CE1 1 
ATOM   1038 C  CE2 . TYR A 1 144 ? -15.393 7.815   -1.835  1.00 50.65 ? 144 TYR A CE2 1 
ATOM   1039 C  CZ  . TYR A 1 144 ? -16.094 8.972   -2.101  1.00 51.92 ? 144 TYR A CZ  1 
ATOM   1040 O  OH  . TYR A 1 144 ? -17.401 9.095   -1.658  1.00 51.39 ? 144 TYR A OH  1 
ATOM   1041 N  N   . TYR A 1 145 ? -10.472 7.663   -0.826  1.00 48.97 ? 145 TYR A N   1 
ATOM   1042 C  CA  . TYR A 1 145 ? -10.592 7.052   0.508   1.00 49.21 ? 145 TYR A CA  1 
ATOM   1043 C  C   . TYR A 1 145 ? -9.568  7.605   1.484   1.00 49.99 ? 145 TYR A C   1 
ATOM   1044 O  O   . TYR A 1 145 ? -9.583  7.253   2.663   1.00 50.05 ? 145 TYR A O   1 
ATOM   1045 C  CB  . TYR A 1 145 ? -10.543 5.519   0.412   1.00 50.10 ? 145 TYR A CB  1 
ATOM   1046 C  CG  . TYR A 1 145 ? -11.782 4.987   -0.259  1.00 49.20 ? 145 TYR A CG  1 
ATOM   1047 C  CD1 . TYR A 1 145 ? -13.015 5.126   0.359   1.00 50.84 ? 145 TYR A CD1 1 
ATOM   1048 C  CD2 . TYR A 1 145 ? -11.738 4.393   -1.510  1.00 45.52 ? 145 TYR A CD2 1 
ATOM   1049 C  CE1 . TYR A 1 145 ? -14.178 4.683   -0.236  1.00 51.72 ? 145 TYR A CE1 1 
ATOM   1050 C  CE2 . TYR A 1 145 ? -12.921 3.937   -2.123  1.00 47.36 ? 145 TYR A CE2 1 
ATOM   1051 C  CZ  . TYR A 1 145 ? -14.125 4.084   -1.467  1.00 50.04 ? 145 TYR A CZ  1 
ATOM   1052 O  OH  . TYR A 1 145 ? -15.338 3.713   -2.017  1.00 53.65 ? 145 TYR A OH  1 
ATOM   1053 N  N   . ALA A 1 146 ? -8.701  8.493   0.987   1.00 49.88 ? 146 ALA A N   1 
ATOM   1054 C  CA  . ALA A 1 146 ? -7.582  9.007   1.756   1.00 50.90 ? 146 ALA A CA  1 
ATOM   1055 C  C   . ALA A 1 146 ? -7.906  10.339  2.397   1.00 52.22 ? 146 ALA A C   1 
ATOM   1056 O  O   . ALA A 1 146 ? -7.193  10.765  3.308   1.00 52.25 ? 146 ALA A O   1 
ATOM   1057 C  CB  . ALA A 1 146 ? -6.347  9.155   0.888   1.00 50.05 ? 146 ALA A CB  1 
ATOM   1058 N  N   . THR A 1 147 ? -8.968  10.993  1.914   1.00 53.87 ? 147 THR A N   1 
ATOM   1059 C  CA  . THR A 1 147 ? -9.275  12.382  2.293   1.00 54.91 ? 147 THR A CA  1 
ATOM   1060 C  C   . THR A 1 147 ? -10.771 12.731  2.433   1.00 55.97 ? 147 THR A C   1 
ATOM   1061 O  O   . THR A 1 147 ? -11.597 12.350  1.597   1.00 55.90 ? 147 THR A O   1 
ATOM   1062 C  CB  . THR A 1 147 ? -8.634  13.387  1.283   1.00 55.15 ? 147 THR A CB  1 
ATOM   1063 O  OG1 . THR A 1 147 ? -8.853  12.935  -0.065  1.00 54.95 ? 147 THR A OG1 1 
ATOM   1064 C  CG2 . THR A 1 147 ? -7.125  13.519  1.526   1.00 55.67 ? 147 THR A CG2 1 
ATOM   1065 N  N   . GLY A 1 148 ? -11.089 13.485  3.494   1.00 57.03 ? 148 GLY A N   1 
ATOM   1066 C  CA  . GLY A 1 148 ? -12.405 14.108  3.694   1.00 58.17 ? 148 GLY A CA  1 
ATOM   1067 C  C   . GLY A 1 148 ? -13.602 13.182  3.857   1.00 59.08 ? 148 GLY A C   1 
ATOM   1068 O  O   . GLY A 1 148 ? -13.504 12.110  4.469   1.00 59.21 ? 148 GLY A O   1 
ATOM   1069 N  N   . GLU A 1 149 ? -14.735 13.614  3.300   1.00 59.79 ? 149 GLU A N   1 
ATOM   1070 C  CA  . GLU A 1 149 ? -16.020 12.895  3.377   1.00 60.24 ? 149 GLU A CA  1 
ATOM   1071 C  C   . GLU A 1 149 ? -16.077 11.632  2.504   1.00 60.72 ? 149 GLU A C   1 
ATOM   1072 O  O   . GLU A 1 149 ? -16.085 11.733  1.265   1.00 61.14 ? 149 GLU A O   1 
ATOM   1073 C  CB  . GLU A 1 149 ? -17.165 13.833  2.969   1.00 60.50 ? 149 GLU A CB  1 
ATOM   1074 C  CG  . GLU A 1 149 ? -17.833 14.620  4.107   1.00 60.05 ? 149 GLU A CG  1 
ATOM   1075 C  CD  . GLU A 1 149 ? -18.969 13.843  4.752   1.00 59.99 ? 149 GLU A CD  1 
ATOM   1076 O  OE1 . GLU A 1 149 ? -19.975 14.470  5.147   1.00 58.25 ? 149 GLU A OE1 1 
ATOM   1077 O  OE2 . GLU A 1 149 ? -18.855 12.597  4.854   1.00 60.64 ? 149 GLU A OE2 1 
ATOM   1078 N  N   . PHE A 1 150 ? -16.119 10.460  3.156   1.00 60.39 ? 150 PHE A N   1 
ATOM   1079 C  CA  . PHE A 1 150 ? -16.351 9.157   2.482   1.00 60.35 ? 150 PHE A CA  1 
ATOM   1080 C  C   . PHE A 1 150 ? -17.142 8.122   3.320   1.00 59.56 ? 150 PHE A C   1 
ATOM   1081 O  O   . PHE A 1 150 ? -17.277 8.248   4.544   1.00 59.84 ? 150 PHE A O   1 
ATOM   1082 C  CB  . PHE A 1 150 ? -15.049 8.535   1.914   1.00 60.16 ? 150 PHE A CB  1 
ATOM   1083 C  CG  . PHE A 1 150 ? -13.969 8.323   2.936   1.00 61.05 ? 150 PHE A CG  1 
ATOM   1084 C  CD1 . PHE A 1 150 ? -13.821 7.091   3.563   1.00 62.70 ? 150 PHE A CD1 1 
ATOM   1085 C  CD2 . PHE A 1 150 ? -13.075 9.350   3.254   1.00 62.07 ? 150 PHE A CD2 1 
ATOM   1086 C  CE1 . PHE A 1 150 ? -12.808 6.887   4.514   1.00 62.87 ? 150 PHE A CE1 1 
ATOM   1087 C  CE2 . PHE A 1 150 ? -12.069 9.175   4.217   1.00 63.06 ? 150 PHE A CE2 1 
ATOM   1088 C  CZ  . PHE A 1 150 ? -11.934 7.936   4.849   1.00 63.13 ? 150 PHE A CZ  1 
ATOM   1089 N  N   . LYS A 1 151 ? -17.703 7.134   2.631   1.00 58.08 ? 151 LYS A N   1 
ATOM   1090 C  CA  . LYS A 1 151 ? -18.270 5.960   3.272   1.00 56.42 ? 151 LYS A CA  1 
ATOM   1091 C  C   . LYS A 1 151 ? -17.499 4.757   2.753   1.00 55.24 ? 151 LYS A C   1 
ATOM   1092 O  O   . LYS A 1 151 ? -17.016 4.784   1.617   1.00 54.83 ? 151 LYS A O   1 
ATOM   1093 C  CB  . LYS A 1 151 ? -19.770 5.855   2.982   1.00 57.09 ? 151 LYS A CB  1 
ATOM   1094 C  CG  . LYS A 1 151 ? -20.618 6.554   4.026   1.00 56.58 ? 151 LYS A CG  1 
ATOM   1095 C  CD  . LYS A 1 151 ? -21.964 5.855   4.191   1.00 59.54 ? 151 LYS A CD  1 
ATOM   1096 C  CE  . LYS A 1 151 ? -22.651 6.229   5.504   1.00 59.45 ? 151 LYS A CE  1 
ATOM   1097 N  NZ  . LYS A 1 151 ? -24.042 5.697   5.580   1.00 61.73 ? 151 LYS A NZ  1 
ATOM   1098 N  N   . VAL A 1 152 ? -17.327 3.731   3.584   1.00 53.60 ? 152 VAL A N   1 
ATOM   1099 C  CA  . VAL A 1 152 ? -16.664 2.505   3.107   1.00 53.08 ? 152 VAL A CA  1 
ATOM   1100 C  C   . VAL A 1 152 ? -17.659 1.336   2.872   1.00 52.22 ? 152 VAL A C   1 
ATOM   1101 O  O   . VAL A 1 152 ? -18.672 1.220   3.550   1.00 51.30 ? 152 VAL A O   1 
ATOM   1102 C  CB  . VAL A 1 152 ? -15.319 2.139   3.889   1.00 52.74 ? 152 VAL A CB  1 
ATOM   1103 C  CG1 . VAL A 1 152 ? -14.390 3.347   3.973   1.00 52.40 ? 152 VAL A CG1 1 
ATOM   1104 C  CG2 . VAL A 1 152 ? -15.571 1.628   5.254   1.00 52.79 ? 152 VAL A CG2 1 
ATOM   1105 N  N   . ILE A 1 153 ? -17.393 0.522   1.850   1.00 52.29 ? 153 ILE A N   1 
ATOM   1106 C  CA  . ILE A 1 153 ? -18.318 -0.546  1.462   1.00 52.31 ? 153 ILE A CA  1 
ATOM   1107 C  C   . ILE A 1 153 ? -17.647 -1.930  1.506   1.00 51.77 ? 153 ILE A C   1 
ATOM   1108 O  O   . ILE A 1 153 ? -16.569 -2.124  0.926   1.00 51.74 ? 153 ILE A O   1 
ATOM   1109 C  CB  . ILE A 1 153 ? -18.844 -0.294  0.064   1.00 52.99 ? 153 ILE A CB  1 
ATOM   1110 C  CG1 . ILE A 1 153 ? -19.778 0.926   0.059   1.00 52.49 ? 153 ILE A CG1 1 
ATOM   1111 C  CG2 . ILE A 1 153 ? -19.536 -1.557  -0.461  1.00 55.15 ? 153 ILE A CG2 1 
ATOM   1112 C  CD1 . ILE A 1 153 ? -20.371 1.277   -1.348  1.00 53.41 ? 153 ILE A CD1 1 
ATOM   1113 N  N   . GLN A 1 154 ? -18.235 -2.872  2.249   1.00 50.54 ? 154 GLN A N   1 
ATOM   1114 C  CA  . GLN A 1 154 ? -17.713 -4.237  2.244   1.00 49.09 ? 154 GLN A CA  1 
ATOM   1115 C  C   . GLN A 1 154 ? -18.764 -5.075  1.538   1.00 48.53 ? 154 GLN A C   1 
ATOM   1116 O  O   . GLN A 1 154 ? -19.931 -5.050  1.970   1.00 47.25 ? 154 GLN A O   1 
ATOM   1117 C  CB  . GLN A 1 154 ? -17.388 -4.740  3.664   1.00 48.43 ? 154 GLN A CB  1 
ATOM   1118 C  CG  . GLN A 1 154 ? -16.749 -6.135  3.700   1.00 49.16 ? 154 GLN A CG  1 
ATOM   1119 C  CD  . GLN A 1 154 ? -16.530 -6.681  5.120   1.00 50.58 ? 154 GLN A CD  1 
ATOM   1120 O  OE1 . GLN A 1 154 ? -16.892 -6.036  6.116   1.00 53.72 ? 154 GLN A OE1 1 
ATOM   1121 N  NE2 . GLN A 1 154 ? -15.941 -7.889  5.213   1.00 50.75 ? 154 GLN A NE2 1 
HETATM 1122 FE FE1 . FES B 2 .   ? -12.767 -4.261  -2.239  1.00 42.47 ? 201 FES A FE1 1 
HETATM 1123 FE FE2 . FES B 2 .   ? -10.320 -3.836  -1.164  1.00 40.93 ? 201 FES A FE2 1 
HETATM 1124 S  S1  . FES B 2 .   ? -12.274 -2.824  -0.719  1.00 41.84 ? 201 FES A S1  1 
HETATM 1125 S  S2  . FES B 2 .   ? -10.849 -5.253  -2.621  1.00 40.28 ? 201 FES A S2  1 
HETATM 1126 C  C1  . EDO C 3 .   ? -2.856  -10.430 8.442   1.00 65.49 ? 202 EDO A C1  1 
HETATM 1127 O  O1  . EDO C 3 .   ? -1.519  -10.833 8.810   1.00 69.52 ? 202 EDO A O1  1 
HETATM 1128 C  C2  . EDO C 3 .   ? -3.543  -9.475  9.439   1.00 63.58 ? 202 EDO A C2  1 
HETATM 1129 O  O2  . EDO C 3 .   ? -2.804  -8.291  9.916   1.00 60.85 ? 202 EDO A O2  1 
HETATM 1130 O  O   . HOH D 4 .   ? -6.349  5.745   2.757   1.00 47.47 ? 203 HOH A O   1 
HETATM 1131 O  O   . HOH D 4 .   ? -7.100  5.382   0.466   1.00 46.44 ? 204 HOH A O   1 
HETATM 1132 O  O   . HOH D 4 .   ? 9.272   -6.366  -1.123  1.00 67.47 ? 205 HOH A O   1 
HETATM 1133 O  O   . HOH D 4 .   ? 13.392  0.381   1.348   1.00 71.60 ? 206 HOH A O   1 
HETATM 1134 O  O   . HOH D 4 .   ? -6.001  -10.700 2.269   1.00 43.34 ? 207 HOH A O   1 
HETATM 1135 O  O   . HOH D 4 .   ? 0.902   -11.769 4.922   1.00 56.74 ? 208 HOH A O   1 
HETATM 1136 O  O   . HOH D 4 .   ? 5.670   -5.350  -5.741  1.00 55.70 ? 209 HOH A O   1 
HETATM 1137 O  O   . HOH D 4 .   ? 9.702   3.301   -0.748  1.00 61.58 ? 210 HOH A O   1 
HETATM 1138 O  O   . HOH D 4 .   ? -4.279  7.440   3.050   1.00 56.00 ? 211 HOH A O   1 
HETATM 1139 O  O   . HOH D 4 .   ? 7.039   2.594   -0.923  1.00 44.07 ? 212 HOH A O   1 
HETATM 1140 O  O   . HOH D 4 .   ? 6.729   0.740   -2.617  1.00 50.88 ? 213 HOH A O   1 
HETATM 1141 O  O   . HOH D 4 .   ? 4.831   -2.354  -13.745 1.00 61.22 ? 214 HOH A O   1 
HETATM 1142 O  O   . HOH D 4 .   ? 3.417   3.873   -8.186  1.00 49.49 ? 215 HOH A O   1 
HETATM 1143 O  O   . HOH D 4 .   ? 5.241   -4.272  -9.284  1.00 68.81 ? 216 HOH A O   1 
HETATM 1144 O  O   . HOH D 4 .   ? -6.959  -7.590  -8.338  1.00 50.67 ? 217 HOH A O   1 
HETATM 1145 O  O   . HOH D 4 .   ? 5.232   13.968  3.369   1.00 80.25 ? 218 HOH A O   1 
HETATM 1146 O  O   . HOH D 4 .   ? 11.047  9.343   3.290   1.00 70.53 ? 219 HOH A O   1 
HETATM 1147 O  O   . HOH D 4 .   ? -12.367 -5.517  8.569   1.00 54.20 ? 220 HOH A O   1 
HETATM 1148 O  O   . HOH D 4 .   ? -6.140  9.323   5.533   1.00 72.70 ? 221 HOH A O   1 
HETATM 1149 O  O   . HOH D 4 .   ? -5.092  3.777   -13.893 1.00 83.02 ? 222 HOH A O   1 
HETATM 1150 O  O   . HOH D 4 .   ? 1.754   -16.162 -9.961  1.00 66.29 ? 223 HOH A O   1 
HETATM 1151 O  O   . HOH D 4 .   ? 1.003   -7.093  -15.049 1.00 70.58 ? 224 HOH A O   1 
HETATM 1152 O  O   . HOH D 4 .   ? -7.908  10.090  7.509   1.00 68.83 ? 225 HOH A O   1 
HETATM 1153 O  O   . HOH D 4 .   ? -2.305  10.408  -13.095 1.00 66.26 ? 226 HOH A O   1 
HETATM 1154 O  O   . HOH D 4 .   ? -11.650 4.927   -5.971  1.00 65.18 ? 227 HOH A O   1 
HETATM 1155 O  O   . HOH D 4 .   ? -19.448 -5.635  -2.941  1.00 56.79 ? 228 HOH A O   1 
HETATM 1156 O  O   . HOH D 4 .   ? -2.334  4.792   11.784  1.00 54.75 ? 229 HOH A O   1 
HETATM 1157 O  O   . HOH D 4 .   ? -12.380 -8.781  6.396   1.00 60.58 ? 230 HOH A O   1 
HETATM 1158 O  O   . HOH D 4 .   ? 3.911   -9.930  19.654  1.00 56.76 ? 231 HOH A O   1 
HETATM 1159 O  O   . HOH D 4 .   ? 4.023   -6.519  20.068  1.00 79.81 ? 232 HOH A O   1 
HETATM 1160 O  O   . HOH D 4 .   ? -13.843 -11.392 2.369   1.00 58.48 ? 233 HOH A O   1 
HETATM 1161 O  O   . HOH D 4 .   ? 15.545  0.741   15.325  1.00 68.53 ? 234 HOH A O   1 
HETATM 1162 O  O   . HOH D 4 .   ? -17.113 -2.847  -8.314  1.00 65.41 ? 235 HOH A O   1 
HETATM 1163 O  O   . HOH D 4 .   ? -10.977 0.142   6.017   1.00 53.22 ? 236 HOH A O   1 
HETATM 1164 O  O   . HOH D 4 .   ? -18.170 -3.278  -2.983  1.00 73.81 ? 237 HOH A O   1 
HETATM 1165 O  O   . HOH D 4 .   ? -6.350  -5.057  -8.094  1.00 56.49 ? 238 HOH A O   1 
HETATM 1166 O  O   . HOH D 4 .   ? -6.471  -12.602 -4.804  1.00 61.58 ? 239 HOH A O   1 
HETATM 1167 O  O   . HOH D 4 .   ? -11.600 -2.746  9.561   1.00 54.87 ? 240 HOH A O   1 
HETATM 1168 O  O   . HOH D 4 .   ? -9.608  9.140   -6.427  1.00 62.95 ? 241 HOH A O   1 
HETATM 1169 O  O   . HOH D 4 .   ? -7.844  6.972   5.033   1.00 67.42 ? 242 HOH A O   1 
HETATM 1170 O  O   . HOH D 4 .   ? 0.221   11.960  -1.466  1.00 64.76 ? 243 HOH A O   1 
HETATM 1171 O  O   . HOH D 4 .   ? 5.261   -7.445  5.318   1.00 69.06 ? 244 HOH A O   1 
HETATM 1172 O  O   . HOH D 4 .   ? -11.389 -5.006  -15.510 1.00 82.89 ? 245 HOH A O   1 
HETATM 1173 O  O   . HOH D 4 .   ? -7.456  -3.411  -11.897 1.00 59.42 ? 246 HOH A O   1 
HETATM 1174 O  O   . HOH D 4 .   ? 5.630   3.626   -7.093  1.00 63.20 ? 247 HOH A O   1 
HETATM 1175 O  O   . HOH D 4 .   ? -20.864 -6.983  3.690   1.00 64.86 ? 248 HOH A O   1 
HETATM 1176 O  O   . HOH D 4 .   ? 1.951   6.084   -6.179  1.00 64.68 ? 249 HOH A O   1 
HETATM 1177 O  O   . HOH D 4 .   ? -5.999  5.279   -10.161 1.00 47.96 ? 250 HOH A O   1 
# 
